data_4R1L
#
_entry.id   4R1L
#
_cell.length_a   127.701
_cell.length_b   211.141
_cell.length_c   71.861
_cell.angle_alpha   90.00
_cell.angle_beta   90.00
_cell.angle_gamma   90.00
#
_symmetry.space_group_name_H-M   'P 21 21 2'
#
loop_
_entity.id
_entity.type
_entity.pdbx_description
1 polymer 'Phenylacetate-coenzyme A ligase'
2 non-polymer 'ZINC ION'
3 non-polymer "ADENOSINE-5'-DIPHOSPHATE"
4 non-polymer 'ADENOSINE MONOPHOSPHATE'
5 non-polymer 'COENZYME A'
6 non-polymer 'POTASSIUM ION'
7 non-polymer 'TRIETHYLENE GLYCOL'
8 non-polymer 'SULFATE ION'
9 non-polymer 1,2-ETHANEDIOL
10 non-polymer DI(HYDROXYETHYL)ETHER
11 water water
#
_entity_poly.entity_id   1
_entity_poly.type   'polypeptide(L)'
_entity_poly.pdbx_seq_one_letter_code
;G(MSE)STQYWEEEIEI(MSE)SREKLQELQLQRLKKTINIAANSPYYKEVFSKNGITGDSIQSLDDIRKIPFTTKSD
(MSE)RANYPFGLVAGD(MSE)KRDGVRIHSSSGTTGNPTVIVHSQHDLDSWANLVARCLY(MSE)VGIRKTDVFQNSSG
YG(MSE)FTGGLGFQYGAERLGCLTVPAAAGNSKRQIKFISDFKTTALHAIPSYAIRLAEVFQEEGIDPRETTLKTLVIG
AEPHTDEQRRKIER(MSE)LNVKAYNSFG(MSE)TE(MSE)NGPGVAFECQEQNG(MSE)HFWEDCYLVEIIDPETGEPV
PEGEIGELVLTTLDRE(MSE)(MSE)PLIRYRTRDLTRILPGKCPCGRTHLRIDRIKGRSDD(MSE)FIIKGVNIFP
(MSE)QVEKILVQFPELGSNYLITLETVNNQDE(MSE)IVEVELSDLSTDNYIELEKIRRDIIRQLKDEILVTPKVKLVK
KGSLPQSEGKAVRVKDLRDNK
;
_entity_poly.pdbx_strand_id   A,B,C,D
#
# COMPACT_ATOMS: atom_id res chain seq x y z
N GLY A 1 1.47 -55.65 -31.72
CA GLY A 1 2.79 -55.83 -31.11
C GLY A 1 2.81 -56.85 -29.99
N SER A 3 5.34 -57.07 -27.61
CA SER A 3 5.80 -56.36 -26.42
C SER A 3 4.80 -55.26 -26.02
N THR A 4 3.72 -55.03 -26.82
CA THR A 4 2.69 -54.01 -26.57
C THR A 4 1.80 -54.45 -25.37
N GLN A 5 1.52 -53.48 -24.46
CA GLN A 5 0.69 -53.69 -23.28
C GLN A 5 -0.59 -52.87 -23.39
N TYR A 6 -1.71 -53.48 -22.98
CA TYR A 6 -3.03 -52.88 -23.05
C TYR A 6 -3.70 -52.79 -21.68
N TRP A 7 -4.47 -51.70 -21.48
CA TRP A 7 -5.27 -51.46 -20.28
C TRP A 7 -6.42 -52.49 -20.24
N GLU A 8 -7.09 -52.68 -21.40
CA GLU A 8 -8.20 -53.63 -21.63
C GLU A 8 -7.98 -54.34 -22.97
N GLU A 9 -7.04 -55.33 -22.99
CA GLU A 9 -6.62 -56.09 -24.16
C GLU A 9 -7.81 -56.68 -24.94
N GLU A 10 -8.79 -57.29 -24.24
CA GLU A 10 -9.95 -57.93 -24.90
C GLU A 10 -10.74 -56.92 -25.75
N ILE A 11 -10.78 -55.64 -25.36
CA ILE A 11 -11.49 -54.59 -26.10
C ILE A 11 -10.56 -53.94 -27.12
N GLU A 12 -9.33 -53.62 -26.71
CA GLU A 12 -8.39 -52.87 -27.52
C GLU A 12 -7.93 -53.63 -28.76
N ILE A 13 -7.86 -55.00 -28.73
CA ILE A 13 -7.45 -55.79 -29.91
C ILE A 13 -8.65 -56.65 -30.40
N SER A 15 -11.64 -58.24 -32.44
CA SER A 15 -11.84 -58.37 -33.89
C SER A 15 -12.92 -57.43 -34.38
N ARG A 16 -12.80 -56.95 -35.63
CA ARG A 16 -13.77 -56.04 -36.23
C ARG A 16 -15.20 -56.64 -36.15
N GLU A 17 -15.32 -57.97 -36.33
CA GLU A 17 -16.60 -58.69 -36.28
CA GLU A 17 -16.58 -58.72 -36.27
C GLU A 17 -17.23 -58.58 -34.88
N LYS A 18 -16.44 -58.83 -33.83
CA LYS A 18 -16.89 -58.76 -32.45
C LYS A 18 -17.16 -57.29 -32.03
N LEU A 19 -16.38 -56.32 -32.61
CA LEU A 19 -16.54 -54.88 -32.39
C LEU A 19 -17.86 -54.39 -32.94
N GLN A 20 -18.26 -54.90 -34.11
CA GLN A 20 -19.53 -54.60 -34.79
C GLN A 20 -20.73 -55.04 -33.99
N GLU A 21 -20.67 -56.24 -33.40
CA GLU A 21 -21.82 -56.73 -32.65
C GLU A 21 -21.87 -56.03 -31.29
N LEU A 22 -20.71 -55.57 -30.75
CA LEU A 22 -20.69 -54.80 -29.51
C LEU A 22 -21.29 -53.41 -29.79
N GLN A 23 -20.88 -52.76 -30.91
CA GLN A 23 -21.41 -51.45 -31.29
C GLN A 23 -22.91 -51.50 -31.53
N LEU A 24 -23.40 -52.56 -32.23
CA LEU A 24 -24.82 -52.73 -32.53
C LEU A 24 -25.63 -52.91 -31.26
N GLN A 25 -25.14 -53.75 -30.32
CA GLN A 25 -25.80 -53.99 -29.05
C GLN A 25 -25.93 -52.64 -28.28
N ARG A 26 -24.85 -51.87 -28.19
CA ARG A 26 -24.81 -50.60 -27.47
C ARG A 26 -25.56 -49.49 -28.22
N LEU A 27 -25.64 -49.55 -29.56
CA LEU A 27 -26.37 -48.56 -30.36
C LEU A 27 -27.88 -48.70 -30.09
N LYS A 28 -28.39 -49.95 -30.08
CA LYS A 28 -29.78 -50.23 -29.77
C LYS A 28 -30.14 -49.77 -28.35
N LYS A 29 -29.27 -50.05 -27.36
CA LYS A 29 -29.44 -49.67 -25.96
C LYS A 29 -29.50 -48.13 -25.82
N THR A 30 -28.59 -47.41 -26.52
CA THR A 30 -28.50 -45.95 -26.52
C THR A 30 -29.81 -45.35 -27.06
N ILE A 31 -30.33 -45.88 -28.16
CA ILE A 31 -31.55 -45.38 -28.79
C ILE A 31 -32.75 -45.62 -27.87
N ASN A 32 -32.82 -46.78 -27.20
CA ASN A 32 -33.89 -47.09 -26.27
C ASN A 32 -33.83 -46.12 -25.06
N ILE A 33 -32.61 -45.79 -24.57
CA ILE A 33 -32.42 -44.84 -23.46
C ILE A 33 -32.79 -43.42 -23.93
N ALA A 34 -32.21 -42.93 -25.05
CA ALA A 34 -32.42 -41.57 -25.60
C ALA A 34 -33.91 -41.27 -25.89
N ALA A 35 -34.70 -42.31 -26.19
CA ALA A 35 -36.13 -42.21 -26.46
C ALA A 35 -36.91 -41.65 -25.24
N ASN A 36 -36.31 -41.70 -24.02
CA ASN A 36 -36.91 -41.19 -22.78
C ASN A 36 -36.72 -39.68 -22.64
N SER A 37 -35.79 -39.10 -23.40
CA SER A 37 -35.54 -37.66 -23.34
C SER A 37 -36.61 -36.93 -24.14
N PRO A 38 -37.04 -35.73 -23.71
CA PRO A 38 -38.04 -34.98 -24.51
C PRO A 38 -37.60 -34.76 -25.96
N TYR A 39 -36.31 -34.43 -26.18
CA TYR A 39 -35.76 -34.16 -27.50
C TYR A 39 -35.76 -35.40 -28.41
N TYR A 40 -35.21 -36.54 -27.98
CA TYR A 40 -35.19 -37.68 -28.92
C TYR A 40 -36.58 -38.33 -29.03
N LYS A 41 -37.43 -38.19 -28.00
CA LYS A 41 -38.80 -38.74 -28.08
C LYS A 41 -39.53 -38.11 -29.30
N GLU A 42 -39.37 -36.78 -29.48
CA GLU A 42 -39.93 -35.97 -30.54
CA GLU A 42 -39.97 -35.99 -30.56
C GLU A 42 -39.30 -36.32 -31.91
N VAL A 43 -37.95 -36.36 -31.97
CA VAL A 43 -37.18 -36.67 -33.19
C VAL A 43 -37.59 -38.05 -33.71
N PHE A 44 -37.63 -39.05 -32.80
CA PHE A 44 -37.98 -40.44 -33.14
C PHE A 44 -39.43 -40.53 -33.58
N SER A 45 -40.30 -39.74 -32.94
CA SER A 45 -41.73 -39.70 -33.26
C SER A 45 -41.96 -39.17 -34.68
N LYS A 46 -41.29 -38.06 -35.04
CA LYS A 46 -41.45 -37.44 -36.37
C LYS A 46 -40.80 -38.25 -37.49
N ASN A 47 -39.78 -39.06 -37.17
CA ASN A 47 -39.03 -39.80 -38.19
C ASN A 47 -39.30 -41.31 -38.16
N GLY A 48 -40.32 -41.72 -37.40
CA GLY A 48 -40.74 -43.10 -37.29
C GLY A 48 -39.64 -44.04 -36.82
N ILE A 49 -38.85 -43.57 -35.82
CA ILE A 49 -37.75 -44.35 -35.23
C ILE A 49 -38.33 -45.10 -34.04
N THR A 50 -38.36 -46.45 -34.15
CA THR A 50 -38.88 -47.36 -33.12
C THR A 50 -37.74 -48.28 -32.62
N GLY A 51 -38.11 -49.27 -31.80
CA GLY A 51 -37.18 -50.25 -31.26
C GLY A 51 -36.71 -51.25 -32.29
N ASP A 52 -37.38 -51.29 -33.46
CA ASP A 52 -37.10 -52.20 -34.57
C ASP A 52 -36.43 -51.48 -35.78
N SER A 53 -36.18 -50.16 -35.70
CA SER A 53 -35.57 -49.38 -36.79
C SER A 53 -34.08 -49.72 -36.96
N ILE A 54 -33.39 -50.03 -35.85
CA ILE A 54 -31.96 -50.35 -35.87
C ILE A 54 -31.78 -51.87 -35.77
N GLN A 55 -31.40 -52.48 -36.91
CA GLN A 55 -31.11 -53.91 -37.05
C GLN A 55 -29.66 -54.10 -37.48
N SER A 56 -29.05 -53.04 -38.05
CA SER A 56 -27.64 -53.00 -38.44
C SER A 56 -27.06 -51.61 -38.10
N LEU A 57 -25.70 -51.49 -38.10
CA LEU A 57 -25.03 -50.22 -37.81
C LEU A 57 -25.35 -49.16 -38.88
N ASP A 58 -25.60 -49.58 -40.14
CA ASP A 58 -25.94 -48.68 -41.24
C ASP A 58 -27.33 -48.04 -41.05
N ASP A 59 -28.24 -48.71 -40.30
CA ASP A 59 -29.59 -48.21 -39.98
C ASP A 59 -29.56 -46.92 -39.14
N ILE A 60 -28.39 -46.53 -38.58
CA ILE A 60 -28.24 -45.28 -37.81
C ILE A 60 -28.56 -44.08 -38.72
N ARG A 61 -28.29 -44.21 -40.05
CA ARG A 61 -28.47 -43.17 -41.06
C ARG A 61 -29.97 -42.86 -41.28
N LYS A 62 -30.88 -43.64 -40.65
CA LYS A 62 -32.32 -43.39 -40.65
C LYS A 62 -32.63 -42.21 -39.72
N ILE A 63 -31.81 -42.02 -38.68
CA ILE A 63 -31.95 -41.00 -37.65
C ILE A 63 -31.30 -39.67 -38.11
N PRO A 64 -31.99 -38.52 -37.99
CA PRO A 64 -31.36 -37.25 -38.39
C PRO A 64 -30.23 -36.85 -37.45
N PHE A 65 -29.36 -35.94 -37.88
CA PHE A 65 -28.24 -35.46 -37.09
C PHE A 65 -28.71 -34.61 -35.92
N THR A 66 -27.89 -34.58 -34.85
CA THR A 66 -28.09 -33.68 -33.71
C THR A 66 -27.08 -32.57 -33.90
N THR A 67 -27.56 -31.33 -34.01
CA THR A 67 -26.68 -30.18 -34.17
C THR A 67 -26.57 -29.45 -32.85
N LYS A 68 -25.60 -28.53 -32.77
CA LYS A 68 -25.40 -27.69 -31.61
C LYS A 68 -26.62 -26.76 -31.44
N SER A 69 -27.17 -26.26 -32.57
CA SER A 69 -28.37 -25.41 -32.59
C SER A 69 -29.55 -26.12 -31.89
N ASP A 70 -29.73 -27.43 -32.16
CA ASP A 70 -30.77 -28.27 -31.56
C ASP A 70 -30.59 -28.33 -30.06
N ARG A 72 -28.84 -26.11 -28.13
CA ARG A 72 -29.09 -24.79 -27.53
CA ARG A 72 -29.11 -24.77 -27.56
C ARG A 72 -30.59 -24.53 -27.42
N ALA A 73 -31.38 -25.03 -28.40
CA ALA A 73 -32.83 -24.88 -28.42
C ALA A 73 -33.49 -25.74 -27.35
N ASN A 74 -32.78 -26.75 -26.81
CA ASN A 74 -33.33 -27.64 -25.79
C ASN A 74 -32.60 -27.48 -24.46
N TYR A 75 -31.92 -26.32 -24.29
CA TYR A 75 -31.19 -25.96 -23.08
C TYR A 75 -32.15 -25.70 -21.91
N PRO A 76 -31.81 -26.20 -20.69
CA PRO A 76 -30.60 -26.98 -20.35
C PRO A 76 -30.79 -28.50 -20.40
N PHE A 77 -32.01 -29.05 -20.16
CA PHE A 77 -32.11 -30.48 -19.97
C PHE A 77 -33.04 -31.23 -20.94
N GLY A 78 -33.31 -30.66 -22.12
CA GLY A 78 -34.15 -31.32 -23.13
C GLY A 78 -33.65 -32.66 -23.65
N LEU A 79 -32.34 -32.91 -23.58
CA LEU A 79 -31.75 -34.18 -24.07
C LEU A 79 -31.38 -35.12 -22.91
N VAL A 80 -31.80 -34.80 -21.66
CA VAL A 80 -31.54 -35.66 -20.51
C VAL A 80 -32.55 -36.82 -20.58
N ALA A 81 -32.02 -38.06 -20.70
CA ALA A 81 -32.81 -39.28 -20.83
C ALA A 81 -33.03 -40.00 -19.48
N GLY A 82 -32.03 -39.96 -18.59
CA GLY A 82 -32.13 -40.65 -17.29
C GLY A 82 -32.84 -39.86 -16.20
N ASP A 83 -32.81 -40.39 -14.98
CA ASP A 83 -33.41 -39.77 -13.80
C ASP A 83 -32.33 -38.91 -13.13
N LYS A 85 -32.54 -36.32 -10.99
CA LYS A 85 -32.69 -36.06 -9.56
C LYS A 85 -32.08 -37.18 -8.72
N ARG A 86 -32.29 -38.43 -9.11
CA ARG A 86 -31.80 -39.62 -8.40
CA ARG A 86 -31.80 -39.62 -8.40
C ARG A 86 -30.40 -40.03 -8.86
N ASP A 87 -30.13 -40.05 -10.17
CA ASP A 87 -28.86 -40.58 -10.65
C ASP A 87 -27.87 -39.56 -11.24
N GLY A 88 -28.29 -38.31 -11.47
CA GLY A 88 -27.42 -37.29 -12.05
C GLY A 88 -26.44 -36.80 -11.02
N VAL A 89 -25.11 -36.86 -11.33
CA VAL A 89 -24.09 -36.48 -10.33
C VAL A 89 -23.18 -35.30 -10.85
N ARG A 90 -23.25 -34.96 -12.16
CA ARG A 90 -22.43 -33.85 -12.67
C ARG A 90 -23.00 -33.18 -13.90
N ILE A 91 -22.75 -31.87 -14.00
CA ILE A 91 -23.07 -31.02 -15.13
C ILE A 91 -21.79 -30.39 -15.65
N HIS A 92 -21.50 -30.55 -16.97
CA HIS A 92 -20.43 -29.83 -17.65
C HIS A 92 -21.10 -28.90 -18.61
N SER A 93 -20.91 -27.60 -18.36
CA SER A 93 -21.46 -26.51 -19.12
C SER A 93 -20.39 -25.80 -19.95
N SER A 94 -20.73 -25.36 -21.19
CA SER A 94 -19.83 -24.58 -22.03
C SER A 94 -19.89 -23.12 -21.53
N SER A 95 -19.05 -22.21 -22.06
CA SER A 95 -18.98 -20.81 -21.61
C SER A 95 -20.18 -19.93 -22.02
N GLY A 96 -20.29 -18.78 -21.36
CA GLY A 96 -21.25 -17.75 -21.71
C GLY A 96 -22.51 -17.54 -20.92
N THR A 97 -23.05 -16.31 -21.06
CA THR A 97 -24.29 -15.81 -20.45
C THR A 97 -25.11 -15.05 -21.50
N THR A 98 -24.50 -14.79 -22.69
CA THR A 98 -25.08 -14.03 -23.81
C THR A 98 -25.97 -14.94 -24.70
N GLY A 99 -25.87 -16.25 -24.51
CA GLY A 99 -26.64 -17.26 -25.21
C GLY A 99 -26.78 -18.52 -24.39
N ASN A 100 -27.54 -19.52 -24.90
CA ASN A 100 -27.72 -20.79 -24.17
C ASN A 100 -26.49 -21.67 -24.30
N PRO A 101 -25.76 -21.94 -23.21
CA PRO A 101 -24.60 -22.82 -23.31
C PRO A 101 -25.03 -24.27 -23.57
N THR A 102 -24.03 -25.15 -23.65
CA THR A 102 -24.13 -26.59 -23.85
C THR A 102 -23.96 -27.23 -22.49
N VAL A 103 -24.86 -28.14 -22.15
CA VAL A 103 -24.83 -28.82 -20.85
C VAL A 103 -24.79 -30.33 -21.11
N ILE A 104 -23.85 -31.02 -20.49
CA ILE A 104 -23.73 -32.47 -20.55
C ILE A 104 -23.95 -32.95 -19.14
N VAL A 105 -24.94 -33.79 -18.95
CA VAL A 105 -25.28 -34.29 -17.63
C VAL A 105 -24.83 -35.74 -17.57
N HIS A 106 -24.09 -36.08 -16.51
CA HIS A 106 -23.55 -37.41 -16.23
C HIS A 106 -24.11 -38.01 -14.97
N SER A 107 -24.26 -39.34 -14.99
CA SER A 107 -24.53 -40.23 -13.87
C SER A 107 -23.19 -40.80 -13.40
N GLN A 108 -23.15 -41.56 -12.29
CA GLN A 108 -21.90 -42.19 -11.80
C GLN A 108 -21.36 -43.19 -12.85
N HIS A 109 -22.25 -43.95 -13.51
CA HIS A 109 -21.86 -44.85 -14.59
C HIS A 109 -21.04 -44.10 -15.66
N ASP A 110 -21.56 -42.94 -16.11
CA ASP A 110 -20.98 -42.08 -17.15
C ASP A 110 -19.62 -41.54 -16.73
N LEU A 111 -19.45 -41.18 -15.44
CA LEU A 111 -18.16 -40.70 -14.96
C LEU A 111 -17.11 -41.83 -14.92
N ASP A 112 -17.53 -43.04 -14.50
CA ASP A 112 -16.67 -44.23 -14.41
C ASP A 112 -16.24 -44.70 -15.81
N SER A 113 -17.13 -44.55 -16.81
CA SER A 113 -16.85 -44.91 -18.20
C SER A 113 -15.83 -43.95 -18.76
N TRP A 114 -16.01 -42.69 -18.43
CA TRP A 114 -15.14 -41.62 -18.89
C TRP A 114 -13.77 -41.72 -18.23
N ALA A 115 -13.73 -42.03 -16.92
CA ALA A 115 -12.47 -42.19 -16.19
C ALA A 115 -11.70 -43.36 -16.74
N ASN A 116 -12.39 -44.46 -17.07
CA ASN A 116 -11.78 -45.69 -17.62
C ASN A 116 -11.16 -45.42 -18.99
N LEU A 117 -11.84 -44.62 -19.84
CA LEU A 117 -11.31 -44.27 -21.17
C LEU A 117 -10.05 -43.44 -21.05
N VAL A 118 -10.00 -42.50 -20.05
CA VAL A 118 -8.82 -41.64 -19.88
C VAL A 118 -7.67 -42.52 -19.36
N ALA A 119 -7.93 -43.44 -18.41
CA ALA A 119 -6.92 -44.37 -17.89
C ALA A 119 -6.39 -45.25 -19.04
N ARG A 120 -7.29 -45.76 -19.95
CA ARG A 120 -6.96 -46.56 -21.12
C ARG A 120 -5.98 -45.83 -22.04
N CYS A 121 -6.25 -44.53 -22.29
CA CYS A 121 -5.44 -43.62 -23.09
C CYS A 121 -4.05 -43.45 -22.51
N LEU A 122 -3.97 -43.12 -21.21
CA LEU A 122 -2.72 -42.85 -20.52
C LEU A 122 -1.86 -44.11 -20.49
N TYR A 123 -2.46 -45.26 -20.21
CA TYR A 123 -1.77 -46.54 -20.16
C TYR A 123 -1.21 -46.90 -21.56
N VAL A 125 -0.06 -44.96 -23.88
CA VAL A 125 1.14 -44.22 -24.26
C VAL A 125 2.30 -44.49 -23.24
N GLY A 126 2.15 -45.49 -22.38
CA GLY A 126 3.16 -45.94 -21.44
C GLY A 126 3.15 -45.40 -20.02
N ILE A 127 2.11 -44.63 -19.65
CA ILE A 127 2.00 -44.07 -18.32
C ILE A 127 1.54 -45.21 -17.39
N ARG A 128 2.15 -45.29 -16.17
CA ARG A 128 1.82 -46.31 -15.17
C ARG A 128 1.48 -45.65 -13.84
N LYS A 129 1.04 -46.45 -12.85
CA LYS A 129 0.69 -45.93 -11.51
C LYS A 129 1.95 -45.31 -10.84
N THR A 130 3.17 -45.75 -11.24
CA THR A 130 4.45 -45.29 -10.72
C THR A 130 4.78 -43.87 -11.19
N ASP A 131 4.02 -43.35 -12.16
CA ASP A 131 4.26 -42.03 -12.71
C ASP A 131 3.64 -40.93 -11.84
N VAL A 132 4.22 -39.72 -11.93
CA VAL A 132 3.75 -38.50 -11.29
C VAL A 132 3.11 -37.67 -12.41
N PHE A 133 1.77 -37.62 -12.43
CA PHE A 133 1.01 -36.97 -13.50
C PHE A 133 0.55 -35.56 -13.10
N GLN A 134 1.02 -34.54 -13.84
CA GLN A 134 0.64 -33.14 -13.60
C GLN A 134 -0.36 -32.68 -14.67
N ASN A 135 -1.53 -32.19 -14.22
CA ASN A 135 -2.58 -31.71 -15.12
C ASN A 135 -2.62 -30.16 -15.10
N SER A 136 -2.09 -29.50 -16.20
CA SER A 136 -2.04 -28.04 -16.36
C SER A 136 -3.34 -27.52 -17.04
N SER A 137 -4.32 -28.39 -17.24
CA SER A 137 -5.61 -27.96 -17.77
C SER A 137 -6.42 -27.26 -16.67
N GLY A 138 -7.26 -26.33 -17.08
CA GLY A 138 -8.16 -25.65 -16.17
C GLY A 138 -9.15 -26.65 -15.57
N TYR A 139 -9.56 -26.42 -14.34
CA TYR A 139 -10.51 -27.30 -13.67
C TYR A 139 -11.91 -26.64 -13.75
N GLY A 140 -12.76 -26.85 -12.77
CA GLY A 140 -14.12 -26.30 -12.79
C GLY A 140 -14.97 -26.97 -13.86
N PHE A 142 -14.39 -26.99 -17.14
CA PHE A 142 -13.53 -27.54 -18.19
C PHE A 142 -13.33 -29.02 -17.98
N THR A 143 -13.65 -29.82 -19.00
CA THR A 143 -13.59 -31.28 -18.89
C THR A 143 -12.14 -31.81 -18.81
N GLY A 144 -11.14 -31.09 -19.32
CA GLY A 144 -9.73 -31.48 -19.22
C GLY A 144 -9.23 -31.58 -17.78
N GLY A 145 -9.83 -30.78 -16.89
CA GLY A 145 -9.55 -30.73 -15.46
C GLY A 145 -9.91 -32.01 -14.74
N LEU A 146 -11.20 -32.17 -14.45
CA LEU A 146 -11.75 -33.34 -13.76
C LEU A 146 -11.62 -34.64 -14.59
N GLY A 147 -11.62 -34.54 -15.92
CA GLY A 147 -11.46 -35.66 -16.84
C GLY A 147 -10.16 -36.43 -16.65
N PHE A 148 -9.02 -35.70 -16.75
CA PHE A 148 -7.70 -36.27 -16.54
C PHE A 148 -7.46 -36.56 -15.08
N GLN A 149 -7.97 -35.71 -14.15
CA GLN A 149 -7.88 -35.96 -12.71
C GLN A 149 -8.40 -37.39 -12.36
N TYR A 150 -9.65 -37.72 -12.74
CA TYR A 150 -10.30 -39.01 -12.48
C TYR A 150 -9.62 -40.12 -13.24
N GLY A 151 -9.23 -39.84 -14.49
CA GLY A 151 -8.55 -40.78 -15.37
C GLY A 151 -7.21 -41.23 -14.79
N ALA A 152 -6.39 -40.27 -14.38
CA ALA A 152 -5.04 -40.52 -13.82
C ALA A 152 -5.13 -41.19 -12.46
N GLU A 153 -6.12 -40.81 -11.62
CA GLU A 153 -6.30 -41.48 -10.31
C GLU A 153 -6.75 -42.94 -10.53
N ARG A 154 -7.62 -43.18 -11.53
CA ARG A 154 -8.08 -44.52 -11.91
C ARG A 154 -6.89 -45.40 -12.28
N LEU A 155 -5.95 -44.85 -13.05
CA LEU A 155 -4.72 -45.55 -13.44
C LEU A 155 -3.80 -45.73 -12.17
N GLY A 156 -3.83 -44.79 -11.24
CA GLY A 156 -3.09 -44.90 -10.00
C GLY A 156 -1.90 -43.97 -9.87
N CYS A 157 -1.73 -43.05 -10.84
CA CYS A 157 -0.67 -42.05 -10.86
C CYS A 157 -0.72 -41.18 -9.62
N LEU A 158 0.45 -40.67 -9.18
CA LEU A 158 0.50 -39.63 -8.16
C LEU A 158 0.13 -38.35 -8.89
N THR A 159 -1.11 -37.86 -8.74
CA THR A 159 -1.56 -36.73 -9.55
C THR A 159 -1.26 -35.41 -8.88
N VAL A 160 -0.99 -34.41 -9.73
CA VAL A 160 -0.66 -33.05 -9.34
C VAL A 160 -1.71 -32.16 -10.00
N PRO A 161 -2.83 -31.82 -9.29
CA PRO A 161 -3.87 -30.99 -9.92
C PRO A 161 -3.46 -29.50 -9.96
N ALA A 162 -2.41 -29.19 -10.75
CA ALA A 162 -1.82 -27.86 -10.87
C ALA A 162 -2.79 -26.83 -11.42
N ALA A 163 -3.66 -27.26 -12.35
CA ALA A 163 -4.64 -26.43 -13.07
C ALA A 163 -3.87 -25.43 -13.99
N ALA A 164 -4.58 -24.48 -14.62
CA ALA A 164 -3.97 -23.59 -15.60
C ALA A 164 -3.05 -22.52 -15.00
N GLY A 165 -2.11 -22.10 -15.83
CA GLY A 165 -1.17 -21.01 -15.59
C GLY A 165 -0.18 -21.15 -14.47
N ASN A 166 0.42 -19.98 -14.13
CA ASN A 166 1.46 -19.77 -13.13
C ASN A 166 2.63 -20.72 -13.45
N SER A 167 3.32 -20.45 -14.58
CA SER A 167 4.42 -21.27 -15.10
C SER A 167 5.54 -21.49 -14.10
N LYS A 168 5.87 -20.48 -13.26
CA LYS A 168 6.91 -20.64 -12.23
C LYS A 168 6.50 -21.72 -11.21
N ARG A 169 5.20 -21.80 -10.88
CA ARG A 169 4.66 -22.79 -9.93
C ARG A 169 4.59 -24.18 -10.61
N GLN A 170 4.32 -24.23 -11.93
CA GLN A 170 4.31 -25.45 -12.75
C GLN A 170 5.68 -26.12 -12.75
N ILE A 171 6.74 -25.30 -12.94
CA ILE A 171 8.16 -25.71 -12.95
C ILE A 171 8.56 -26.15 -11.52
N LYS A 172 8.08 -25.44 -10.49
CA LYS A 172 8.35 -25.79 -9.08
C LYS A 172 7.78 -27.18 -8.75
N PHE A 173 6.51 -27.46 -9.17
CA PHE A 173 5.85 -28.76 -8.97
C PHE A 173 6.61 -29.88 -9.70
N ILE A 174 7.07 -29.63 -10.94
CA ILE A 174 7.82 -30.60 -11.75
C ILE A 174 9.15 -30.93 -11.03
N SER A 175 9.85 -29.91 -10.53
CA SER A 175 11.15 -30.07 -9.87
C SER A 175 11.02 -30.74 -8.49
N ASP A 176 10.09 -30.27 -7.64
CA ASP A 176 9.90 -30.76 -6.28
C ASP A 176 9.13 -32.10 -6.19
N PHE A 177 8.14 -32.36 -7.09
CA PHE A 177 7.34 -33.59 -6.99
C PHE A 177 7.84 -34.68 -7.93
N LYS A 178 8.84 -34.34 -8.77
CA LYS A 178 9.49 -35.21 -9.76
C LYS A 178 8.45 -35.75 -10.75
N THR A 179 7.69 -34.81 -11.37
CA THR A 179 6.66 -35.06 -12.39
C THR A 179 7.27 -35.78 -13.58
N THR A 180 6.59 -36.82 -14.10
CA THR A 180 7.09 -37.62 -15.22
C THR A 180 6.12 -37.54 -16.41
N ALA A 181 4.82 -37.28 -16.15
CA ALA A 181 3.80 -37.14 -17.18
C ALA A 181 3.08 -35.79 -17.04
N LEU A 182 2.94 -35.05 -18.15
CA LEU A 182 2.34 -33.72 -18.09
C LEU A 182 1.28 -33.55 -19.15
N HIS A 183 0.12 -33.04 -18.74
CA HIS A 183 -0.97 -32.68 -19.64
C HIS A 183 -0.96 -31.18 -19.82
N ALA A 184 -0.78 -30.73 -21.06
CA ALA A 184 -0.74 -29.31 -21.42
C ALA A 184 -1.18 -29.10 -22.86
N ILE A 185 -1.69 -27.90 -23.21
CA ILE A 185 -1.98 -27.56 -24.62
C ILE A 185 -0.59 -27.37 -25.30
N PRO A 186 -0.45 -27.70 -26.60
CA PRO A 186 0.89 -27.60 -27.23
C PRO A 186 1.64 -26.27 -27.00
N SER A 187 0.99 -25.10 -27.15
CA SER A 187 1.64 -23.80 -26.95
C SER A 187 2.07 -23.58 -25.47
N TYR A 188 1.33 -24.15 -24.51
CA TYR A 188 1.72 -24.00 -23.11
C TYR A 188 2.94 -24.87 -22.78
N ALA A 189 3.06 -26.04 -23.45
CA ALA A 189 4.21 -26.96 -23.32
C ALA A 189 5.52 -26.25 -23.79
N ILE A 190 5.43 -25.37 -24.81
CA ILE A 190 6.58 -24.58 -25.29
C ILE A 190 6.92 -23.49 -24.25
N ARG A 191 5.88 -22.81 -23.72
CA ARG A 191 5.99 -21.75 -22.70
C ARG A 191 6.75 -22.25 -21.47
N LEU A 192 6.41 -23.47 -20.98
CA LEU A 192 7.05 -24.10 -19.82
C LEU A 192 8.53 -24.42 -20.12
N ALA A 193 8.90 -24.76 -21.40
CA ALA A 193 10.29 -25.02 -21.78
C ALA A 193 11.11 -23.72 -21.70
N GLU A 194 10.50 -22.62 -22.14
CA GLU A 194 11.06 -21.27 -22.12
C GLU A 194 11.25 -20.78 -20.67
N VAL A 195 10.21 -20.96 -19.80
CA VAL A 195 10.24 -20.55 -18.39
C VAL A 195 11.30 -21.39 -17.64
N PHE A 196 11.52 -22.67 -18.02
CA PHE A 196 12.55 -23.51 -17.41
C PHE A 196 13.96 -22.93 -17.62
N GLN A 197 14.29 -22.46 -18.86
CA GLN A 197 15.61 -21.89 -19.14
CA GLN A 197 15.60 -21.87 -19.14
C GLN A 197 15.70 -20.49 -18.50
N GLU A 198 14.57 -19.71 -18.44
CA GLU A 198 14.54 -18.39 -17.78
C GLU A 198 14.93 -18.49 -16.30
N GLU A 199 14.58 -19.62 -15.67
CA GLU A 199 14.83 -19.90 -14.26
C GLU A 199 16.15 -20.68 -14.08
N GLY A 200 16.90 -20.87 -15.17
CA GLY A 200 18.19 -21.54 -15.16
C GLY A 200 18.19 -23.06 -15.11
N ILE A 201 17.08 -23.69 -15.56
CA ILE A 201 16.96 -25.16 -15.61
C ILE A 201 17.04 -25.59 -17.08
N ASP A 202 17.79 -26.67 -17.36
CA ASP A 202 17.83 -27.22 -18.73
C ASP A 202 16.49 -27.93 -18.93
N PRO A 203 15.61 -27.49 -19.87
CA PRO A 203 14.29 -28.13 -20.00
C PRO A 203 14.38 -29.59 -20.48
N ARG A 204 15.56 -30.03 -20.94
CA ARG A 204 15.82 -31.38 -21.40
C ARG A 204 16.36 -32.28 -20.28
N GLU A 205 16.68 -31.71 -19.09
CA GLU A 205 17.26 -32.49 -18.00
C GLU A 205 16.33 -32.56 -16.76
N THR A 206 15.01 -32.58 -16.97
CA THR A 206 14.05 -32.69 -15.88
C THR A 206 13.63 -34.16 -15.74
N THR A 207 12.71 -34.44 -14.80
CA THR A 207 12.15 -35.78 -14.57
C THR A 207 11.04 -36.12 -15.60
N LEU A 208 10.63 -35.14 -16.44
CA LEU A 208 9.59 -35.36 -17.47
C LEU A 208 9.99 -36.43 -18.48
N LYS A 209 9.04 -37.31 -18.81
CA LYS A 209 9.26 -38.37 -19.80
CA LYS A 209 9.25 -38.37 -19.79
C LYS A 209 8.13 -38.39 -20.84
N THR A 210 6.86 -38.12 -20.41
CA THR A 210 5.71 -38.15 -21.32
C THR A 210 4.86 -36.88 -21.26
N LEU A 211 4.43 -36.39 -22.43
CA LEU A 211 3.54 -35.25 -22.55
C LEU A 211 2.30 -35.65 -23.32
N VAL A 212 1.17 -35.20 -22.82
CA VAL A 212 -0.15 -35.39 -23.40
C VAL A 212 -0.61 -34.02 -23.83
N ILE A 213 -0.76 -33.82 -25.16
CA ILE A 213 -1.11 -32.49 -25.69
C ILE A 213 -2.38 -32.59 -26.53
N GLY A 214 -3.26 -31.62 -26.31
CA GLY A 214 -4.52 -31.53 -27.05
C GLY A 214 -5.20 -30.18 -26.95
N ALA A 215 -6.53 -30.16 -27.18
CA ALA A 215 -7.48 -29.04 -27.08
C ALA A 215 -7.48 -28.19 -28.33
N GLU A 216 -6.41 -28.22 -29.12
CA GLU A 216 -6.30 -27.35 -30.26
C GLU A 216 -5.46 -27.96 -31.37
N PRO A 217 -5.70 -27.51 -32.62
CA PRO A 217 -4.89 -28.00 -33.74
C PRO A 217 -3.42 -27.62 -33.60
N HIS A 218 -2.55 -28.59 -33.89
CA HIS A 218 -1.10 -28.47 -33.88
C HIS A 218 -0.54 -29.43 -34.88
N THR A 219 0.56 -29.04 -35.54
CA THR A 219 1.18 -29.86 -36.57
C THR A 219 2.11 -30.86 -35.92
N ASP A 220 2.53 -31.88 -36.69
CA ASP A 220 3.47 -32.92 -36.24
C ASP A 220 4.82 -32.30 -35.96
N GLU A 221 5.14 -31.21 -36.67
CA GLU A 221 6.38 -30.49 -36.51
C GLU A 221 6.37 -29.69 -35.18
N GLN A 222 5.21 -29.08 -34.81
CA GLN A 222 5.05 -28.36 -33.52
C GLN A 222 5.20 -29.32 -32.35
N ARG A 223 4.77 -30.58 -32.53
CA ARG A 223 4.90 -31.64 -31.53
C ARG A 223 6.37 -32.06 -31.42
N ARG A 224 7.07 -32.18 -32.56
CA ARG A 224 8.47 -32.60 -32.57
C ARG A 224 9.34 -31.54 -31.91
N LYS A 225 9.01 -30.25 -32.12
CA LYS A 225 9.69 -29.12 -31.48
C LYS A 225 9.56 -29.25 -29.95
N ILE A 226 8.36 -29.63 -29.46
CA ILE A 226 8.06 -29.85 -28.04
C ILE A 226 8.91 -31.01 -27.50
N GLU A 227 8.95 -32.16 -28.21
CA GLU A 227 9.76 -33.32 -27.83
C GLU A 227 11.24 -32.98 -27.72
N ARG A 228 11.77 -32.18 -28.66
CA ARG A 228 13.18 -31.79 -28.66
C ARG A 228 13.49 -30.82 -27.52
N LEU A 230 11.96 -30.38 -24.55
CA LEU A 230 11.79 -30.95 -23.21
C LEU A 230 12.36 -32.37 -23.08
N ASN A 231 12.88 -32.96 -24.19
CA ASN A 231 13.45 -34.32 -24.25
C ASN A 231 12.39 -35.32 -23.70
N VAL A 232 11.23 -35.33 -24.36
CA VAL A 232 10.08 -36.14 -24.00
C VAL A 232 9.44 -36.74 -25.21
N LYS A 233 8.48 -37.62 -24.97
CA LYS A 233 7.61 -38.20 -25.99
CA LYS A 233 7.64 -38.16 -26.03
C LYS A 233 6.26 -37.56 -25.80
N ALA A 234 5.76 -36.83 -26.82
CA ALA A 234 4.48 -36.11 -26.74
C ALA A 234 3.42 -36.80 -27.58
N TYR A 235 2.20 -36.92 -27.04
CA TYR A 235 1.11 -37.65 -27.70
C TYR A 235 -0.14 -36.80 -27.86
N ASN A 236 -0.75 -36.90 -29.06
CA ASN A 236 -1.96 -36.15 -29.42
C ASN A 236 -3.16 -36.77 -28.71
N SER A 237 -3.91 -35.91 -28.03
CA SER A 237 -5.10 -36.19 -27.21
C SER A 237 -6.34 -35.46 -27.75
N PHE A 238 -7.32 -36.22 -28.20
CA PHE A 238 -8.54 -35.62 -28.74
C PHE A 238 -9.72 -35.78 -27.79
N GLY A 239 -10.56 -34.78 -27.77
CA GLY A 239 -11.77 -34.82 -26.99
C GLY A 239 -12.66 -33.62 -27.21
N THR A 241 -16.34 -31.85 -24.93
CA THR A 241 -17.26 -31.90 -23.81
C THR A 241 -18.44 -32.82 -24.12
N GLU A 242 -19.02 -32.69 -25.34
CA GLU A 242 -20.19 -33.47 -25.76
C GLU A 242 -19.95 -34.97 -25.67
N ASN A 244 -17.81 -36.38 -23.51
CA ASN A 244 -17.32 -36.46 -22.10
C ASN A 244 -16.31 -35.40 -21.83
N GLY A 245 -15.26 -35.42 -22.64
CA GLY A 245 -14.13 -34.52 -22.62
C GLY A 245 -12.92 -35.29 -23.11
N PRO A 246 -11.83 -35.38 -22.34
CA PRO A 246 -10.68 -36.18 -22.81
C PRO A 246 -11.00 -37.68 -22.84
N GLY A 247 -10.16 -38.46 -23.52
CA GLY A 247 -10.29 -39.91 -23.64
C GLY A 247 -11.05 -40.45 -24.85
N VAL A 248 -11.43 -39.57 -25.79
CA VAL A 248 -12.25 -39.91 -26.96
C VAL A 248 -11.36 -40.59 -28.06
N ALA A 249 -10.25 -39.94 -28.47
CA ALA A 249 -9.28 -40.45 -29.45
C ALA A 249 -7.88 -40.03 -29.02
N PHE A 250 -6.93 -40.94 -29.17
CA PHE A 250 -5.58 -40.74 -28.67
C PHE A 250 -4.57 -41.49 -29.49
N GLU A 251 -3.37 -40.90 -29.67
CA GLU A 251 -2.29 -41.59 -30.37
C GLU A 251 -1.77 -42.76 -29.58
N CYS A 252 -1.23 -43.77 -30.26
CA CYS A 252 -0.57 -44.89 -29.58
C CYS A 252 0.93 -44.58 -29.57
N GLN A 253 1.80 -45.52 -29.19
CA GLN A 253 3.22 -45.20 -29.15
C GLN A 253 3.80 -45.13 -30.58
N GLU A 254 3.01 -45.49 -31.63
CA GLU A 254 3.41 -45.37 -33.03
C GLU A 254 3.40 -43.92 -33.48
N GLN A 255 2.64 -43.05 -32.76
CA GLN A 255 2.49 -41.62 -33.04
C GLN A 255 2.10 -41.41 -34.50
N ASN A 256 1.08 -42.16 -34.95
CA ASN A 256 0.58 -42.12 -36.31
C ASN A 256 -0.92 -42.42 -36.33
N GLY A 257 -1.69 -41.36 -36.12
CA GLY A 257 -3.13 -41.42 -36.07
C GLY A 257 -3.62 -41.60 -34.66
N HIS A 259 -6.20 -43.35 -32.22
CA HIS A 259 -7.15 -44.45 -32.01
C HIS A 259 -8.44 -43.93 -31.37
N PHE A 260 -9.57 -44.14 -32.05
CA PHE A 260 -10.90 -43.77 -31.55
C PHE A 260 -11.49 -44.97 -30.83
N TRP A 261 -11.99 -44.82 -29.59
CA TRP A 261 -12.50 -45.99 -28.85
C TRP A 261 -13.91 -46.29 -29.31
N GLU A 262 -14.00 -47.21 -30.25
CA GLU A 262 -15.24 -47.60 -30.93
C GLU A 262 -16.17 -48.42 -30.05
N ASP A 263 -15.75 -48.83 -28.85
CA ASP A 263 -16.65 -49.51 -27.92
C ASP A 263 -17.57 -48.46 -27.24
N CYS A 264 -17.12 -47.17 -27.22
CA CYS A 264 -17.85 -46.11 -26.55
C CYS A 264 -18.32 -45.04 -27.53
N TYR A 265 -17.89 -45.12 -28.82
CA TYR A 265 -18.26 -44.14 -29.84
C TYR A 265 -18.45 -44.78 -31.19
N LEU A 266 -19.54 -44.37 -31.92
CA LEU A 266 -19.78 -44.78 -33.30
C LEU A 266 -19.35 -43.61 -34.15
N VAL A 267 -18.31 -43.80 -34.98
CA VAL A 267 -17.72 -42.75 -35.80
C VAL A 267 -18.25 -42.78 -37.22
N GLU A 268 -18.69 -41.62 -37.70
CA GLU A 268 -19.10 -41.37 -39.09
C GLU A 268 -18.32 -40.17 -39.63
N ILE A 269 -17.90 -40.24 -40.89
CA ILE A 269 -17.24 -39.16 -41.59
C ILE A 269 -18.22 -38.79 -42.69
N ILE A 270 -18.76 -37.58 -42.62
CA ILE A 270 -19.84 -37.13 -43.49
C ILE A 270 -19.41 -35.90 -44.32
N ASP A 271 -19.97 -35.75 -45.53
CA ASP A 271 -19.71 -34.60 -46.38
C ASP A 271 -20.43 -33.40 -45.72
N PRO A 272 -19.76 -32.27 -45.43
CA PRO A 272 -20.44 -31.16 -44.73
C PRO A 272 -21.62 -30.57 -45.52
N GLU A 273 -21.62 -30.72 -46.86
CA GLU A 273 -22.69 -30.19 -47.69
C GLU A 273 -23.84 -31.19 -47.77
N THR A 274 -23.59 -32.39 -48.37
CA THR A 274 -24.62 -33.42 -48.63
C THR A 274 -25.15 -34.14 -47.37
N GLY A 275 -24.31 -34.32 -46.36
CA GLY A 275 -24.69 -35.08 -45.16
C GLY A 275 -24.59 -36.59 -45.38
N GLU A 276 -23.93 -37.01 -46.49
CA GLU A 276 -23.72 -38.40 -46.88
C GLU A 276 -22.33 -38.89 -46.51
N PRO A 277 -22.12 -40.23 -46.27
CA PRO A 277 -20.77 -40.71 -45.91
C PRO A 277 -19.74 -40.37 -46.98
N VAL A 278 -18.53 -39.98 -46.58
CA VAL A 278 -17.48 -39.62 -47.54
C VAL A 278 -16.87 -40.91 -48.14
N PRO A 279 -16.23 -40.88 -49.35
CA PRO A 279 -15.52 -42.08 -49.80
C PRO A 279 -14.42 -42.44 -48.79
N GLU A 280 -14.28 -43.73 -48.49
CA GLU A 280 -13.37 -44.29 -47.47
C GLU A 280 -11.97 -43.63 -47.52
N GLY A 281 -11.63 -42.92 -46.44
CA GLY A 281 -10.33 -42.26 -46.29
C GLY A 281 -10.22 -40.78 -46.67
N GLU A 282 -11.34 -40.18 -47.15
CA GLU A 282 -11.37 -38.77 -47.52
CA GLU A 282 -11.37 -38.76 -47.52
C GLU A 282 -11.76 -37.90 -46.32
N ILE A 283 -11.41 -36.60 -46.39
CA ILE A 283 -11.70 -35.63 -45.33
C ILE A 283 -13.20 -35.31 -45.35
N GLY A 284 -13.77 -35.23 -44.16
CA GLY A 284 -15.15 -34.88 -43.97
C GLY A 284 -15.42 -34.49 -42.56
N GLU A 285 -16.70 -34.25 -42.26
CA GLU A 285 -17.12 -33.86 -40.93
C GLU A 285 -17.31 -35.11 -40.05
N LEU A 286 -16.82 -35.01 -38.85
CA LEU A 286 -16.87 -36.04 -37.83
C LEU A 286 -18.23 -35.97 -37.15
N VAL A 287 -18.98 -37.03 -37.28
CA VAL A 287 -20.31 -37.18 -36.71
C VAL A 287 -20.24 -38.34 -35.75
N LEU A 288 -20.60 -38.10 -34.48
CA LEU A 288 -20.40 -39.07 -33.40
C LEU A 288 -21.65 -39.40 -32.60
N THR A 289 -21.70 -40.65 -32.12
CA THR A 289 -22.76 -41.22 -31.31
C THR A 289 -22.12 -41.84 -30.09
N THR A 290 -22.62 -41.53 -28.90
CA THR A 290 -22.14 -42.13 -27.64
C THR A 290 -22.72 -43.55 -27.57
N LEU A 291 -21.93 -44.50 -27.08
CA LEU A 291 -22.40 -45.86 -26.98
C LEU A 291 -22.38 -46.36 -25.53
N ASP A 292 -21.75 -45.63 -24.57
CA ASP A 292 -21.70 -46.07 -23.17
C ASP A 292 -22.22 -44.97 -22.19
N ARG A 293 -22.86 -43.92 -22.73
CA ARG A 293 -23.46 -42.86 -21.92
C ARG A 293 -24.94 -43.16 -21.67
N GLU A 294 -25.39 -42.99 -20.41
CA GLU A 294 -26.74 -43.32 -20.00
C GLU A 294 -27.60 -42.10 -19.61
N PRO A 297 -27.30 -39.53 -23.53
CA PRO A 297 -26.59 -39.95 -24.74
C PRO A 297 -26.82 -38.96 -25.91
N LEU A 298 -25.87 -38.89 -26.84
CA LEU A 298 -25.91 -38.05 -28.03
C LEU A 298 -25.84 -38.94 -29.25
N ILE A 299 -26.78 -38.76 -30.18
CA ILE A 299 -26.90 -39.58 -31.39
C ILE A 299 -26.61 -38.72 -32.62
N ARG A 300 -25.64 -39.19 -33.43
CA ARG A 300 -25.20 -38.58 -34.69
C ARG A 300 -24.98 -37.07 -34.52
N TYR A 301 -24.17 -36.70 -33.51
CA TYR A 301 -23.86 -35.33 -33.22
C TYR A 301 -22.84 -34.79 -34.22
N ARG A 302 -23.23 -33.70 -34.92
CA ARG A 302 -22.37 -32.98 -35.88
C ARG A 302 -21.36 -32.11 -35.12
N THR A 303 -20.16 -32.65 -34.90
CA THR A 303 -19.05 -32.04 -34.16
C THR A 303 -18.49 -30.76 -34.86
N ARG A 304 -18.56 -30.66 -36.20
CA ARG A 304 -18.04 -29.55 -37.06
C ARG A 304 -16.52 -29.69 -37.25
N ASP A 305 -15.92 -30.74 -36.67
CA ASP A 305 -14.50 -31.08 -36.79
C ASP A 305 -14.24 -31.84 -38.10
N LEU A 306 -13.17 -31.44 -38.80
CA LEU A 306 -12.81 -32.04 -40.08
C LEU A 306 -11.61 -32.94 -39.91
N THR A 307 -11.74 -34.19 -40.39
CA THR A 307 -10.67 -35.19 -40.34
C THR A 307 -11.02 -36.29 -41.33
N ARG A 308 -10.22 -37.35 -41.31
CA ARG A 308 -10.34 -38.52 -42.15
C ARG A 308 -9.88 -39.75 -41.36
N ILE A 309 -10.33 -40.92 -41.81
CA ILE A 309 -9.97 -42.19 -41.20
C ILE A 309 -8.71 -42.68 -41.91
N LEU A 310 -7.64 -42.86 -41.13
CA LEU A 310 -6.34 -43.34 -41.63
C LEU A 310 -6.45 -44.83 -41.94
N PRO A 311 -6.04 -45.26 -43.15
CA PRO A 311 -6.25 -46.68 -43.50
C PRO A 311 -5.09 -47.58 -43.10
N GLY A 312 -5.37 -48.88 -43.10
CA GLY A 312 -4.40 -49.91 -42.79
C GLY A 312 -4.36 -50.24 -41.31
N LYS A 313 -3.87 -51.44 -40.99
CA LYS A 313 -3.72 -51.93 -39.63
C LYS A 313 -2.63 -51.13 -38.90
N CYS A 314 -2.74 -51.01 -37.57
CA CYS A 314 -1.68 -50.32 -36.84
C CYS A 314 -0.71 -51.35 -36.24
N PRO A 315 0.63 -51.12 -36.30
CA PRO A 315 1.58 -52.06 -35.70
C PRO A 315 1.41 -52.26 -34.17
N CYS A 316 0.61 -51.39 -33.45
CA CYS A 316 0.41 -51.57 -32.00
C CYS A 316 -0.54 -52.76 -31.75
N GLY A 317 -1.22 -53.22 -32.81
CA GLY A 317 -2.14 -54.35 -32.75
C GLY A 317 -3.57 -53.97 -32.40
N ARG A 318 -3.82 -52.69 -32.08
CA ARG A 318 -5.17 -52.25 -31.76
C ARG A 318 -6.00 -52.18 -33.05
N THR A 319 -7.24 -52.66 -32.96
CA THR A 319 -8.19 -52.79 -34.06
C THR A 319 -9.11 -51.58 -34.19
N HIS A 320 -9.09 -50.67 -33.19
CA HIS A 320 -9.90 -49.46 -33.20
C HIS A 320 -9.36 -48.49 -34.24
N LEU A 321 -10.25 -47.94 -35.10
CA LEU A 321 -9.90 -47.01 -36.19
C LEU A 321 -9.05 -45.80 -35.67
N ARG A 322 -8.22 -45.25 -36.55
CA ARG A 322 -7.38 -44.09 -36.33
C ARG A 322 -7.83 -42.94 -37.18
N ILE A 323 -7.92 -41.75 -36.58
CA ILE A 323 -8.27 -40.54 -37.30
C ILE A 323 -7.01 -39.69 -37.46
N ASP A 324 -6.97 -38.90 -38.52
CA ASP A 324 -5.88 -37.97 -38.74
C ASP A 324 -6.09 -36.74 -37.82
N ARG A 325 -5.12 -35.82 -37.77
CA ARG A 325 -5.20 -34.58 -36.99
C ARG A 325 -6.42 -33.75 -37.35
N ILE A 326 -7.02 -33.04 -36.40
CA ILE A 326 -8.10 -32.11 -36.74
C ILE A 326 -7.44 -30.82 -37.20
N LYS A 327 -7.55 -30.45 -38.46
CA LYS A 327 -6.88 -29.22 -38.88
C LYS A 327 -7.82 -28.00 -38.75
N GLY A 328 -9.12 -28.19 -38.93
CA GLY A 328 -10.06 -27.08 -38.83
C GLY A 328 -11.50 -27.51 -38.69
N ARG A 329 -12.42 -26.54 -38.82
CA ARG A 329 -13.84 -26.81 -38.65
C ARG A 329 -14.68 -26.27 -39.80
N SER A 330 -15.89 -26.85 -39.93
CA SER A 330 -16.88 -26.49 -40.94
C SER A 330 -17.77 -25.35 -40.44
N ASP A 331 -17.64 -24.93 -39.16
CA ASP A 331 -18.38 -23.82 -38.55
C ASP A 331 -17.43 -22.59 -38.35
N ASP A 332 -17.88 -21.52 -37.63
CA ASP A 332 -17.08 -20.31 -37.48
C ASP A 332 -16.33 -20.25 -36.11
N PHE A 334 -13.51 -20.69 -33.22
CA PHE A 334 -12.07 -20.58 -33.15
C PHE A 334 -11.62 -21.01 -31.75
N ILE A 335 -10.38 -21.51 -31.67
CA ILE A 335 -9.78 -21.99 -30.43
C ILE A 335 -8.50 -21.19 -30.19
N ILE A 336 -8.37 -20.64 -28.99
CA ILE A 336 -7.20 -19.85 -28.57
C ILE A 336 -7.02 -20.21 -27.12
N LYS A 337 -5.76 -20.59 -26.75
CA LYS A 337 -5.33 -21.08 -25.41
C LYS A 337 -6.17 -22.34 -25.03
N GLY A 338 -6.51 -23.13 -26.06
CA GLY A 338 -7.28 -24.37 -25.95
C GLY A 338 -8.74 -24.22 -25.58
N VAL A 339 -9.23 -22.95 -25.54
CA VAL A 339 -10.60 -22.60 -25.17
C VAL A 339 -11.38 -22.24 -26.44
N ASN A 340 -12.57 -22.86 -26.59
CA ASN A 340 -13.50 -22.69 -27.71
C ASN A 340 -14.30 -21.40 -27.60
N ILE A 341 -14.26 -20.58 -28.67
CA ILE A 341 -14.97 -19.31 -28.68
C ILE A 341 -15.69 -19.14 -30.03
N PHE A 342 -16.93 -18.64 -29.96
CA PHE A 342 -17.72 -18.26 -31.12
C PHE A 342 -17.68 -16.73 -31.29
N PRO A 343 -17.46 -16.22 -32.50
CA PRO A 343 -17.43 -14.74 -32.68
C PRO A 343 -18.68 -14.00 -32.14
N GLN A 345 -20.24 -14.53 -29.37
CA GLN A 345 -20.04 -14.31 -27.93
C GLN A 345 -19.40 -12.94 -27.70
N VAL A 346 -18.45 -12.56 -28.59
CA VAL A 346 -17.72 -11.28 -28.56
C VAL A 346 -18.65 -10.14 -28.97
N GLU A 347 -19.38 -10.31 -30.07
CA GLU A 347 -20.31 -9.31 -30.60
C GLU A 347 -21.43 -8.98 -29.58
N LYS A 348 -22.04 -10.01 -28.94
CA LYS A 348 -23.12 -9.84 -27.97
C LYS A 348 -22.66 -9.05 -26.70
N ILE A 349 -21.35 -9.05 -26.40
CA ILE A 349 -20.79 -8.26 -25.30
C ILE A 349 -20.62 -6.80 -25.78
N LEU A 350 -19.94 -6.60 -26.94
CA LEU A 350 -19.62 -5.30 -27.53
C LEU A 350 -20.87 -4.43 -27.78
N VAL A 351 -21.98 -5.01 -28.29
CA VAL A 351 -23.21 -4.27 -28.64
C VAL A 351 -23.84 -3.59 -27.39
N GLN A 352 -23.52 -4.08 -26.17
CA GLN A 352 -24.03 -3.54 -24.90
C GLN A 352 -23.43 -2.15 -24.58
N PHE A 353 -22.27 -1.80 -25.18
CA PHE A 353 -21.56 -0.53 -24.96
C PHE A 353 -21.92 0.52 -26.05
N PRO A 354 -22.71 1.57 -25.70
CA PRO A 354 -23.12 2.56 -26.72
C PRO A 354 -21.99 3.51 -27.17
N GLU A 355 -20.81 3.47 -26.52
CA GLU A 355 -19.65 4.30 -26.86
C GLU A 355 -18.86 3.71 -28.04
N LEU A 356 -19.21 2.47 -28.42
CA LEU A 356 -18.57 1.73 -29.50
C LEU A 356 -19.39 1.76 -30.78
N GLY A 357 -18.69 1.57 -31.90
CA GLY A 357 -19.30 1.46 -33.22
C GLY A 357 -19.68 0.01 -33.48
N SER A 358 -20.25 -0.27 -34.64
CA SER A 358 -20.65 -1.64 -34.96
C SER A 358 -19.45 -2.47 -35.47
N ASN A 359 -18.51 -1.82 -36.20
CA ASN A 359 -17.34 -2.47 -36.82
C ASN A 359 -16.33 -2.93 -35.79
N TYR A 360 -16.01 -4.23 -35.80
CA TYR A 360 -15.00 -4.85 -34.93
C TYR A 360 -14.24 -5.93 -35.70
N LEU A 361 -13.01 -6.26 -35.25
CA LEU A 361 -12.19 -7.31 -35.86
C LEU A 361 -11.43 -8.07 -34.77
N ILE A 362 -11.52 -9.42 -34.83
CA ILE A 362 -10.83 -10.35 -33.94
C ILE A 362 -9.62 -10.86 -34.70
N THR A 363 -8.40 -10.62 -34.17
CA THR A 363 -7.16 -11.07 -34.76
C THR A 363 -6.50 -12.07 -33.80
N LEU A 364 -6.09 -13.23 -34.34
CA LEU A 364 -5.42 -14.27 -33.57
C LEU A 364 -3.97 -14.37 -34.05
N GLU A 365 -3.02 -14.09 -33.15
CA GLU A 365 -1.59 -14.08 -33.51
C GLU A 365 -0.75 -14.92 -32.54
N THR A 366 0.47 -15.28 -32.98
CA THR A 366 1.46 -15.98 -32.19
C THR A 366 2.60 -14.99 -31.87
N VAL A 367 2.82 -14.72 -30.57
CA VAL A 367 3.85 -13.81 -30.06
C VAL A 367 4.71 -14.60 -29.05
N ASN A 368 5.99 -14.86 -29.41
CA ASN A 368 6.98 -15.62 -28.62
C ASN A 368 6.42 -17.02 -28.28
N ASN A 369 5.97 -17.74 -29.34
CA ASN A 369 5.39 -19.10 -29.33
C ASN A 369 4.05 -19.18 -28.52
N GLN A 370 3.52 -18.01 -28.05
CA GLN A 370 2.26 -17.92 -27.30
C GLN A 370 1.19 -17.27 -28.14
N ASP A 371 -0.05 -17.76 -28.01
CA ASP A 371 -1.18 -17.23 -28.76
C ASP A 371 -1.81 -16.04 -28.03
N GLU A 372 -2.21 -15.03 -28.82
CA GLU A 372 -2.85 -13.79 -28.38
C GLU A 372 -4.07 -13.49 -29.24
N ILE A 374 -6.68 -10.42 -30.19
CA ILE A 374 -6.83 -8.97 -30.25
C ILE A 374 -8.23 -8.67 -30.75
N VAL A 375 -8.94 -7.82 -30.00
CA VAL A 375 -10.29 -7.39 -30.33
C VAL A 375 -10.21 -5.88 -30.58
N GLU A 376 -10.20 -5.50 -31.87
CA GLU A 376 -10.25 -4.11 -32.32
C GLU A 376 -11.70 -3.72 -32.54
N VAL A 377 -12.13 -2.59 -31.99
CA VAL A 377 -13.52 -2.16 -32.16
C VAL A 377 -13.48 -0.61 -32.33
N GLU A 378 -14.20 -0.12 -33.35
CA GLU A 378 -14.22 1.30 -33.70
C GLU A 378 -15.06 2.14 -32.72
N LEU A 379 -14.57 3.36 -32.48
CA LEU A 379 -15.24 4.30 -31.60
C LEU A 379 -16.45 4.90 -32.27
N SER A 380 -17.50 5.16 -31.48
CA SER A 380 -18.70 5.83 -31.94
C SER A 380 -18.47 7.33 -31.83
N ASP A 381 -18.92 8.14 -32.79
CA ASP A 381 -18.72 9.57 -32.66
C ASP A 381 -19.82 10.15 -31.75
N LEU A 382 -20.79 9.29 -31.34
CA LEU A 382 -21.92 9.64 -30.47
C LEU A 382 -21.48 9.85 -29.02
N SER A 383 -20.35 9.23 -28.58
CA SER A 383 -19.81 9.35 -27.23
C SER A 383 -19.25 10.76 -26.95
N THR A 384 -19.51 11.28 -25.72
CA THR A 384 -18.99 12.58 -25.26
C THR A 384 -17.86 12.29 -24.22
N ASP A 385 -17.44 11.00 -24.11
CA ASP A 385 -16.44 10.49 -23.17
C ASP A 385 -15.00 10.94 -23.52
N ASN A 386 -14.26 11.43 -22.49
CA ASN A 386 -12.85 11.85 -22.57
C ASN A 386 -11.95 10.60 -22.49
N TYR A 387 -10.60 10.78 -22.59
CA TYR A 387 -9.60 9.69 -22.55
C TYR A 387 -9.79 8.77 -21.32
N ILE A 388 -9.72 9.32 -20.09
CA ILE A 388 -9.82 8.59 -18.81
C ILE A 388 -11.10 7.71 -18.78
N GLU A 389 -12.27 8.28 -19.21
CA GLU A 389 -13.57 7.60 -19.25
C GLU A 389 -13.56 6.46 -20.26
N LEU A 390 -13.01 6.68 -21.46
CA LEU A 390 -12.92 5.68 -22.56
C LEU A 390 -12.08 4.48 -22.17
N GLU A 391 -10.93 4.76 -21.54
CA GLU A 391 -9.97 3.78 -21.07
C GLU A 391 -10.63 2.94 -19.96
N LYS A 392 -11.47 3.58 -19.13
CA LYS A 392 -12.23 2.89 -18.09
C LYS A 392 -13.27 1.93 -18.73
N ILE A 393 -13.87 2.35 -19.87
CA ILE A 393 -14.82 1.56 -20.66
C ILE A 393 -14.07 0.39 -21.31
N ARG A 394 -12.85 0.65 -21.83
CA ARG A 394 -12.01 -0.38 -22.46
C ARG A 394 -11.65 -1.48 -21.43
N ARG A 395 -11.39 -1.11 -20.17
CA ARG A 395 -11.09 -2.07 -19.10
C ARG A 395 -12.35 -2.90 -18.76
N ASP A 396 -13.55 -2.26 -18.79
CA ASP A 396 -14.84 -2.90 -18.55
C ASP A 396 -15.17 -3.90 -19.70
N ILE A 397 -14.74 -3.59 -20.95
CA ILE A 397 -14.90 -4.44 -22.13
C ILE A 397 -14.05 -5.72 -21.93
N ILE A 398 -12.74 -5.56 -21.58
CA ILE A 398 -11.81 -6.66 -21.33
C ILE A 398 -12.43 -7.61 -20.27
N ARG A 399 -12.89 -7.03 -19.12
CA ARG A 399 -13.47 -7.77 -17.99
CA ARG A 399 -13.50 -7.70 -17.97
C ARG A 399 -14.70 -8.58 -18.42
N GLN A 400 -15.70 -7.94 -19.09
CA GLN A 400 -16.92 -8.60 -19.55
C GLN A 400 -16.62 -9.65 -20.64
N LEU A 401 -15.63 -9.41 -21.53
CA LEU A 401 -15.21 -10.42 -22.51
C LEU A 401 -14.57 -11.62 -21.81
N LYS A 402 -13.65 -11.38 -20.82
CA LYS A 402 -12.94 -12.39 -20.02
C LYS A 402 -13.94 -13.33 -19.32
N ASP A 403 -15.01 -12.77 -18.71
CA ASP A 403 -16.05 -13.53 -18.02
C ASP A 403 -16.81 -14.41 -18.98
N GLU A 404 -17.12 -13.86 -20.15
CA GLU A 404 -17.89 -14.51 -21.20
C GLU A 404 -17.13 -15.65 -21.88
N ILE A 405 -16.00 -15.33 -22.51
CA ILE A 405 -15.30 -16.29 -23.38
C ILE A 405 -14.22 -17.08 -22.62
N LEU A 406 -13.99 -16.76 -21.34
CA LEU A 406 -13.11 -17.46 -20.38
C LEU A 406 -11.61 -17.39 -20.80
N VAL A 407 -11.24 -16.38 -21.62
CA VAL A 407 -9.87 -16.03 -21.99
C VAL A 407 -9.79 -14.51 -21.93
N THR A 408 -8.63 -13.98 -21.51
CA THR A 408 -8.41 -12.54 -21.41
C THR A 408 -7.91 -12.02 -22.77
N PRO A 409 -8.73 -11.25 -23.51
CA PRO A 409 -8.25 -10.71 -24.79
C PRO A 409 -7.61 -9.34 -24.64
N LYS A 410 -6.86 -8.93 -25.67
CA LYS A 410 -6.32 -7.58 -25.77
C LYS A 410 -7.38 -6.75 -26.52
N VAL A 411 -7.86 -5.65 -25.92
CA VAL A 411 -8.90 -4.83 -26.56
C VAL A 411 -8.29 -3.48 -26.95
N LYS A 412 -8.51 -3.07 -28.20
CA LYS A 412 -8.00 -1.81 -28.71
C LYS A 412 -9.15 -1.02 -29.32
N LEU A 413 -9.35 0.21 -28.82
CA LEU A 413 -10.37 1.12 -29.34
C LEU A 413 -9.75 1.83 -30.52
N VAL A 414 -10.27 1.60 -31.73
CA VAL A 414 -9.69 2.17 -32.94
C VAL A 414 -10.61 3.30 -33.52
N LYS A 415 -10.04 4.10 -34.45
CA LYS A 415 -10.72 5.21 -35.13
C LYS A 415 -11.90 4.69 -36.00
N LYS A 416 -13.00 5.46 -36.04
CA LYS A 416 -14.16 5.13 -36.87
C LYS A 416 -13.73 5.13 -38.34
N GLY A 417 -13.97 4.02 -39.02
CA GLY A 417 -13.59 3.83 -40.43
C GLY A 417 -12.22 3.24 -40.66
N SER A 418 -11.39 3.09 -39.61
CA SER A 418 -10.03 2.54 -39.69
C SER A 418 -10.03 1.04 -40.07
N LEU A 419 -11.00 0.26 -39.57
CA LEU A 419 -11.03 -1.17 -39.88
C LEU A 419 -11.67 -1.40 -41.27
N PRO A 420 -11.14 -2.35 -42.08
CA PRO A 420 -11.75 -2.57 -43.41
C PRO A 420 -13.07 -3.35 -43.34
N GLN A 421 -13.92 -3.18 -44.38
CA GLN A 421 -15.22 -3.86 -44.52
C GLN A 421 -15.28 -4.68 -45.80
N SER A 422 -16.24 -5.62 -45.88
CA SER A 422 -16.51 -6.46 -47.08
C SER A 422 -17.97 -6.95 -47.09
N GLU A 423 -18.49 -7.32 -45.89
CA GLU A 423 -19.83 -7.87 -45.64
C GLU A 423 -20.83 -6.75 -45.35
N ALA A 426 -21.25 -11.63 -42.19
CA ALA A 426 -20.66 -11.90 -40.87
C ALA A 426 -19.24 -11.35 -40.77
N VAL A 427 -18.90 -10.82 -39.57
CA VAL A 427 -17.59 -10.25 -39.24
C VAL A 427 -16.57 -11.40 -39.19
N ARG A 428 -15.38 -11.16 -39.78
CA ARG A 428 -14.32 -12.14 -39.89
C ARG A 428 -13.41 -12.18 -38.65
N VAL A 429 -12.77 -13.33 -38.53
CA VAL A 429 -11.77 -13.66 -37.54
C VAL A 429 -10.49 -13.79 -38.33
N LYS A 430 -9.58 -12.83 -38.15
CA LYS A 430 -8.33 -12.89 -38.88
C LYS A 430 -7.36 -13.78 -38.08
N ASP A 431 -7.17 -15.04 -38.51
CA ASP A 431 -6.26 -15.96 -37.80
C ASP A 431 -4.89 -15.93 -38.51
N LEU A 432 -3.92 -15.22 -37.90
CA LEU A 432 -2.57 -15.01 -38.42
C LEU A 432 -1.55 -15.99 -37.80
N ARG A 433 -2.04 -17.10 -37.21
CA ARG A 433 -1.20 -18.13 -36.59
C ARG A 433 -0.74 -19.15 -37.64
N ASP A 434 0.43 -19.78 -37.43
CA ASP A 434 1.03 -20.76 -38.36
C ASP A 434 0.25 -22.08 -38.28
N ASN A 435 -0.94 -22.10 -38.92
CA ASN A 435 -1.85 -23.24 -38.98
C ASN A 435 -2.58 -23.29 -40.32
N GLN B 5 -31.59 -37.80 10.99
CA GLN B 5 -31.02 -38.73 10.03
CA GLN B 5 -31.02 -38.74 10.04
C GLN B 5 -29.49 -38.59 9.97
N TYR B 6 -28.80 -39.73 9.95
CA TYR B 6 -27.36 -39.82 9.92
C TYR B 6 -26.86 -40.55 8.69
N TRP B 7 -25.70 -40.10 8.17
CA TRP B 7 -25.00 -40.72 7.05
C TRP B 7 -24.44 -42.08 7.50
N GLU B 8 -23.83 -42.11 8.70
CA GLU B 8 -23.25 -43.27 9.38
C GLU B 8 -23.65 -43.26 10.85
N GLU B 9 -24.92 -43.64 11.12
CA GLU B 9 -25.53 -43.64 12.45
C GLU B 9 -24.67 -44.38 13.50
N GLU B 10 -24.09 -45.55 13.16
CA GLU B 10 -23.29 -46.35 14.09
C GLU B 10 -22.06 -45.55 14.61
N ILE B 11 -21.51 -44.66 13.80
CA ILE B 11 -20.36 -43.84 14.17
C ILE B 11 -20.83 -42.52 14.78
N GLU B 12 -21.80 -41.87 14.12
CA GLU B 12 -22.25 -40.53 14.51
C GLU B 12 -22.92 -40.52 15.89
N ILE B 13 -23.47 -41.65 16.36
CA ILE B 13 -24.09 -41.66 17.69
C ILE B 13 -23.37 -42.70 18.58
N SER B 15 -21.26 -44.61 21.32
CA SER B 15 -21.02 -44.26 22.73
C SER B 15 -19.61 -43.74 22.92
N ARG B 16 -19.40 -42.84 23.90
CA ARG B 16 -18.09 -42.25 24.20
C ARG B 16 -17.07 -43.36 24.47
N GLU B 17 -17.50 -44.45 25.15
CA GLU B 17 -16.69 -45.61 25.51
C GLU B 17 -16.18 -46.32 24.25
N LYS B 18 -17.08 -46.59 23.30
CA LYS B 18 -16.76 -47.25 22.02
C LYS B 18 -15.91 -46.30 21.12
N LEU B 19 -16.16 -44.97 21.19
CA LEU B 19 -15.38 -43.96 20.43
C LEU B 19 -13.93 -43.95 20.86
N GLN B 20 -13.70 -44.04 22.21
CA GLN B 20 -12.39 -44.07 22.86
C GLN B 20 -11.58 -45.28 22.42
N GLU B 21 -12.20 -46.48 22.35
CA GLU B 21 -11.45 -47.66 21.95
C GLU B 21 -11.18 -47.62 20.45
N LEU B 22 -12.07 -46.95 19.67
CA LEU B 22 -11.84 -46.76 18.23
C LEU B 22 -10.68 -45.79 18.03
N GLN B 23 -10.66 -44.67 18.78
CA GLN B 23 -9.58 -43.69 18.71
C GLN B 23 -8.25 -44.30 19.10
N LEU B 24 -8.22 -45.11 20.17
CA LEU B 24 -6.99 -45.76 20.64
C LEU B 24 -6.47 -46.75 19.61
N GLN B 25 -7.35 -47.56 19.02
CA GLN B 25 -6.98 -48.53 17.99
C GLN B 25 -6.34 -47.79 16.79
N ARG B 26 -6.98 -46.72 16.33
CA ARG B 26 -6.51 -45.94 15.17
C ARG B 26 -5.30 -45.08 15.52
N LEU B 27 -5.13 -44.65 16.79
CA LEU B 27 -3.96 -43.86 17.22
C LEU B 27 -2.71 -44.73 17.18
N LYS B 28 -2.80 -45.99 17.69
CA LYS B 28 -1.70 -46.95 17.66
C LYS B 28 -1.30 -47.25 16.20
N LYS B 29 -2.29 -47.47 15.31
CA LYS B 29 -2.10 -47.76 13.88
C LYS B 29 -1.39 -46.60 13.19
N THR B 30 -1.83 -45.34 13.47
CA THR B 30 -1.26 -44.11 12.91
C THR B 30 0.21 -43.99 13.29
N ILE B 31 0.54 -44.22 14.56
CA ILE B 31 1.91 -44.12 15.07
C ILE B 31 2.79 -45.19 14.42
N ASN B 32 2.29 -46.42 14.27
CA ASN B 32 3.04 -47.49 13.61
C ASN B 32 3.31 -47.14 12.14
N ILE B 33 2.32 -46.54 11.43
CA ILE B 33 2.48 -46.12 10.04
C ILE B 33 3.47 -44.96 9.96
N ALA B 34 3.24 -43.87 10.73
CA ALA B 34 4.04 -42.66 10.71
C ALA B 34 5.53 -42.92 11.03
N ALA B 35 5.83 -44.00 11.79
CA ALA B 35 7.19 -44.43 12.14
C ALA B 35 8.03 -44.79 10.89
N ASN B 36 7.37 -45.01 9.72
CA ASN B 36 8.05 -45.33 8.45
C ASN B 36 8.50 -44.04 7.71
N SER B 37 7.94 -42.84 8.04
CA SER B 37 8.38 -41.58 7.44
C SER B 37 9.72 -41.14 8.02
N PRO B 38 10.64 -40.59 7.21
CA PRO B 38 11.93 -40.12 7.77
C PRO B 38 11.77 -39.21 8.99
N TYR B 39 10.78 -38.28 8.95
CA TYR B 39 10.54 -37.31 10.03
C TYR B 39 10.11 -37.97 11.34
N TYR B 40 9.07 -38.81 11.32
CA TYR B 40 8.57 -39.39 12.58
C TYR B 40 9.42 -40.59 13.00
N LYS B 41 10.26 -41.15 12.13
CA LYS B 41 11.21 -42.19 12.53
C LYS B 41 12.24 -41.59 13.49
N GLU B 42 12.75 -40.39 13.15
CA GLU B 42 13.74 -39.65 13.91
C GLU B 42 13.13 -39.09 15.21
N VAL B 43 11.93 -38.48 15.13
CA VAL B 43 11.21 -37.91 16.29
C VAL B 43 10.98 -39.02 17.33
N PHE B 44 10.48 -40.18 16.89
CA PHE B 44 10.17 -41.32 17.76
C PHE B 44 11.45 -41.90 18.33
N SER B 45 12.52 -41.95 17.52
CA SER B 45 13.84 -42.45 17.96
C SER B 45 14.41 -41.58 19.08
N LYS B 46 14.35 -40.24 18.93
CA LYS B 46 14.92 -39.32 19.92
C LYS B 46 14.05 -39.19 21.17
N ASN B 47 12.76 -39.50 21.09
CA ASN B 47 11.85 -39.36 22.24
C ASN B 47 11.40 -40.71 22.82
N GLY B 48 12.08 -41.78 22.41
CA GLY B 48 11.80 -43.14 22.88
C GLY B 48 10.37 -43.59 22.68
N ILE B 49 9.79 -43.24 21.51
CA ILE B 49 8.42 -43.62 21.14
C ILE B 49 8.51 -44.94 20.37
N THR B 50 7.94 -45.99 20.96
CA THR B 50 7.91 -47.36 20.41
C THR B 50 6.44 -47.79 20.18
N GLY B 51 6.24 -49.07 19.88
CA GLY B 51 4.93 -49.67 19.67
C GLY B 51 4.17 -49.89 20.96
N ASP B 52 4.87 -49.77 22.11
CA ASP B 52 4.32 -49.95 23.46
C ASP B 52 4.15 -48.62 24.23
N SER B 53 4.50 -47.46 23.60
CA SER B 53 4.41 -46.15 24.26
C SER B 53 2.94 -45.72 24.43
N ILE B 54 2.08 -46.09 23.47
CA ILE B 54 0.67 -45.72 23.50
C ILE B 54 -0.16 -46.90 23.98
N GLN B 55 -0.66 -46.81 25.23
CA GLN B 55 -1.53 -47.79 25.87
C GLN B 55 -2.88 -47.14 26.20
N SER B 56 -2.88 -45.78 26.27
CA SER B 56 -4.06 -44.94 26.52
CA SER B 56 -4.03 -44.91 26.54
C SER B 56 -4.02 -43.72 25.60
N LEU B 57 -5.16 -43.02 25.45
CA LEU B 57 -5.25 -41.82 24.62
C LEU B 57 -4.39 -40.69 25.22
N ASP B 58 -4.22 -40.66 26.55
CA ASP B 58 -3.41 -39.67 27.27
C ASP B 58 -1.92 -39.85 26.98
N ASP B 59 -1.47 -41.07 26.62
CA ASP B 59 -0.07 -41.37 26.27
C ASP B 59 0.40 -40.63 24.98
N ILE B 60 -0.54 -40.00 24.22
CA ILE B 60 -0.19 -39.21 23.02
C ILE B 60 0.70 -38.03 23.42
N ARG B 61 0.56 -37.54 24.68
CA ARG B 61 1.28 -36.39 25.22
C ARG B 61 2.77 -36.72 25.43
N LYS B 62 3.17 -38.00 25.22
CA LYS B 62 4.57 -38.42 25.24
C LYS B 62 5.28 -37.97 23.97
N ILE B 63 4.51 -37.80 22.89
CA ILE B 63 5.01 -37.41 21.55
C ILE B 63 5.05 -35.87 21.44
N PRO B 64 6.17 -35.28 20.95
CA PRO B 64 6.21 -33.81 20.79
C PRO B 64 5.25 -33.33 19.68
N PHE B 65 4.93 -32.04 19.68
CA PHE B 65 4.09 -31.43 18.65
C PHE B 65 4.76 -31.35 17.29
N THR B 66 3.96 -31.38 16.23
CA THR B 66 4.42 -31.15 14.86
C THR B 66 4.00 -29.73 14.52
N THR B 67 4.95 -28.88 14.19
CA THR B 67 4.67 -27.49 13.83
C THR B 67 4.75 -27.30 12.32
N LYS B 68 4.28 -26.14 11.85
CA LYS B 68 4.34 -25.75 10.44
C LYS B 68 5.80 -25.55 10.03
N SER B 69 6.69 -25.10 10.97
CA SER B 69 8.15 -24.94 10.77
C SER B 69 8.80 -26.30 10.51
N ASP B 70 8.39 -27.36 11.26
CA ASP B 70 8.88 -28.72 11.09
C ASP B 70 8.54 -29.26 9.71
N ARG B 72 7.84 -27.33 7.02
CA ARG B 72 8.62 -26.54 6.07
C ARG B 72 10.04 -27.08 5.94
N ALA B 73 10.62 -27.49 7.09
CA ALA B 73 11.97 -28.03 7.17
C ALA B 73 12.06 -29.41 6.50
N ASN B 74 10.94 -30.12 6.38
CA ASN B 74 10.94 -31.47 5.80
C ASN B 74 10.18 -31.50 4.47
N TYR B 75 9.97 -30.33 3.86
CA TYR B 75 9.30 -30.16 2.57
C TYR B 75 10.16 -30.76 1.44
N PRO B 76 9.55 -31.49 0.49
CA PRO B 76 8.10 -31.80 0.41
C PRO B 76 7.67 -33.13 1.04
N PHE B 77 8.53 -34.15 1.10
CA PHE B 77 8.05 -35.47 1.46
C PHE B 77 8.73 -36.13 2.68
N GLY B 78 9.34 -35.34 3.57
CA GLY B 78 9.93 -35.89 4.80
C GLY B 78 8.95 -36.59 5.75
N LEU B 79 7.64 -36.26 5.68
CA LEU B 79 6.61 -36.85 6.54
C LEU B 79 5.77 -37.91 5.78
N VAL B 80 6.18 -38.29 4.54
CA VAL B 80 5.45 -39.32 3.78
C VAL B 80 5.86 -40.68 4.38
N ALA B 81 4.86 -41.42 4.88
CA ALA B 81 5.04 -42.70 5.55
C ALA B 81 4.83 -43.89 4.63
N GLY B 82 3.86 -43.80 3.70
CA GLY B 82 3.56 -44.88 2.78
C GLY B 82 4.44 -44.95 1.54
N ASP B 83 4.06 -45.83 0.61
CA ASP B 83 4.76 -46.03 -0.66
C ASP B 83 4.09 -45.13 -1.69
N LYS B 85 5.18 -43.92 -4.63
CA LYS B 85 5.30 -44.33 -6.05
C LYS B 85 4.18 -45.33 -6.42
N ARG B 86 3.90 -46.30 -5.55
CA ARG B 86 2.90 -47.35 -5.79
CA ARG B 86 2.90 -47.35 -5.79
C ARG B 86 1.49 -46.94 -5.33
N ASP B 87 1.35 -46.32 -4.17
CA ASP B 87 0.03 -46.04 -3.63
C ASP B 87 -0.38 -44.56 -3.57
N GLY B 88 0.53 -43.62 -3.80
CA GLY B 88 0.24 -42.18 -3.78
C GLY B 88 -0.55 -41.79 -5.00
N VAL B 89 -1.76 -41.18 -4.82
CA VAL B 89 -2.60 -40.83 -5.98
C VAL B 89 -2.88 -39.28 -6.06
N ARG B 90 -2.54 -38.49 -5.03
CA ARG B 90 -2.78 -37.04 -5.09
C ARG B 90 -1.89 -36.25 -4.16
N ILE B 91 -1.55 -35.03 -4.62
CA ILE B 91 -0.83 -33.99 -3.89
C ILE B 91 -1.72 -32.76 -3.83
N HIS B 92 -1.97 -32.24 -2.62
CA HIS B 92 -2.63 -30.95 -2.43
C HIS B 92 -1.65 -29.99 -1.79
N SER B 93 -1.92 -28.68 -1.85
CA SER B 93 -1.09 -27.69 -1.16
C SER B 93 -1.98 -26.65 -0.43
N SER B 94 -1.47 -26.12 0.70
CA SER B 94 -2.13 -25.09 1.52
C SER B 94 -1.81 -23.69 1.00
N THR B 98 2.31 -16.52 1.14
CA THR B 98 3.75 -16.28 1.21
C THR B 98 4.47 -17.40 2.01
N GLY B 99 5.69 -17.72 1.56
CA GLY B 99 6.56 -18.77 2.12
C GLY B 99 6.69 -19.94 1.16
N ASN B 100 6.98 -21.15 1.69
CA ASN B 100 7.03 -22.36 0.87
C ASN B 100 5.81 -23.24 1.23
N PRO B 101 4.76 -23.30 0.37
CA PRO B 101 3.55 -24.06 0.73
C PRO B 101 3.82 -25.51 1.10
N THR B 102 3.06 -26.02 2.05
CA THR B 102 3.25 -27.42 2.43
C THR B 102 2.33 -28.28 1.60
N VAL B 103 2.75 -29.53 1.40
CA VAL B 103 2.02 -30.48 0.60
C VAL B 103 1.63 -31.63 1.48
N ILE B 104 0.49 -32.21 1.09
CA ILE B 104 -0.12 -33.39 1.69
C ILE B 104 -0.27 -34.39 0.59
N VAL B 105 0.20 -35.59 0.84
CA VAL B 105 0.13 -36.67 -0.12
C VAL B 105 -0.90 -37.67 0.37
N HIS B 106 -1.83 -38.03 -0.53
CA HIS B 106 -2.92 -38.97 -0.29
C HIS B 106 -2.81 -40.22 -1.14
N SER B 107 -3.25 -41.34 -0.55
CA SER B 107 -3.49 -42.63 -1.20
C SER B 107 -4.98 -42.70 -1.55
N GLN B 108 -5.43 -43.75 -2.29
CA GLN B 108 -6.85 -43.90 -2.63
C GLN B 108 -7.67 -44.03 -1.33
N HIS B 109 -7.15 -44.81 -0.35
CA HIS B 109 -7.78 -44.94 0.96
C HIS B 109 -8.08 -43.57 1.57
N ASP B 110 -7.06 -42.66 1.58
CA ASP B 110 -7.10 -41.32 2.16
C ASP B 110 -8.13 -40.46 1.44
N LEU B 111 -8.23 -40.57 0.10
CA LEU B 111 -9.21 -39.80 -0.67
C LEU B 111 -10.63 -40.25 -0.37
N ASP B 112 -10.84 -41.58 -0.25
CA ASP B 112 -12.15 -42.17 0.03
C ASP B 112 -12.61 -41.82 1.45
N SER B 113 -11.68 -41.81 2.41
CA SER B 113 -11.97 -41.44 3.79
C SER B 113 -12.37 -39.95 3.86
N TRP B 114 -11.66 -39.11 3.09
CA TRP B 114 -11.90 -37.68 3.01
C TRP B 114 -13.28 -37.43 2.40
N ALA B 115 -13.56 -38.06 1.24
CA ALA B 115 -14.83 -37.97 0.51
C ALA B 115 -15.99 -38.40 1.41
N ASN B 116 -15.84 -39.49 2.15
CA ASN B 116 -16.87 -40.00 3.07
C ASN B 116 -17.19 -38.98 4.17
N LEU B 117 -16.17 -38.30 4.72
CA LEU B 117 -16.35 -37.28 5.75
C LEU B 117 -17.11 -36.09 5.19
N VAL B 118 -16.85 -35.71 3.92
CA VAL B 118 -17.52 -34.57 3.29
C VAL B 118 -19.00 -34.95 3.05
N ALA B 119 -19.28 -36.18 2.54
CA ALA B 119 -20.67 -36.68 2.38
C ALA B 119 -21.40 -36.73 3.75
N ARG B 120 -20.70 -37.15 4.81
CA ARG B 120 -21.25 -37.20 6.17
C ARG B 120 -21.70 -35.81 6.63
N CYS B 121 -20.85 -34.78 6.41
CA CYS B 121 -21.08 -33.37 6.73
C CYS B 121 -22.29 -32.84 5.98
N LEU B 122 -22.32 -33.01 4.64
CA LEU B 122 -23.39 -32.50 3.78
C LEU B 122 -24.72 -33.13 4.15
N TYR B 123 -24.74 -34.45 4.38
CA TYR B 123 -25.94 -35.19 4.75
C TYR B 123 -26.45 -34.70 6.13
N VAL B 125 -26.37 -31.72 7.45
CA VAL B 125 -27.06 -30.43 7.41
C VAL B 125 -28.30 -30.53 6.46
N GLY B 126 -28.70 -31.74 6.08
CA GLY B 126 -29.92 -32.01 5.29
C GLY B 126 -29.81 -32.12 3.77
N ILE B 127 -28.56 -32.09 3.21
CA ILE B 127 -28.37 -32.19 1.77
C ILE B 127 -28.53 -33.68 1.41
N ARG B 128 -29.20 -33.95 0.28
CA ARG B 128 -29.47 -35.31 -0.22
C ARG B 128 -29.03 -35.45 -1.67
N LYS B 129 -29.12 -36.67 -2.23
CA LYS B 129 -28.72 -36.94 -3.60
C LYS B 129 -29.64 -36.16 -4.57
N THR B 130 -30.86 -35.78 -4.12
CA THR B 130 -31.84 -35.01 -4.90
C THR B 130 -31.45 -33.52 -5.03
N ASP B 131 -30.46 -33.06 -4.24
CA ASP B 131 -29.98 -31.68 -4.28
C ASP B 131 -29.06 -31.41 -5.46
N VAL B 132 -29.05 -30.14 -5.91
CA VAL B 132 -28.17 -29.62 -6.95
C VAL B 132 -27.12 -28.82 -6.20
N PHE B 133 -25.90 -29.38 -6.09
CA PHE B 133 -24.80 -28.81 -5.31
C PHE B 133 -23.81 -28.04 -6.18
N GLN B 134 -23.66 -26.72 -5.94
CA GLN B 134 -22.73 -25.87 -6.68
C GLN B 134 -21.52 -25.55 -5.81
N ASN B 135 -20.32 -25.79 -6.32
CA ASN B 135 -19.09 -25.50 -5.57
C ASN B 135 -18.40 -24.26 -6.17
N SER B 136 -18.40 -23.15 -5.45
CA SER B 136 -17.77 -21.91 -5.89
C SER B 136 -16.32 -21.80 -5.34
N SER B 137 -15.81 -22.88 -4.72
CA SER B 137 -14.43 -22.90 -4.27
C SER B 137 -13.50 -23.13 -5.49
N GLY B 138 -12.28 -22.60 -5.40
CA GLY B 138 -11.24 -22.80 -6.42
C GLY B 138 -10.90 -24.27 -6.50
N TYR B 139 -10.57 -24.74 -7.70
CA TYR B 139 -10.23 -26.15 -7.89
C TYR B 139 -8.68 -26.24 -7.95
N GLY B 140 -8.13 -27.17 -8.70
CA GLY B 140 -6.69 -27.32 -8.75
C GLY B 140 -6.13 -27.89 -7.46
N PHE B 142 -6.19 -26.40 -4.49
CA PHE B 142 -7.08 -26.04 -3.37
C PHE B 142 -7.94 -27.22 -3.00
N THR B 143 -7.91 -27.62 -1.72
CA THR B 143 -8.65 -28.79 -1.26
C THR B 143 -10.19 -28.61 -1.30
N GLY B 144 -10.70 -27.36 -1.26
CA GLY B 144 -12.12 -27.07 -1.31
C GLY B 144 -12.81 -27.48 -2.61
N GLY B 145 -12.06 -27.42 -3.70
CA GLY B 145 -12.50 -27.79 -5.03
C GLY B 145 -12.79 -29.27 -5.13
N LEU B 146 -11.75 -30.10 -5.20
CA LEU B 146 -11.86 -31.56 -5.32
C LEU B 146 -12.47 -32.19 -4.06
N GLY B 147 -12.29 -31.52 -2.91
CA GLY B 147 -12.83 -31.92 -1.61
C GLY B 147 -14.33 -32.01 -1.57
N PHE B 148 -15.02 -30.91 -1.92
CA PHE B 148 -16.49 -30.94 -1.99
C PHE B 148 -16.99 -31.66 -3.28
N GLN B 149 -16.21 -31.64 -4.37
CA GLN B 149 -16.57 -32.33 -5.61
C GLN B 149 -16.79 -33.84 -5.35
N TYR B 150 -15.79 -34.53 -4.78
CA TYR B 150 -15.83 -35.96 -4.44
C TYR B 150 -16.86 -36.28 -3.38
N GLY B 151 -16.94 -35.47 -2.31
CA GLY B 151 -17.91 -35.65 -1.25
C GLY B 151 -19.36 -35.55 -1.74
N ALA B 152 -19.67 -34.50 -2.55
CA ALA B 152 -21.02 -34.30 -3.08
C ALA B 152 -21.38 -35.39 -4.09
N GLU B 153 -20.42 -35.86 -4.91
CA GLU B 153 -20.69 -36.98 -5.84
C GLU B 153 -20.90 -38.27 -5.05
N ARG B 154 -20.13 -38.49 -3.96
CA ARG B 154 -20.27 -39.63 -3.05
C ARG B 154 -21.72 -39.70 -2.50
N LEU B 155 -22.27 -38.55 -2.08
CA LEU B 155 -23.64 -38.42 -1.59
C LEU B 155 -24.63 -38.60 -2.76
N GLY B 156 -24.24 -38.18 -3.96
CA GLY B 156 -25.07 -38.39 -5.14
C GLY B 156 -25.76 -37.16 -5.70
N CYS B 157 -25.38 -35.96 -5.19
CA CYS B 157 -25.90 -34.67 -5.64
C CYS B 157 -25.60 -34.47 -7.09
N LEU B 158 -26.45 -33.69 -7.79
CA LEU B 158 -26.18 -33.23 -9.15
C LEU B 158 -25.20 -32.09 -8.96
N THR B 159 -23.92 -32.32 -9.19
CA THR B 159 -22.93 -31.30 -8.83
C THR B 159 -22.69 -30.33 -10.01
N VAL B 160 -22.34 -29.10 -9.64
CA VAL B 160 -22.07 -27.99 -10.56
C VAL B 160 -20.66 -27.51 -10.22
N PRO B 161 -19.60 -28.04 -10.86
CA PRO B 161 -18.22 -27.61 -10.49
C PRO B 161 -17.92 -26.21 -11.06
N ALA B 162 -18.61 -25.18 -10.55
CA ALA B 162 -18.51 -23.80 -11.04
C ALA B 162 -17.10 -23.22 -10.84
N ALA B 163 -16.42 -23.59 -9.72
CA ALA B 163 -15.11 -23.09 -9.31
C ALA B 163 -15.23 -21.60 -8.93
N ALA B 164 -14.12 -20.92 -8.67
CA ALA B 164 -14.13 -19.55 -8.18
C ALA B 164 -14.54 -18.50 -9.23
N GLY B 165 -15.09 -17.41 -8.73
CA GLY B 165 -15.45 -16.21 -9.49
C GLY B 165 -16.49 -16.32 -10.56
N ASN B 166 -16.53 -15.26 -11.39
CA ASN B 166 -17.46 -15.05 -12.51
C ASN B 166 -18.89 -15.15 -11.96
N SER B 167 -19.26 -14.18 -11.11
CA SER B 167 -20.53 -14.09 -10.41
C SER B 167 -21.73 -14.15 -11.36
N LYS B 168 -21.65 -13.54 -12.55
CA LYS B 168 -22.75 -13.60 -13.54
C LYS B 168 -23.02 -15.04 -13.97
N ARG B 169 -21.95 -15.85 -14.13
CA ARG B 169 -22.06 -17.25 -14.54
C ARG B 169 -22.60 -18.10 -13.35
N GLN B 170 -22.20 -17.76 -12.11
CA GLN B 170 -22.64 -18.40 -10.86
C GLN B 170 -24.16 -18.29 -10.72
N ILE B 171 -24.70 -17.07 -10.95
CA ILE B 171 -26.11 -16.73 -10.87
C ILE B 171 -26.87 -17.45 -12.01
N LYS B 172 -26.26 -17.52 -13.21
CA LYS B 172 -26.85 -18.22 -14.35
C LYS B 172 -27.03 -19.72 -14.05
N PHE B 173 -26.01 -20.38 -13.49
CA PHE B 173 -26.04 -21.79 -13.10
C PHE B 173 -27.10 -22.05 -12.04
N ILE B 174 -27.20 -21.15 -11.02
CA ILE B 174 -28.19 -21.27 -9.94
C ILE B 174 -29.62 -21.18 -10.55
N SER B 175 -29.86 -20.20 -11.44
CA SER B 175 -31.16 -19.99 -12.05
C SER B 175 -31.55 -21.10 -13.03
N ASP B 176 -30.64 -21.50 -13.93
CA ASP B 176 -30.90 -22.48 -14.99
C ASP B 176 -30.80 -23.94 -14.51
N PHE B 177 -29.92 -24.27 -13.53
CA PHE B 177 -29.78 -25.67 -13.09
C PHE B 177 -30.56 -25.95 -11.82
N LYS B 178 -31.20 -24.90 -11.25
CA LYS B 178 -32.03 -24.93 -10.04
C LYS B 178 -31.20 -25.47 -8.86
N THR B 179 -30.03 -24.84 -8.62
CA THR B 179 -29.09 -25.13 -7.51
C THR B 179 -29.82 -24.96 -6.19
N THR B 180 -29.63 -25.91 -5.25
CA THR B 180 -30.28 -25.90 -3.94
C THR B 180 -29.26 -25.81 -2.80
N ALA B 181 -28.02 -26.31 -3.04
CA ALA B 181 -26.93 -26.27 -2.06
C ALA B 181 -25.68 -25.58 -2.68
N LEU B 182 -25.11 -24.62 -1.95
CA LEU B 182 -23.98 -23.85 -2.46
C LEU B 182 -22.85 -23.78 -1.46
N HIS B 183 -21.64 -24.08 -1.94
CA HIS B 183 -20.42 -23.92 -1.16
C HIS B 183 -19.74 -22.64 -1.57
N ALA B 184 -19.62 -21.69 -0.63
CA ALA B 184 -18.97 -20.39 -0.86
C ALA B 184 -18.35 -19.87 0.42
N ILE B 185 -17.29 -19.06 0.32
CA ILE B 185 -16.70 -18.39 1.48
C ILE B 185 -17.70 -17.31 1.89
N PRO B 186 -17.88 -17.00 3.20
CA PRO B 186 -18.92 -16.02 3.61
C PRO B 186 -18.94 -14.71 2.78
N SER B 187 -17.79 -14.07 2.53
CA SER B 187 -17.72 -12.80 1.77
C SER B 187 -18.16 -12.97 0.30
N TYR B 188 -17.91 -14.15 -0.31
CA TYR B 188 -18.33 -14.37 -1.68
C TYR B 188 -19.85 -14.60 -1.75
N ALA B 189 -20.45 -15.21 -0.70
CA ALA B 189 -21.90 -15.42 -0.60
C ALA B 189 -22.63 -14.07 -0.60
N ILE B 190 -22.05 -13.05 0.06
CA ILE B 190 -22.61 -11.69 0.10
C ILE B 190 -22.51 -11.07 -1.31
N ARG B 191 -21.34 -11.22 -1.96
CA ARG B 191 -21.08 -10.73 -3.32
C ARG B 191 -22.13 -11.28 -4.33
N LEU B 192 -22.48 -12.58 -4.24
CA LEU B 192 -23.48 -13.24 -5.09
C LEU B 192 -24.88 -12.62 -4.88
N ALA B 193 -25.28 -12.40 -3.61
CA ALA B 193 -26.58 -11.81 -3.29
C ALA B 193 -26.68 -10.42 -3.91
N GLU B 194 -25.56 -9.65 -3.91
CA GLU B 194 -25.45 -8.32 -4.53
C GLU B 194 -25.59 -8.41 -6.05
N VAL B 195 -24.90 -9.38 -6.70
CA VAL B 195 -24.94 -9.57 -8.16
C VAL B 195 -26.36 -10.04 -8.58
N PHE B 196 -27.08 -10.84 -7.74
CA PHE B 196 -28.45 -11.24 -8.03
C PHE B 196 -29.33 -10.01 -8.23
N GLN B 197 -29.27 -9.06 -7.27
CA GLN B 197 -30.01 -7.79 -7.29
C GLN B 197 -29.58 -6.94 -8.52
N GLU B 198 -28.25 -6.85 -8.79
CA GLU B 198 -27.69 -6.13 -9.95
C GLU B 198 -28.23 -6.66 -11.27
N GLU B 199 -28.52 -7.97 -11.33
CA GLU B 199 -29.02 -8.64 -12.52
C GLU B 199 -30.58 -8.69 -12.52
N GLY B 200 -31.21 -8.06 -11.53
CA GLY B 200 -32.66 -7.98 -11.41
C GLY B 200 -33.36 -9.20 -10.85
N ILE B 201 -32.65 -10.01 -10.06
CA ILE B 201 -33.22 -11.20 -9.40
C ILE B 201 -33.30 -10.92 -7.90
N ASP B 202 -34.42 -11.29 -7.26
CA ASP B 202 -34.56 -11.19 -5.80
C ASP B 202 -33.69 -12.30 -5.20
N PRO B 203 -32.63 -11.97 -4.43
CA PRO B 203 -31.73 -13.04 -3.93
C PRO B 203 -32.44 -13.99 -2.94
N ARG B 204 -33.64 -13.62 -2.47
CA ARG B 204 -34.45 -14.42 -1.55
C ARG B 204 -35.45 -15.33 -2.28
N GLU B 205 -35.57 -15.18 -3.63
CA GLU B 205 -36.54 -15.95 -4.40
C GLU B 205 -35.87 -16.90 -5.40
N THR B 206 -34.71 -17.47 -5.02
CA THR B 206 -34.01 -18.43 -5.88
C THR B 206 -34.37 -19.85 -5.38
N THR B 207 -33.78 -20.87 -6.00
CA THR B 207 -33.99 -22.27 -5.65
C THR B 207 -33.04 -22.68 -4.49
N LEU B 208 -32.13 -21.78 -4.07
CA LEU B 208 -31.19 -22.05 -2.99
C LEU B 208 -31.91 -22.33 -1.68
N LYS B 209 -31.44 -23.35 -0.96
CA LYS B 209 -31.98 -23.73 0.35
C LYS B 209 -30.86 -23.81 1.39
N THR B 210 -29.67 -24.34 1.00
CA THR B 210 -28.59 -24.55 1.95
C THR B 210 -27.28 -23.93 1.45
N LEU B 211 -26.58 -23.27 2.36
CA LEU B 211 -25.25 -22.72 2.13
C LEU B 211 -24.29 -23.34 3.09
N VAL B 212 -23.13 -23.70 2.57
CA VAL B 212 -22.00 -24.23 3.32
C VAL B 212 -20.92 -23.16 3.24
N ILE B 213 -20.59 -22.55 4.37
CA ILE B 213 -19.61 -21.44 4.39
C ILE B 213 -18.44 -21.78 5.35
N GLY B 214 -17.22 -21.58 4.86
CA GLY B 214 -16.00 -21.82 5.64
C GLY B 214 -14.84 -20.94 5.22
N ALA B 215 -13.59 -21.39 5.51
CA ALA B 215 -12.30 -20.77 5.18
C ALA B 215 -12.04 -19.46 5.95
N GLU B 216 -13.04 -18.54 6.03
CA GLU B 216 -12.93 -17.24 6.70
C GLU B 216 -13.52 -17.19 8.11
N PRO B 217 -12.81 -16.64 9.12
CA PRO B 217 -13.49 -16.39 10.41
C PRO B 217 -14.64 -15.40 10.20
N HIS B 218 -15.77 -15.66 10.84
CA HIS B 218 -16.95 -14.82 10.71
C HIS B 218 -17.79 -15.01 11.92
N THR B 219 -18.54 -13.97 12.29
CA THR B 219 -19.42 -14.02 13.45
C THR B 219 -20.72 -14.73 13.06
N ASP B 220 -21.50 -15.15 14.07
CA ASP B 220 -22.80 -15.77 13.87
C ASP B 220 -23.75 -14.77 13.20
N GLU B 221 -23.62 -13.46 13.55
CA GLU B 221 -24.48 -12.44 12.96
CA GLU B 221 -24.40 -12.36 12.98
C GLU B 221 -24.12 -12.22 11.49
N GLN B 222 -22.85 -12.41 11.07
CA GLN B 222 -22.43 -12.32 9.67
C GLN B 222 -23.13 -13.42 8.87
N ARG B 223 -23.26 -14.63 9.48
CA ARG B 223 -23.93 -15.79 8.89
C ARG B 223 -25.44 -15.52 8.81
N ARG B 224 -26.03 -14.89 9.84
CA ARG B 224 -27.47 -14.59 9.87
C ARG B 224 -27.80 -13.56 8.79
N LYS B 225 -26.89 -12.58 8.56
CA LYS B 225 -27.03 -11.59 7.49
C LYS B 225 -27.09 -12.30 6.14
N ILE B 226 -26.22 -13.33 5.93
CA ILE B 226 -26.17 -14.15 4.71
C ILE B 226 -27.51 -14.92 4.55
N GLU B 227 -27.98 -15.56 5.64
CA GLU B 227 -29.24 -16.30 5.68
C GLU B 227 -30.42 -15.42 5.27
N ARG B 228 -30.51 -14.18 5.80
CA ARG B 228 -31.60 -13.25 5.50
CA ARG B 228 -31.59 -13.23 5.51
C ARG B 228 -31.50 -12.72 4.07
N LEU B 230 -30.21 -14.18 1.31
CA LEU B 230 -30.48 -15.22 0.32
C LEU B 230 -31.64 -16.15 0.70
N ASN B 231 -32.25 -15.97 1.89
CA ASN B 231 -33.35 -16.79 2.39
C ASN B 231 -32.93 -18.28 2.38
N VAL B 232 -31.83 -18.54 3.09
CA VAL B 232 -31.23 -19.87 3.19
C VAL B 232 -30.87 -20.19 4.61
N LYS B 233 -30.45 -21.45 4.84
CA LYS B 233 -29.90 -21.96 6.09
C LYS B 233 -28.40 -22.13 5.81
N ALA B 234 -27.53 -21.39 6.51
CA ALA B 234 -26.08 -21.42 6.26
C ALA B 234 -25.37 -22.16 7.38
N TYR B 235 -24.39 -23.00 7.04
CA TYR B 235 -23.70 -23.83 8.03
C TYR B 235 -22.21 -23.65 7.97
N ASN B 236 -21.59 -23.56 9.17
CA ASN B 236 -20.16 -23.35 9.32
C ASN B 236 -19.43 -24.66 9.02
N SER B 237 -18.46 -24.57 8.13
CA SER B 237 -17.61 -25.64 7.60
C SER B 237 -16.14 -25.40 7.93
N PHE B 238 -15.56 -26.32 8.72
CA PHE B 238 -14.16 -26.18 9.09
C PHE B 238 -13.31 -27.19 8.38
N GLY B 239 -12.12 -26.75 8.02
CA GLY B 239 -11.13 -27.61 7.40
C GLY B 239 -9.79 -26.93 7.21
N THR B 241 -5.94 -28.02 4.85
CA THR B 241 -5.22 -28.90 3.92
C THR B 241 -4.53 -30.04 4.69
N GLU B 242 -3.85 -29.71 5.82
CA GLU B 242 -3.15 -30.66 6.67
C GLU B 242 -4.06 -31.79 7.13
N ASN B 244 -6.81 -32.89 5.47
CA ASN B 244 -7.47 -33.32 4.20
C ASN B 244 -7.90 -32.11 3.42
N GLY B 245 -8.70 -31.27 4.07
CA GLY B 245 -9.29 -30.06 3.53
C GLY B 245 -10.64 -29.89 4.20
N PRO B 246 -11.77 -29.76 3.46
CA PRO B 246 -13.08 -29.76 4.15
C PRO B 246 -13.47 -31.15 4.72
N GLY B 247 -14.51 -31.17 5.56
CA GLY B 247 -15.03 -32.38 6.19
C GLY B 247 -14.48 -32.71 7.56
N VAL B 248 -13.64 -31.83 8.11
CA VAL B 248 -12.97 -32.02 9.39
C VAL B 248 -13.97 -31.80 10.55
N ALA B 249 -14.56 -30.59 10.61
CA ALA B 249 -15.55 -30.17 11.61
C ALA B 249 -16.69 -29.43 10.90
N PHE B 250 -17.92 -29.60 11.39
CA PHE B 250 -19.09 -29.01 10.71
C PHE B 250 -20.25 -28.85 11.67
N GLU B 251 -21.02 -27.76 11.51
CA GLU B 251 -22.20 -27.55 12.33
C GLU B 251 -23.28 -28.58 11.99
N CYS B 252 -24.14 -28.90 12.97
CA CYS B 252 -25.30 -29.75 12.73
C CYS B 252 -26.47 -28.82 12.45
N GLN B 253 -27.69 -29.32 12.40
CA GLN B 253 -28.83 -28.43 12.13
C GLN B 253 -29.16 -27.57 13.37
N GLU B 254 -28.48 -27.81 14.53
CA GLU B 254 -28.62 -26.99 15.75
C GLU B 254 -27.92 -25.65 15.59
N GLN B 255 -26.94 -25.57 14.66
CA GLN B 255 -26.14 -24.37 14.36
C GLN B 255 -25.52 -23.82 15.64
N ASN B 256 -24.94 -24.71 16.45
CA ASN B 256 -24.33 -24.36 17.72
C ASN B 256 -23.14 -25.29 18.01
N GLY B 257 -22.00 -24.89 17.46
CA GLY B 257 -20.77 -25.64 17.59
C GLY B 257 -20.58 -26.54 16.39
N HIS B 259 -19.33 -30.04 15.05
CA HIS B 259 -19.03 -31.43 15.37
C HIS B 259 -17.71 -31.83 14.70
N PHE B 260 -16.75 -32.29 15.49
CA PHE B 260 -15.46 -32.75 15.03
C PHE B 260 -15.53 -34.26 14.89
N TRP B 261 -15.14 -34.83 13.73
CA TRP B 261 -15.30 -36.28 13.55
C TRP B 261 -14.14 -36.99 14.23
N GLU B 262 -14.40 -37.41 15.45
CA GLU B 262 -13.42 -38.02 16.35
C GLU B 262 -13.02 -39.44 15.94
N ASP B 263 -13.69 -40.03 14.94
CA ASP B 263 -13.27 -41.33 14.41
C ASP B 263 -12.06 -41.14 13.47
N CYS B 264 -11.89 -39.91 12.93
CA CYS B 264 -10.81 -39.61 11.98
C CYS B 264 -9.83 -38.55 12.54
N TYR B 265 -10.14 -37.94 13.70
CA TYR B 265 -9.27 -36.94 14.31
C TYR B 265 -9.27 -37.03 15.82
N LEU B 266 -8.06 -36.89 16.43
CA LEU B 266 -7.90 -36.78 17.88
C LEU B 266 -7.68 -35.31 18.16
N VAL B 267 -8.61 -34.70 18.91
CA VAL B 267 -8.60 -33.26 19.19
C VAL B 267 -8.01 -32.98 20.57
N GLU B 268 -7.08 -32.03 20.62
CA GLU B 268 -6.49 -31.48 21.85
C GLU B 268 -6.61 -29.96 21.82
N ILE B 269 -6.81 -29.34 23.01
CA ILE B 269 -6.83 -27.87 23.18
C ILE B 269 -5.73 -27.56 24.18
N ILE B 270 -4.56 -27.18 23.66
CA ILE B 270 -3.33 -26.96 24.41
C ILE B 270 -3.07 -25.45 24.67
N ASP B 271 -2.52 -25.13 25.86
CA ASP B 271 -2.11 -23.78 26.26
C ASP B 271 -0.84 -23.43 25.45
N PRO B 272 -0.88 -22.37 24.60
CA PRO B 272 0.29 -22.03 23.76
C PRO B 272 1.57 -21.71 24.53
N GLU B 273 1.45 -21.32 25.81
CA GLU B 273 2.57 -20.99 26.66
C GLU B 273 3.16 -22.26 27.29
N THR B 274 2.38 -22.97 28.13
CA THR B 274 2.83 -24.17 28.86
C THR B 274 3.02 -25.41 27.96
N GLY B 275 2.23 -25.54 26.90
CA GLY B 275 2.26 -26.71 26.02
C GLY B 275 1.47 -27.87 26.60
N GLU B 276 0.63 -27.57 27.61
CA GLU B 276 -0.21 -28.51 28.34
C GLU B 276 -1.68 -28.34 27.96
N PRO B 277 -2.54 -29.38 28.15
CA PRO B 277 -3.98 -29.21 27.87
C PRO B 277 -4.59 -28.12 28.73
N VAL B 278 -5.49 -27.34 28.14
CA VAL B 278 -6.13 -26.24 28.85
C VAL B 278 -7.19 -26.82 29.84
N PRO B 279 -7.63 -26.09 30.89
CA PRO B 279 -8.76 -26.60 31.69
C PRO B 279 -9.99 -26.79 30.78
N GLU B 280 -10.71 -27.90 30.97
CA GLU B 280 -11.86 -28.33 30.16
C GLU B 280 -12.81 -27.14 29.83
N GLY B 281 -12.90 -26.81 28.54
CA GLY B 281 -13.77 -25.75 28.02
C GLY B 281 -13.16 -24.38 27.80
N GLU B 282 -11.85 -24.20 28.13
CA GLU B 282 -11.11 -22.94 27.96
C GLU B 282 -10.57 -22.79 26.53
N ILE B 283 -10.29 -21.54 26.11
CA ILE B 283 -9.75 -21.26 24.78
C ILE B 283 -8.25 -21.63 24.79
N GLY B 284 -7.82 -22.26 23.70
CA GLY B 284 -6.44 -22.66 23.52
C GLY B 284 -6.18 -22.98 22.07
N GLU B 285 -4.96 -23.43 21.76
CA GLU B 285 -4.61 -23.78 20.40
C GLU B 285 -5.14 -25.18 20.06
N LEU B 286 -5.89 -25.28 18.96
CA LEU B 286 -6.36 -26.56 18.45
C LEU B 286 -5.13 -27.39 17.95
N VAL B 287 -4.93 -28.59 18.50
CA VAL B 287 -3.80 -29.51 18.18
C VAL B 287 -4.46 -30.79 17.72
N LEU B 288 -4.13 -31.25 16.51
CA LEU B 288 -4.82 -32.36 15.86
C LEU B 288 -3.92 -33.48 15.37
N THR B 289 -4.47 -34.70 15.42
CA THR B 289 -3.83 -35.95 14.98
C THR B 289 -4.79 -36.64 14.04
N THR B 290 -4.30 -37.06 12.87
CA THR B 290 -5.10 -37.81 11.90
C THR B 290 -5.24 -39.23 12.43
N LEU B 291 -6.42 -39.85 12.25
CA LEU B 291 -6.61 -41.21 12.73
C LEU B 291 -6.96 -42.16 11.59
N ASP B 292 -7.29 -41.65 10.37
CA ASP B 292 -7.63 -42.54 9.26
C ASP B 292 -6.76 -42.27 8.01
N ARG B 293 -5.69 -41.47 8.15
CA ARG B 293 -4.76 -41.17 7.05
C ARG B 293 -3.59 -42.15 7.07
N GLU B 294 -3.23 -42.67 5.89
CA GLU B 294 -2.20 -43.70 5.77
C GLU B 294 -0.93 -43.22 5.01
N PRO B 297 0.26 -39.49 7.57
CA PRO B 297 -0.46 -39.06 8.80
C PRO B 297 0.28 -37.92 9.50
N LEU B 298 -0.44 -37.08 10.24
CA LEU B 298 0.08 -35.97 11.02
C LEU B 298 -0.26 -36.19 12.49
N ILE B 299 0.75 -36.06 13.37
CA ILE B 299 0.60 -36.33 14.79
C ILE B 299 0.81 -35.03 15.58
N ARG B 300 -0.19 -34.69 16.43
CA ARG B 300 -0.20 -33.53 17.33
C ARG B 300 0.24 -32.27 16.58
N TYR B 301 -0.40 -32.00 15.46
CA TYR B 301 -0.11 -30.86 14.63
C TYR B 301 -0.72 -29.60 15.25
N ARG B 302 0.14 -28.59 15.52
CA ARG B 302 -0.20 -27.29 16.07
C ARG B 302 -0.77 -26.42 14.95
N THR B 303 -2.10 -26.30 14.92
CA THR B 303 -2.82 -25.68 13.83
C THR B 303 -2.69 -24.14 13.76
N ARG B 304 -2.36 -23.50 14.92
CA ARG B 304 -2.30 -22.03 15.11
C ARG B 304 -3.74 -21.46 15.20
N ASP B 305 -4.76 -22.34 15.22
CA ASP B 305 -6.16 -21.94 15.35
C ASP B 305 -6.56 -21.95 16.81
N LEU B 306 -7.15 -20.85 17.25
CA LEU B 306 -7.60 -20.73 18.62
C LEU B 306 -9.11 -20.98 18.70
N THR B 307 -9.51 -21.88 19.59
CA THR B 307 -10.91 -22.23 19.84
C THR B 307 -11.00 -22.93 21.21
N ARG B 308 -12.18 -23.49 21.51
CA ARG B 308 -12.49 -24.23 22.74
C ARG B 308 -13.50 -25.33 22.43
N ILE B 309 -13.57 -26.32 23.32
CA ILE B 309 -14.52 -27.43 23.20
C ILE B 309 -15.78 -27.02 23.95
N LEU B 310 -16.90 -26.94 23.22
CA LEU B 310 -18.21 -26.63 23.78
C LEU B 310 -18.69 -27.82 24.61
N PRO B 311 -19.13 -27.57 25.85
CA PRO B 311 -19.50 -28.69 26.73
C PRO B 311 -20.94 -29.16 26.55
N GLY B 312 -21.17 -30.38 27.02
CA GLY B 312 -22.46 -31.04 27.03
C GLY B 312 -22.77 -31.73 25.74
N LYS B 313 -23.67 -32.71 25.78
CA LYS B 313 -24.09 -33.42 24.58
C LYS B 313 -25.01 -32.50 23.76
N CYS B 314 -25.00 -32.69 22.43
CA CYS B 314 -25.80 -31.88 21.53
C CYS B 314 -27.20 -32.52 21.35
N PRO B 315 -28.27 -31.69 21.23
CA PRO B 315 -29.63 -32.22 20.99
C PRO B 315 -29.81 -33.03 19.67
N CYS B 316 -28.84 -33.00 18.71
CA CYS B 316 -28.95 -33.78 17.45
C CYS B 316 -28.69 -35.29 17.73
N GLY B 317 -28.18 -35.59 18.92
CA GLY B 317 -27.87 -36.95 19.34
C GLY B 317 -26.48 -37.44 18.99
N ARG B 318 -25.70 -36.61 18.26
CA ARG B 318 -24.33 -37.00 17.89
C ARG B 318 -23.45 -36.84 19.10
N THR B 319 -22.60 -37.83 19.34
CA THR B 319 -21.73 -37.88 20.51
C THR B 319 -20.38 -37.15 20.28
N HIS B 320 -20.00 -36.93 19.01
CA HIS B 320 -18.74 -36.29 18.63
C HIS B 320 -18.70 -34.84 19.15
N LEU B 321 -17.58 -34.48 19.82
CA LEU B 321 -17.37 -33.15 20.44
C LEU B 321 -17.60 -32.02 19.42
N ARG B 322 -17.99 -30.86 19.95
CA ARG B 322 -18.23 -29.62 19.22
C ARG B 322 -17.20 -28.57 19.62
N ILE B 323 -16.64 -27.89 18.62
CA ILE B 323 -15.72 -26.79 18.82
C ILE B 323 -16.45 -25.50 18.54
N ASP B 324 -16.04 -24.45 19.25
CA ASP B 324 -16.60 -23.14 19.03
C ASP B 324 -16.03 -22.56 17.72
N ARG B 325 -16.67 -21.51 17.24
CA ARG B 325 -16.36 -20.64 16.14
C ARG B 325 -14.87 -20.29 16.23
N ILE B 326 -14.10 -20.44 15.14
CA ILE B 326 -12.67 -20.15 15.24
C ILE B 326 -12.51 -18.65 15.51
N LYS B 327 -11.91 -18.35 16.69
CA LYS B 327 -11.53 -17.01 17.20
C LYS B 327 -10.67 -16.29 16.16
N GLY B 328 -9.76 -17.06 15.55
CA GLY B 328 -8.82 -16.67 14.50
C GLY B 328 -7.58 -17.53 14.52
N ARG B 329 -6.64 -17.23 13.61
CA ARG B 329 -5.33 -17.89 13.51
C ARG B 329 -4.31 -16.96 14.15
N SER B 330 -3.26 -17.54 14.83
CA SER B 330 -2.16 -16.82 15.50
CA SER B 330 -2.18 -16.80 15.52
C SER B 330 -1.53 -15.72 14.62
N ASP B 331 -1.44 -15.95 13.29
CA ASP B 331 -0.85 -15.05 12.29
C ASP B 331 -1.81 -13.88 11.91
N ASP B 332 -3.08 -13.93 12.35
CA ASP B 332 -4.08 -12.89 12.12
C ASP B 332 -3.94 -11.80 13.18
N PHE B 334 -2.59 -8.95 15.49
CA PHE B 334 -1.77 -7.78 15.22
C PHE B 334 -1.61 -6.95 16.48
N ILE B 335 -0.41 -6.37 16.67
CA ILE B 335 -0.04 -5.58 17.85
C ILE B 335 0.11 -4.10 17.43
N ILE B 336 -0.54 -3.20 18.18
CA ILE B 336 -0.55 -1.75 17.99
C ILE B 336 -0.58 -1.11 19.36
N LYS B 337 0.45 -0.27 19.67
CA LYS B 337 0.67 0.40 20.95
C LYS B 337 0.89 -0.66 22.07
N GLY B 338 1.58 -1.75 21.71
CA GLY B 338 1.88 -2.87 22.61
C GLY B 338 0.69 -3.72 23.03
N VAL B 339 -0.49 -3.51 22.39
CA VAL B 339 -1.74 -4.21 22.71
C VAL B 339 -2.11 -5.18 21.57
N ASN B 340 -2.38 -6.45 21.94
CA ASN B 340 -2.76 -7.55 21.03
C ASN B 340 -4.23 -7.47 20.62
N ILE B 341 -4.49 -7.49 19.31
CA ILE B 341 -5.87 -7.40 18.80
C ILE B 341 -6.10 -8.44 17.69
N PHE B 342 -7.27 -9.08 17.71
CA PHE B 342 -7.75 -10.01 16.69
C PHE B 342 -8.83 -9.34 15.83
N PRO B 343 -8.84 -9.48 14.49
CA PRO B 343 -9.86 -8.78 13.68
C PRO B 343 -11.30 -9.20 14.02
N GLN B 345 -12.58 -9.32 16.98
CA GLN B 345 -12.99 -8.40 18.04
C GLN B 345 -13.64 -7.16 17.44
N VAL B 346 -13.09 -6.70 16.29
CA VAL B 346 -13.55 -5.54 15.50
C VAL B 346 -14.86 -5.93 14.78
N GLU B 347 -14.94 -7.16 14.19
CA GLU B 347 -16.14 -7.64 13.52
C GLU B 347 -17.29 -7.81 14.55
N LYS B 348 -17.01 -8.42 15.74
CA LYS B 348 -18.02 -8.64 16.81
C LYS B 348 -18.78 -7.34 17.18
N ILE B 349 -18.15 -6.17 17.00
CA ILE B 349 -18.73 -4.88 17.31
C ILE B 349 -19.46 -4.31 16.08
N LEU B 350 -18.84 -4.33 14.87
CA LEU B 350 -19.39 -3.78 13.64
C LEU B 350 -20.72 -4.45 13.21
N VAL B 351 -20.82 -5.79 13.28
CA VAL B 351 -22.00 -6.57 12.85
C VAL B 351 -23.28 -6.18 13.62
N GLN B 352 -23.14 -5.63 14.85
CA GLN B 352 -24.29 -5.28 15.68
CA GLN B 352 -24.23 -5.21 15.74
C GLN B 352 -24.98 -3.98 15.18
N PHE B 353 -24.32 -3.18 14.31
CA PHE B 353 -24.86 -1.95 13.73
C PHE B 353 -25.52 -2.22 12.35
N PRO B 354 -26.87 -2.14 12.26
CA PRO B 354 -27.55 -2.43 10.98
C PRO B 354 -27.37 -1.33 9.91
N GLU B 355 -26.77 -0.17 10.27
CA GLU B 355 -26.53 0.94 9.35
C GLU B 355 -25.26 0.68 8.51
N LEU B 356 -24.48 -0.33 8.91
CA LEU B 356 -23.22 -0.70 8.25
C LEU B 356 -23.38 -1.92 7.33
N GLY B 357 -22.47 -1.99 6.36
CA GLY B 357 -22.36 -3.11 5.43
C GLY B 357 -21.48 -4.19 6.00
N SER B 358 -21.27 -5.26 5.24
CA SER B 358 -20.49 -6.41 5.68
C SER B 358 -18.98 -6.29 5.36
N ASN B 359 -18.61 -5.35 4.45
CA ASN B 359 -17.20 -5.19 4.07
C ASN B 359 -16.55 -4.09 4.91
N TYR B 360 -15.39 -4.42 5.51
CA TYR B 360 -14.57 -3.55 6.36
C TYR B 360 -13.08 -3.85 6.13
N LEU B 361 -12.21 -2.87 6.44
CA LEU B 361 -10.75 -3.00 6.32
C LEU B 361 -10.04 -2.28 7.47
N ILE B 362 -9.10 -2.99 8.12
CA ILE B 362 -8.26 -2.49 9.20
C ILE B 362 -6.89 -2.15 8.59
N THR B 363 -6.49 -0.87 8.67
CA THR B 363 -5.22 -0.40 8.13
C THR B 363 -4.34 0.07 9.30
N LEU B 364 -3.10 -0.41 9.33
CA LEU B 364 -2.13 -0.10 10.36
C LEU B 364 -1.01 0.76 9.74
N GLU B 365 -0.85 2.01 10.25
CA GLU B 365 0.15 2.94 9.71
C GLU B 365 0.99 3.59 10.82
N THR B 366 2.17 4.16 10.44
CA THR B 366 3.05 4.89 11.34
C THR B 366 2.99 6.39 11.00
N ASP B 371 2.13 4.70 16.04
CA ASP B 371 1.25 3.80 15.29
C ASP B 371 -0.22 4.23 15.40
N GLU B 372 -0.95 4.09 14.27
CA GLU B 372 -2.36 4.43 14.13
C GLU B 372 -3.11 3.29 13.45
N ILE B 374 -6.67 2.35 11.57
CA ILE B 374 -7.81 2.87 10.83
C ILE B 374 -8.77 1.74 10.52
N VAL B 375 -10.05 1.92 10.88
CA VAL B 375 -11.10 0.95 10.62
C VAL B 375 -12.08 1.58 9.64
N GLU B 376 -11.97 1.18 8.36
CA GLU B 376 -12.88 1.57 7.28
C GLU B 376 -14.00 0.55 7.19
N VAL B 377 -15.26 1.00 7.15
CA VAL B 377 -16.39 0.08 7.06
C VAL B 377 -17.43 0.75 6.13
N GLU B 378 -17.93 -0.04 5.16
CA GLU B 378 -18.91 0.40 4.17
C GLU B 378 -20.26 0.66 4.78
N LEU B 379 -20.97 1.66 4.23
CA LEU B 379 -22.32 2.02 4.62
C LEU B 379 -23.33 1.08 3.95
N SER B 380 -24.44 0.81 4.66
CA SER B 380 -25.49 -0.06 4.14
C SER B 380 -26.43 0.75 3.27
N ASP B 381 -26.97 0.06 2.25
CA ASP B 381 -27.91 0.56 1.24
C ASP B 381 -29.26 0.93 1.90
N LEU B 382 -29.69 0.12 2.90
CA LEU B 382 -30.95 0.29 3.66
C LEU B 382 -30.98 1.59 4.46
N SER B 383 -29.79 2.12 4.84
CA SER B 383 -29.61 3.34 5.63
C SER B 383 -30.25 4.56 4.93
N THR B 384 -31.20 5.19 5.65
CA THR B 384 -31.92 6.38 5.25
C THR B 384 -31.54 7.48 6.25
N ASP B 385 -30.41 7.26 6.96
CA ASP B 385 -29.84 8.12 7.99
C ASP B 385 -29.15 9.35 7.39
N ASN B 386 -29.25 10.45 8.12
CA ASN B 386 -28.66 11.74 7.79
C ASN B 386 -27.27 11.84 8.46
N TYR B 387 -26.51 12.92 8.15
CA TYR B 387 -25.15 13.14 8.65
C TYR B 387 -25.08 13.04 10.19
N ILE B 388 -25.84 13.89 10.92
CA ILE B 388 -25.87 14.00 12.39
C ILE B 388 -26.08 12.60 13.05
N GLU B 389 -27.06 11.82 12.56
CA GLU B 389 -27.38 10.51 13.10
C GLU B 389 -26.29 9.48 12.75
N LEU B 390 -25.70 9.55 11.53
CA LEU B 390 -24.63 8.65 11.11
C LEU B 390 -23.31 8.96 11.83
N GLU B 391 -23.04 10.25 12.11
CA GLU B 391 -21.85 10.69 12.82
C GLU B 391 -21.91 10.24 14.29
N LYS B 392 -23.13 10.23 14.87
CA LYS B 392 -23.39 9.75 16.24
C LYS B 392 -23.17 8.23 16.31
N ILE B 393 -23.50 7.50 15.23
CA ILE B 393 -23.29 6.05 15.11
C ILE B 393 -21.77 5.79 15.01
N ARG B 394 -21.04 6.63 14.24
CA ARG B 394 -19.58 6.51 14.07
C ARG B 394 -18.88 6.72 15.41
N ARG B 395 -19.41 7.62 16.26
CA ARG B 395 -18.89 7.93 17.61
C ARG B 395 -19.08 6.72 18.55
N ASP B 396 -20.24 6.06 18.45
CA ASP B 396 -20.63 4.87 19.22
C ASP B 396 -19.69 3.68 18.91
N ILE B 397 -19.24 3.58 17.64
CA ILE B 397 -18.37 2.52 17.12
C ILE B 397 -16.94 2.73 17.68
N ILE B 398 -16.35 3.94 17.52
CA ILE B 398 -15.00 4.28 18.05
C ILE B 398 -14.94 3.91 19.54
N ARG B 399 -16.05 4.17 20.26
CA ARG B 399 -16.22 3.94 21.68
C ARG B 399 -16.27 2.44 22.01
N GLN B 400 -17.16 1.66 21.37
CA GLN B 400 -17.28 0.22 21.65
C GLN B 400 -16.01 -0.54 21.24
N LEU B 401 -15.30 -0.03 20.21
CA LEU B 401 -14.02 -0.58 19.76
C LEU B 401 -12.94 -0.29 20.79
N LYS B 402 -12.96 0.92 21.40
CA LYS B 402 -12.01 1.32 22.44
C LYS B 402 -12.19 0.48 23.70
N ASP B 403 -13.44 0.07 24.00
CA ASP B 403 -13.75 -0.72 25.19
C ASP B 403 -13.33 -2.19 25.03
N GLU B 404 -13.48 -2.79 23.82
CA GLU B 404 -13.14 -4.20 23.57
C GLU B 404 -11.64 -4.39 23.22
N ILE B 405 -11.12 -3.69 22.19
CA ILE B 405 -9.74 -3.91 21.71
C ILE B 405 -8.73 -3.17 22.62
N LEU B 406 -9.22 -2.32 23.56
CA LEU B 406 -8.45 -1.56 24.58
C LEU B 406 -7.46 -0.54 23.95
N VAL B 407 -7.74 -0.08 22.72
CA VAL B 407 -7.01 0.97 21.99
C VAL B 407 -8.07 1.80 21.27
N THR B 408 -7.87 3.10 21.12
CA THR B 408 -8.82 3.96 20.43
C THR B 408 -8.47 4.00 18.93
N PRO B 409 -9.30 3.38 18.05
CA PRO B 409 -8.99 3.43 16.61
C PRO B 409 -9.66 4.61 15.90
N LYS B 410 -9.19 4.91 14.69
CA LYS B 410 -9.81 5.92 13.82
C LYS B 410 -10.85 5.17 12.96
N VAL B 411 -12.13 5.58 13.00
CA VAL B 411 -13.20 4.89 12.26
C VAL B 411 -13.70 5.79 11.13
N LYS B 412 -13.75 5.24 9.90
CA LYS B 412 -14.20 5.97 8.73
C LYS B 412 -15.33 5.19 8.05
N LEU B 413 -16.50 5.84 7.91
CA LEU B 413 -17.64 5.25 7.21
C LEU B 413 -17.44 5.53 5.73
N VAL B 414 -17.25 4.48 4.91
CA VAL B 414 -16.96 4.66 3.49
C VAL B 414 -18.17 4.22 2.62
N LYS B 415 -18.15 4.60 1.32
CA LYS B 415 -19.20 4.29 0.34
C LYS B 415 -19.29 2.77 0.09
N LYS B 416 -20.52 2.26 -0.12
CA LYS B 416 -20.77 0.85 -0.44
C LYS B 416 -20.08 0.52 -1.77
N GLY B 417 -19.22 -0.50 -1.74
CA GLY B 417 -18.45 -0.94 -2.89
C GLY B 417 -17.08 -0.31 -3.04
N SER B 418 -16.77 0.75 -2.24
CA SER B 418 -15.49 1.46 -2.28
C SER B 418 -14.33 0.60 -1.79
N LEU B 419 -14.56 -0.25 -0.77
CA LEU B 419 -13.54 -1.17 -0.26
C LEU B 419 -13.34 -2.32 -1.24
N PRO B 420 -12.09 -2.80 -1.47
CA PRO B 420 -11.87 -3.87 -2.46
C PRO B 420 -12.38 -5.24 -2.00
N GLN B 421 -12.72 -6.09 -2.98
CA GLN B 421 -13.18 -7.47 -2.78
C GLN B 421 -12.08 -8.41 -3.22
N SER B 422 -11.67 -9.33 -2.34
CA SER B 422 -10.59 -10.28 -2.62
C SER B 422 -11.06 -11.44 -3.48
N GLU B 423 -10.12 -12.04 -4.24
CA GLU B 423 -10.37 -13.21 -5.10
C GLU B 423 -10.69 -14.43 -4.23
N GLY B 424 -9.96 -14.55 -3.12
CA GLY B 424 -10.14 -15.63 -2.15
C GLY B 424 -10.57 -15.07 -0.81
N LYS B 425 -10.01 -15.62 0.30
CA LYS B 425 -10.29 -15.15 1.66
C LYS B 425 -10.10 -13.66 1.72
N ALA B 426 -11.08 -12.95 2.28
CA ALA B 426 -10.98 -11.49 2.40
C ALA B 426 -9.82 -11.12 3.34
N VAL B 427 -9.06 -10.09 2.96
CA VAL B 427 -7.95 -9.57 3.76
C VAL B 427 -8.53 -8.44 4.60
N ARG B 428 -8.63 -8.64 5.92
CA ARG B 428 -9.23 -7.68 6.82
C ARG B 428 -8.20 -6.71 7.43
N VAL B 429 -6.89 -7.05 7.36
CA VAL B 429 -5.82 -6.21 7.93
C VAL B 429 -4.76 -5.90 6.85
N LYS B 430 -4.46 -4.60 6.70
CA LYS B 430 -3.43 -4.04 5.82
C LYS B 430 -2.40 -3.34 6.72
N ASP B 431 -1.23 -3.97 6.94
CA ASP B 431 -0.19 -3.42 7.81
C ASP B 431 0.85 -2.69 6.94
N LEU B 432 0.76 -1.34 6.95
CA LEU B 432 1.61 -0.43 6.16
C LEU B 432 2.79 0.15 7.00
N ARG B 433 3.10 -0.48 8.14
CA ARG B 433 4.18 -0.07 9.03
C ARG B 433 5.51 -0.67 8.57
N GLY C 1 22.62 40.46 44.81
CA GLY C 1 23.38 39.33 45.30
C GLY C 1 24.85 39.41 44.97
N SER C 3 26.98 36.72 45.08
CA SER C 3 27.28 35.50 44.35
C SER C 3 26.56 35.49 42.98
N THR C 4 25.68 36.50 42.73
CA THR C 4 24.91 36.63 41.47
C THR C 4 25.86 37.04 40.32
N GLN C 5 25.67 36.41 39.13
CA GLN C 5 26.43 36.68 37.92
C GLN C 5 25.52 37.27 36.84
N TYR C 6 26.06 38.27 36.13
CA TYR C 6 25.31 39.00 35.10
C TYR C 6 25.98 38.91 33.72
N TRP C 7 25.15 38.85 32.66
CA TRP C 7 25.57 38.85 31.27
C TRP C 7 26.17 40.22 30.92
N GLU C 8 25.49 41.30 31.37
CA GLU C 8 25.84 42.72 31.20
C GLU C 8 25.59 43.45 32.52
N GLU C 9 26.50 43.26 33.52
CA GLU C 9 26.38 43.80 34.88
C GLU C 9 26.11 45.32 34.87
N GLU C 10 26.82 46.09 34.02
CA GLU C 10 26.69 47.56 33.95
C GLU C 10 25.22 47.97 33.65
N ILE C 11 24.50 47.18 32.85
CA ILE C 11 23.11 47.47 32.51
C ILE C 11 22.15 46.82 33.52
N GLU C 12 22.41 45.56 33.91
CA GLU C 12 21.52 44.76 34.73
C GLU C 12 21.41 45.30 36.18
N ILE C 13 22.44 46.01 36.70
CA ILE C 13 22.35 46.57 38.05
C ILE C 13 22.47 48.12 37.97
N SER C 15 21.81 52.03 38.11
CA SER C 15 20.94 52.80 39.01
C SER C 15 19.69 53.31 38.29
N ARG C 16 18.58 53.48 39.03
CA ARG C 16 17.31 53.96 38.47
C ARG C 16 17.52 55.31 37.76
N GLU C 17 18.37 56.18 38.32
CA GLU C 17 18.71 57.50 37.79
C GLU C 17 19.38 57.36 36.41
N LYS C 18 20.39 56.48 36.30
CA LYS C 18 21.13 56.23 35.06
C LYS C 18 20.25 55.49 34.03
N LEU C 19 19.32 54.59 34.50
CA LEU C 19 18.36 53.87 33.64
C LEU C 19 17.43 54.83 32.92
N GLN C 20 16.95 55.87 33.65
CA GLN C 20 16.04 56.91 33.15
C GLN C 20 16.71 57.75 32.08
N GLU C 21 17.98 58.17 32.30
CA GLU C 21 18.67 58.98 31.29
C GLU C 21 18.98 58.11 30.06
N LEU C 22 19.19 56.78 30.24
CA LEU C 22 19.40 55.87 29.11
C LEU C 22 18.09 55.71 28.34
N GLN C 23 16.96 55.53 29.07
CA GLN C 23 15.64 55.39 28.45
C GLN C 23 15.26 56.66 27.69
N LEU C 24 15.52 57.84 28.28
CA LEU C 24 15.21 59.14 27.65
C LEU C 24 16.02 59.34 26.39
N GLN C 25 17.33 59.03 26.43
CA GLN C 25 18.22 59.14 25.27
C GLN C 25 17.68 58.24 24.12
N ARG C 26 17.35 56.96 24.42
CA ARG C 26 16.87 56.01 23.44
C ARG C 26 15.41 56.30 23.01
N LEU C 27 14.59 56.93 23.87
CA LEU C 27 13.20 57.29 23.53
C LEU C 27 13.21 58.40 22.47
N LYS C 28 14.08 59.42 22.65
CA LYS C 28 14.24 60.51 21.69
C LYS C 28 14.73 59.96 20.34
N LYS C 29 15.73 59.05 20.36
CA LYS C 29 16.30 58.41 19.17
C LYS C 29 15.22 57.61 18.41
N THR C 30 14.39 56.85 19.14
CA THR C 30 13.31 56.02 18.59
C THR C 30 12.28 56.90 17.87
N ILE C 31 11.90 58.01 18.49
CA ILE C 31 10.91 58.95 17.94
C ILE C 31 11.47 59.60 16.67
N ASN C 32 12.76 59.98 16.66
CA ASN C 32 13.40 60.58 15.49
C ASN C 32 13.44 59.56 14.33
N ILE C 33 13.72 58.27 14.63
CA ILE C 33 13.74 57.20 13.63
C ILE C 33 12.31 56.95 13.12
N ALA C 34 11.34 56.69 14.05
CA ALA C 34 9.94 56.37 13.75
C ALA C 34 9.29 57.42 12.85
N ALA C 35 9.70 58.69 12.98
CA ALA C 35 9.20 59.83 12.21
C ALA C 35 9.40 59.64 10.69
N ASN C 36 10.31 58.74 10.27
CA ASN C 36 10.59 58.45 8.85
C ASN C 36 9.58 57.47 8.27
N SER C 37 8.83 56.75 9.13
CA SER C 37 7.82 55.81 8.65
C SER C 37 6.57 56.56 8.22
N PRO C 38 5.86 56.12 7.15
CA PRO C 38 4.62 56.81 6.75
C PRO C 38 3.60 56.94 7.89
N TYR C 39 3.43 55.87 8.71
CA TYR C 39 2.48 55.84 9.81
C TYR C 39 2.83 56.86 10.91
N TYR C 40 4.07 56.84 11.45
CA TYR C 40 4.39 57.72 12.56
C TYR C 40 4.60 59.15 12.08
N LYS C 41 4.95 59.36 10.79
CA LYS C 41 5.10 60.70 10.21
C LYS C 41 3.75 61.44 10.31
N GLU C 42 2.65 60.75 9.95
CA GLU C 42 1.28 61.26 9.96
C GLU C 42 0.78 61.44 11.41
N VAL C 43 1.00 60.43 12.30
CA VAL C 43 0.60 60.47 13.72
C VAL C 43 1.24 61.68 14.39
N PHE C 44 2.56 61.86 14.19
CA PHE C 44 3.33 62.97 14.78
C PHE C 44 2.87 64.29 14.21
N SER C 45 2.55 64.33 12.90
CA SER C 45 2.06 65.54 12.21
C SER C 45 0.71 66.00 12.79
N LYS C 46 -0.23 65.06 12.99
CA LYS C 46 -1.57 65.37 13.50
C LYS C 46 -1.57 65.69 14.98
N ASN C 47 -0.57 65.22 15.75
CA ASN C 47 -0.53 65.42 17.20
C ASN C 47 0.57 66.39 17.63
N GLY C 48 1.16 67.10 16.67
CA GLY C 48 2.22 68.09 16.90
C GLY C 48 3.42 67.56 17.64
N ILE C 49 3.85 66.32 17.30
CA ILE C 49 5.00 65.66 17.90
C ILE C 49 6.22 65.99 17.06
N THR C 50 7.17 66.74 17.67
CA THR C 50 8.42 67.17 17.04
C THR C 50 9.63 66.58 17.82
N GLY C 51 10.83 67.05 17.47
CA GLY C 51 12.07 66.63 18.12
C GLY C 51 12.24 67.22 19.50
N ASP C 52 11.39 68.22 19.86
CA ASP C 52 11.42 68.92 21.14
C ASP C 52 10.23 68.53 22.06
N SER C 53 9.33 67.64 21.61
CA SER C 53 8.16 67.23 22.38
C SER C 53 8.56 66.35 23.59
N ILE C 54 9.63 65.55 23.44
CA ILE C 54 10.10 64.65 24.49
C ILE C 54 11.33 65.25 25.17
N GLN C 55 11.12 65.74 26.40
CA GLN C 55 12.16 66.32 27.26
C GLN C 55 12.29 65.50 28.53
N SER C 56 11.23 64.70 28.85
CA SER C 56 11.19 63.77 29.99
C SER C 56 10.46 62.49 29.56
N LEU C 57 10.60 61.42 30.36
CA LEU C 57 9.95 60.13 30.07
C LEU C 57 8.42 60.25 30.14
N ASP C 58 7.89 61.16 30.98
CA ASP C 58 6.45 61.42 31.12
C ASP C 58 5.86 62.05 29.85
N ASP C 59 6.69 62.79 29.06
CA ASP C 59 6.27 63.41 27.80
C ASP C 59 5.85 62.37 26.73
N ILE C 60 6.11 61.06 26.94
CA ILE C 60 5.71 60.00 26.01
C ILE C 60 4.18 59.97 25.90
N ARG C 61 3.46 60.39 26.99
CA ARG C 61 2.00 60.41 27.09
C ARG C 61 1.39 61.46 26.16
N LYS C 62 2.22 62.30 25.50
CA LYS C 62 1.79 63.25 24.48
C LYS C 62 1.44 62.53 23.19
N ILE C 63 2.09 61.38 22.95
CA ILE C 63 1.95 60.53 21.76
C ILE C 63 0.77 59.55 21.95
N PRO C 64 -0.14 59.43 20.95
CA PRO C 64 -1.24 58.45 21.09
C PRO C 64 -0.74 57.00 21.02
N PHE C 65 -1.57 56.07 21.48
CA PHE C 65 -1.25 54.64 21.45
C PHE C 65 -1.25 54.07 20.03
N THR C 66 -0.44 53.02 19.81
CA THR C 66 -0.43 52.26 18.57
C THR C 66 -1.20 50.99 18.87
N THR C 67 -2.28 50.76 18.13
CA THR C 67 -3.09 49.55 18.33
C THR C 67 -2.78 48.55 17.22
N LYS C 68 -3.25 47.32 17.40
CA LYS C 68 -3.13 46.27 16.41
C LYS C 68 -3.94 46.65 15.16
N SER C 69 -5.13 47.26 15.36
CA SER C 69 -5.99 47.75 14.28
C SER C 69 -5.23 48.74 13.37
N ASP C 70 -4.47 49.67 13.98
CA ASP C 70 -3.64 50.65 13.26
C ASP C 70 -2.60 49.94 12.40
N ARG C 72 -2.69 46.75 11.32
CA ARG C 72 -3.43 46.03 10.28
C ARG C 72 -3.79 46.94 9.13
N ALA C 73 -4.19 48.18 9.47
CA ALA C 73 -4.57 49.22 8.51
C ALA C 73 -3.36 49.71 7.71
N ASN C 74 -2.14 49.51 8.23
CA ASN C 74 -0.93 49.97 7.55
C ASN C 74 -0.06 48.78 7.08
N TYR C 75 -0.70 47.61 6.92
CA TYR C 75 -0.07 46.39 6.45
C TYR C 75 0.29 46.50 4.96
N PRO C 76 1.48 46.02 4.55
CA PRO C 76 2.51 45.37 5.39
C PRO C 76 3.61 46.31 5.94
N PHE C 77 3.95 47.40 5.26
CA PHE C 77 5.14 48.16 5.66
C PHE C 77 4.89 49.64 6.01
N GLY C 78 3.68 50.03 6.40
CA GLY C 78 3.39 51.41 6.78
C GLY C 78 4.16 51.94 7.98
N LEU C 79 4.64 51.05 8.87
CA LEU C 79 5.38 51.46 10.07
C LEU C 79 6.89 51.19 9.92
N VAL C 80 7.36 50.82 8.70
CA VAL C 80 8.81 50.62 8.45
C VAL C 80 9.45 52.01 8.34
N ALA C 81 10.41 52.29 9.24
CA ALA C 81 11.10 53.57 9.34
C ALA C 81 12.45 53.58 8.61
N GLY C 82 13.18 52.47 8.62
CA GLY C 82 14.48 52.37 7.98
C GLY C 82 14.46 52.07 6.49
N ASP C 83 15.66 51.76 5.93
CA ASP C 83 15.84 51.44 4.52
C ASP C 83 15.78 49.94 4.39
N LYS C 85 15.11 47.93 1.80
CA LYS C 85 15.71 47.34 0.62
C LYS C 85 17.17 46.99 0.87
N ARG C 86 17.95 47.87 1.48
CA ARG C 86 19.37 47.61 1.75
C ARG C 86 19.62 47.11 3.16
N ASP C 87 18.86 47.53 4.19
CA ASP C 87 19.20 47.11 5.55
C ASP C 87 18.22 46.11 6.19
N GLY C 88 17.04 45.90 5.60
CA GLY C 88 16.07 44.93 6.14
C GLY C 88 16.53 43.51 5.87
N VAL C 89 16.62 42.67 6.93
CA VAL C 89 17.15 41.30 6.76
C VAL C 89 16.11 40.22 7.20
N ARG C 90 14.99 40.60 7.84
CA ARG C 90 13.99 39.61 8.24
C ARG C 90 12.62 40.21 8.43
N ILE C 91 11.60 39.40 8.11
CA ILE C 91 10.19 39.64 8.35
C ILE C 91 9.65 38.53 9.24
N HIS C 92 9.05 38.88 10.37
CA HIS C 92 8.29 37.98 11.20
C HIS C 92 6.84 38.39 11.04
N SER C 93 6.02 37.50 10.49
CA SER C 93 4.60 37.72 10.19
C SER C 93 3.71 36.87 11.12
N SER C 94 2.53 37.39 11.48
CA SER C 94 1.57 36.62 12.27
C SER C 94 0.79 35.71 11.28
N SER C 95 -0.08 34.82 11.79
CA SER C 95 -0.82 33.86 10.96
C SER C 95 -1.94 34.48 10.10
N GLY C 96 -2.40 33.72 9.11
CA GLY C 96 -3.54 34.08 8.29
C GLY C 96 -3.39 34.60 6.88
N THR C 97 -4.49 34.47 6.12
CA THR C 97 -4.68 34.90 4.73
C THR C 97 -6.07 35.58 4.58
N THR C 98 -6.94 35.44 5.61
CA THR C 98 -8.33 35.96 5.65
C THR C 98 -8.38 37.47 6.01
N GLY C 99 -7.26 37.99 6.51
CA GLY C 99 -7.11 39.38 6.90
C GLY C 99 -5.65 39.77 6.89
N ASN C 100 -5.37 41.06 7.13
CA ASN C 100 -3.99 41.55 7.14
C ASN C 100 -3.28 41.11 8.41
N PRO C 101 -2.24 40.25 8.29
CA PRO C 101 -1.46 39.87 9.49
C PRO C 101 -0.61 41.04 10.02
N THR C 102 0.15 40.74 11.09
CA THR C 102 1.09 41.64 11.75
C THR C 102 2.44 41.35 11.15
N VAL C 103 3.14 42.37 10.71
CA VAL C 103 4.47 42.19 10.14
C VAL C 103 5.44 43.03 10.97
N ILE C 104 6.57 42.43 11.39
CA ILE C 104 7.67 43.08 12.10
C ILE C 104 8.91 42.91 11.19
N VAL C 105 9.52 44.04 10.80
CA VAL C 105 10.68 44.03 9.92
C VAL C 105 11.91 44.41 10.76
N HIS C 106 12.97 43.58 10.67
CA HIS C 106 14.23 43.72 11.37
C HIS C 106 15.39 43.95 10.46
N SER C 107 16.35 44.78 10.92
CA SER C 107 17.68 44.99 10.35
C SER C 107 18.62 44.06 11.08
N GLN C 108 19.91 44.02 10.68
CA GLN C 108 20.91 43.21 11.37
C GLN C 108 21.07 43.73 12.82
N HIS C 109 21.08 45.05 13.01
CA HIS C 109 21.14 45.66 14.34
C HIS C 109 20.04 45.08 15.25
N ASP C 110 18.79 45.07 14.77
CA ASP C 110 17.60 44.61 15.47
C ASP C 110 17.70 43.11 15.83
N LEU C 111 18.25 42.29 14.94
CA LEU C 111 18.42 40.86 15.19
C LEU C 111 19.46 40.62 16.28
N ASP C 112 20.57 41.38 16.26
CA ASP C 112 21.67 41.30 17.22
C ASP C 112 21.22 41.78 18.60
N SER C 113 20.39 42.85 18.65
CA SER C 113 19.84 43.38 19.90
C SER C 113 18.95 42.34 20.55
N TRP C 114 18.18 41.64 19.71
CA TRP C 114 17.23 40.63 20.11
C TRP C 114 18.01 39.40 20.62
N ALA C 115 19.02 38.93 19.87
CA ALA C 115 19.88 37.80 20.29
C ALA C 115 20.57 38.09 21.64
N ASN C 116 21.04 39.33 21.82
CA ASN C 116 21.70 39.74 23.06
C ASN C 116 20.73 39.67 24.25
N LEU C 117 19.47 40.10 24.07
CA LEU C 117 18.47 40.04 25.13
C LEU C 117 18.15 38.61 25.52
N VAL C 118 18.07 37.69 24.51
CA VAL C 118 17.78 36.29 24.77
C VAL C 118 18.99 35.67 25.52
N ALA C 119 20.22 36.01 25.11
CA ALA C 119 21.48 35.59 25.73
C ALA C 119 21.54 36.05 27.19
N ARG C 120 21.10 37.31 27.45
CA ARG C 120 21.03 37.93 28.78
C ARG C 120 20.08 37.16 29.69
N CYS C 121 18.90 36.80 29.17
CA CYS C 121 17.84 36.05 29.86
C CYS C 121 18.33 34.68 30.27
N LEU C 122 18.90 33.91 29.30
CA LEU C 122 19.38 32.55 29.53
C LEU C 122 20.50 32.53 30.57
N TYR C 123 21.44 33.48 30.48
CA TYR C 123 22.56 33.59 31.40
C TYR C 123 22.05 33.90 32.81
N VAL C 125 19.31 32.99 34.30
CA VAL C 125 18.73 31.85 35.01
C VAL C 125 19.78 30.71 35.18
N GLY C 126 21.06 31.01 34.91
CA GLY C 126 22.17 30.08 35.12
C GLY C 126 22.63 29.23 33.96
N ILE C 127 22.08 29.46 32.76
CA ILE C 127 22.48 28.73 31.55
C ILE C 127 23.81 29.36 31.08
N ARG C 128 24.76 28.50 30.66
CA ARG C 128 26.10 28.88 30.21
C ARG C 128 26.41 28.27 28.85
N LYS C 129 27.57 28.62 28.26
CA LYS C 129 27.99 28.08 26.95
C LYS C 129 28.21 26.55 27.06
N THR C 130 28.47 26.03 28.28
CA THR C 130 28.70 24.61 28.57
C THR C 130 27.39 23.81 28.53
N ASP C 131 26.22 24.50 28.51
CA ASP C 131 24.92 23.86 28.47
C ASP C 131 24.55 23.38 27.06
N VAL C 132 23.76 22.31 27.01
CA VAL C 132 23.16 21.76 25.78
C VAL C 132 21.71 22.24 25.78
N PHE C 133 21.41 23.24 24.93
CA PHE C 133 20.11 23.90 24.87
C PHE C 133 19.22 23.34 23.77
N GLN C 134 18.07 22.77 24.13
CA GLN C 134 17.10 22.22 23.17
C GLN C 134 15.91 23.16 23.05
N ASN C 135 15.56 23.47 21.78
CA ASN C 135 14.43 24.35 21.50
C ASN C 135 13.28 23.55 20.89
N SER C 136 12.19 23.37 21.66
CA SER C 136 11.01 22.63 21.21
C SER C 136 9.94 23.57 20.64
N SER C 137 10.24 24.85 20.50
CA SER C 137 9.35 25.81 19.86
C SER C 137 9.38 25.63 18.35
N GLY C 138 8.27 25.93 17.70
CA GLY C 138 8.15 25.90 16.25
C GLY C 138 9.08 26.95 15.65
N TYR C 139 9.63 26.65 14.46
CA TYR C 139 10.54 27.58 13.82
C TYR C 139 9.74 28.33 12.73
N GLY C 140 10.36 28.71 11.62
CA GLY C 140 9.69 29.47 10.56
C GLY C 140 9.39 30.88 11.02
N PHE C 142 7.37 31.74 13.56
CA PHE C 142 7.29 31.80 15.01
C PHE C 142 8.58 32.35 15.58
N THR C 143 8.50 33.47 16.28
CA THR C 143 9.66 34.19 16.80
C THR C 143 10.42 33.39 17.89
N GLY C 144 9.76 32.40 18.51
CA GLY C 144 10.35 31.53 19.53
C GLY C 144 11.42 30.59 19.02
N GLY C 145 11.36 30.25 17.73
CA GLY C 145 12.30 29.36 17.08
C GLY C 145 13.62 30.04 16.84
N LEU C 146 13.62 30.98 15.91
CA LEU C 146 14.83 31.73 15.53
C LEU C 146 15.31 32.63 16.68
N GLY C 147 14.39 33.07 17.54
CA GLY C 147 14.69 33.92 18.69
C GLY C 147 15.65 33.28 19.66
N PHE C 148 15.25 32.12 20.20
CA PHE C 148 16.06 31.35 21.13
C PHE C 148 17.24 30.72 20.43
N GLN C 149 17.09 30.33 19.14
CA GLN C 149 18.20 29.77 18.34
C GLN C 149 19.40 30.74 18.34
N TYR C 150 19.19 31.99 17.91
CA TYR C 150 20.22 33.04 17.83
C TYR C 150 20.72 33.43 19.21
N GLY C 151 19.81 33.50 20.19
CA GLY C 151 20.15 33.85 21.56
C GLY C 151 21.03 32.83 22.25
N ALA C 152 20.70 31.52 22.10
CA ALA C 152 21.46 30.43 22.69
C ALA C 152 22.81 30.28 21.99
N GLU C 153 22.88 30.50 20.64
CA GLU C 153 24.17 30.47 19.93
C GLU C 153 25.04 31.66 20.36
N ARG C 154 24.42 32.84 20.57
CA ARG C 154 25.12 34.04 21.05
C ARG C 154 25.76 33.75 22.44
N LEU C 155 25.03 33.04 23.32
CA LEU C 155 25.55 32.64 24.62
C LEU C 155 26.68 31.58 24.42
N GLY C 156 26.53 30.72 23.42
CA GLY C 156 27.53 29.70 23.07
C GLY C 156 27.15 28.26 23.41
N CYS C 157 25.86 28.06 23.79
CA CYS C 157 25.31 26.73 24.09
C CYS C 157 25.44 25.80 22.90
N LEU C 158 25.53 24.49 23.15
CA LEU C 158 25.41 23.48 22.11
C LEU C 158 23.92 23.38 21.84
N THR C 159 23.42 24.01 20.77
CA THR C 159 21.97 24.08 20.56
C THR C 159 21.45 22.88 19.78
N VAL C 160 20.22 22.49 20.10
CA VAL C 160 19.48 21.38 19.48
C VAL C 160 18.21 21.98 18.89
N PRO C 161 18.20 22.39 17.60
CA PRO C 161 16.98 23.01 17.02
C PRO C 161 15.93 21.93 16.69
N ALA C 162 15.38 21.27 17.74
CA ALA C 162 14.43 20.17 17.63
C ALA C 162 13.13 20.59 16.96
N ALA C 163 12.70 21.86 17.19
CA ALA C 163 11.44 22.44 16.73
C ALA C 163 10.23 21.68 17.41
N ALA C 164 9.00 21.96 16.98
CA ALA C 164 7.81 21.43 17.65
C ALA C 164 7.58 19.93 17.43
N GLY C 165 6.86 19.34 18.40
CA GLY C 165 6.39 17.96 18.37
C GLY C 165 7.40 16.84 18.34
N ASN C 166 6.86 15.62 18.06
CA ASN C 166 7.55 14.33 17.99
C ASN C 166 8.26 14.11 19.34
N SER C 167 7.46 13.92 20.39
CA SER C 167 7.93 13.78 21.77
C SER C 167 8.94 12.65 21.95
N LYS C 168 8.77 11.51 21.23
CA LYS C 168 9.72 10.39 21.31
C LYS C 168 11.11 10.83 20.85
N ARG C 169 11.17 11.68 19.79
CA ARG C 169 12.44 12.20 19.24
C ARG C 169 13.03 13.25 20.20
N GLN C 170 12.17 14.07 20.87
CA GLN C 170 12.55 15.08 21.86
C GLN C 170 13.30 14.41 23.03
N ILE C 171 12.75 13.27 23.53
CA ILE C 171 13.29 12.46 24.63
C ILE C 171 14.61 11.78 24.16
N LYS C 172 14.65 11.32 22.90
CA LYS C 172 15.85 10.71 22.33
C LYS C 172 17.02 11.74 22.27
N PHE C 173 16.74 12.99 21.82
CA PHE C 173 17.72 14.09 21.76
C PHE C 173 18.24 14.42 23.17
N ILE C 174 17.34 14.48 24.17
CA ILE C 174 17.69 14.79 25.56
C ILE C 174 18.62 13.68 26.10
N SER C 175 18.28 12.41 25.84
CA SER C 175 19.07 11.26 26.33
C SER C 175 20.42 11.13 25.62
N ASP C 176 20.44 11.24 24.27
CA ASP C 176 21.64 11.05 23.45
C ASP C 176 22.57 12.29 23.41
N PHE C 177 22.02 13.53 23.44
CA PHE C 177 22.87 14.73 23.35
C PHE C 177 23.16 15.31 24.74
N LYS C 178 22.56 14.73 25.80
CA LYS C 178 22.70 15.13 27.20
C LYS C 178 22.28 16.60 27.38
N THR C 179 21.06 16.92 26.90
CA THR C 179 20.40 18.24 27.01
C THR C 179 20.29 18.65 28.47
N THR C 180 20.62 19.91 28.80
CA THR C 180 20.59 20.42 30.17
C THR C 180 19.59 21.59 30.28
N ALA C 181 19.35 22.32 29.18
CA ALA C 181 18.40 23.45 29.16
C ALA C 181 17.36 23.22 28.04
N LEU C 182 16.06 23.39 28.39
CA LEU C 182 14.99 23.11 27.42
C LEU C 182 13.99 24.24 27.37
N HIS C 183 13.66 24.67 26.15
CA HIS C 183 12.61 25.65 25.92
C HIS C 183 11.38 24.91 25.42
N ALA C 184 10.28 25.04 26.17
CA ALA C 184 9.00 24.41 25.85
C ALA C 184 7.85 25.18 26.44
N ILE C 185 6.63 25.10 25.85
CA ILE C 185 5.42 25.71 26.46
C ILE C 185 5.10 24.85 27.71
N PRO C 186 4.54 25.42 28.79
CA PRO C 186 4.30 24.62 30.02
C PRO C 186 3.59 23.27 29.79
N SER C 187 2.51 23.22 29.00
CA SER C 187 1.75 21.98 28.75
C SER C 187 2.60 20.95 27.98
N TYR C 188 3.52 21.39 27.11
CA TYR C 188 4.38 20.45 26.38
C TYR C 188 5.45 19.86 27.30
N ALA C 189 5.93 20.63 28.30
CA ALA C 189 6.88 20.14 29.29
C ALA C 189 6.27 18.97 30.12
N ILE C 190 4.96 19.05 30.42
CA ILE C 190 4.23 17.99 31.14
C ILE C 190 4.14 16.75 30.23
N ARG C 191 3.80 16.97 28.94
CA ARG C 191 3.68 15.93 27.91
C ARG C 191 5.01 15.16 27.78
N LEU C 192 6.14 15.87 27.78
CA LEU C 192 7.48 15.25 27.67
C LEU C 192 7.79 14.41 28.91
N ALA C 193 7.38 14.85 30.12
CA ALA C 193 7.55 14.11 31.38
C ALA C 193 6.79 12.79 31.33
N GLU C 194 5.61 12.81 30.72
CA GLU C 194 4.75 11.64 30.52
C GLU C 194 5.40 10.67 29.51
N VAL C 195 5.97 11.19 28.39
CA VAL C 195 6.58 10.41 27.32
C VAL C 195 7.87 9.73 27.85
N PHE C 196 8.64 10.37 28.78
CA PHE C 196 9.79 9.73 29.40
C PHE C 196 9.35 8.42 30.12
N GLN C 197 8.33 8.52 31.01
CA GLN C 197 7.78 7.37 31.76
C GLN C 197 7.29 6.28 30.80
N GLU C 198 6.54 6.67 29.75
CA GLU C 198 6.02 5.77 28.71
C GLU C 198 7.13 4.98 28.02
N GLU C 199 8.30 5.60 27.87
CA GLU C 199 9.46 4.99 27.22
C GLU C 199 10.40 4.30 28.26
N GLY C 200 9.98 4.26 29.53
CA GLY C 200 10.73 3.62 30.60
C GLY C 200 11.89 4.41 31.19
N ILE C 201 11.85 5.76 31.06
CA ILE C 201 12.87 6.64 31.62
C ILE C 201 12.25 7.38 32.82
N ASP C 202 13.00 7.49 33.94
CA ASP C 202 12.55 8.28 35.10
C ASP C 202 12.71 9.75 34.69
N PRO C 203 11.61 10.54 34.58
CA PRO C 203 11.77 11.93 34.09
C PRO C 203 12.56 12.81 35.06
N ARG C 204 12.80 12.34 36.28
CA ARG C 204 13.58 13.03 37.31
C ARG C 204 15.07 12.66 37.28
N GLU C 205 15.46 11.65 36.46
CA GLU C 205 16.84 11.19 36.41
C GLU C 205 17.50 11.44 35.03
N THR C 206 17.14 12.55 34.37
CA THR C 206 17.74 12.89 33.08
C THR C 206 18.87 13.94 33.32
N THR C 207 19.50 14.42 32.23
CA THR C 207 20.55 15.42 32.26
C THR C 207 19.95 16.84 32.35
N LEU C 208 18.61 16.97 32.26
CA LEU C 208 17.93 18.27 32.34
C LEU C 208 18.16 18.96 33.67
N LYS C 209 18.43 20.28 33.62
CA LYS C 209 18.64 21.09 34.82
C LYS C 209 17.75 22.33 34.81
N THR C 210 17.60 22.99 33.64
CA THR C 210 16.87 24.25 33.52
C THR C 210 15.83 24.21 32.40
N LEU C 211 14.59 24.63 32.72
CA LEU C 211 13.49 24.75 31.75
C LEU C 211 13.07 26.20 31.63
N VAL C 212 12.84 26.61 30.41
CA VAL C 212 12.37 27.93 30.03
C VAL C 212 10.98 27.73 29.45
N ILE C 213 9.97 28.25 30.13
CA ILE C 213 8.57 28.05 29.73
C ILE C 213 7.88 29.41 29.54
N GLY C 214 7.16 29.55 28.45
CA GLY C 214 6.42 30.77 28.13
C GLY C 214 5.26 30.53 27.18
N ALA C 215 4.89 31.58 26.41
CA ALA C 215 3.92 31.68 25.33
C ALA C 215 2.46 31.65 25.82
N GLU C 216 2.17 31.01 26.94
CA GLU C 216 0.80 30.90 27.38
C GLU C 216 0.70 31.10 28.89
N PRO C 217 -0.47 31.58 29.36
CA PRO C 217 -0.64 31.78 30.81
C PRO C 217 -0.61 30.46 31.56
N HIS C 218 0.07 30.47 32.71
CA HIS C 218 0.17 29.32 33.60
C HIS C 218 0.41 29.79 35.02
N THR C 219 -0.04 29.00 36.00
CA THR C 219 0.11 29.35 37.41
C THR C 219 1.47 28.90 37.93
N ASP C 220 1.88 29.49 39.08
CA ASP C 220 3.12 29.14 39.75
C ASP C 220 3.06 27.65 40.14
N GLU C 221 1.86 27.16 40.51
CA GLU C 221 1.63 25.77 40.91
C GLU C 221 1.86 24.82 39.69
N GLN C 222 1.42 25.25 38.47
CA GLN C 222 1.63 24.47 37.24
CA GLN C 222 1.63 24.47 37.25
C GLN C 222 3.11 24.32 36.99
N ARG C 223 3.88 25.40 37.25
CA ARG C 223 5.33 25.44 37.08
C ARG C 223 6.00 24.52 38.12
N ARG C 224 5.51 24.51 39.37
CA ARG C 224 6.06 23.68 40.43
C ARG C 224 5.83 22.20 40.12
N LYS C 225 4.68 21.86 39.52
CA LYS C 225 4.37 20.51 39.06
C LYS C 225 5.42 20.08 38.02
N ILE C 226 5.78 20.99 37.10
CA ILE C 226 6.79 20.76 36.05
C ILE C 226 8.16 20.53 36.71
N GLU C 227 8.54 21.40 37.68
CA GLU C 227 9.79 21.30 38.43
C GLU C 227 9.91 19.95 39.18
N ARG C 228 8.81 19.44 39.76
CA ARG C 228 8.78 18.16 40.51
C ARG C 228 8.83 16.96 39.56
N LEU C 230 10.14 16.70 36.50
CA LEU C 230 11.38 16.57 35.73
C LEU C 230 12.62 16.83 36.58
N ASN C 231 12.44 17.21 37.90
CA ASN C 231 13.53 17.52 38.84
C ASN C 231 14.43 18.62 38.21
N VAL C 232 13.79 19.74 37.90
CA VAL C 232 14.44 20.88 37.25
C VAL C 232 13.97 22.16 37.88
N LYS C 233 14.59 23.25 37.45
CA LYS C 233 14.22 24.61 37.80
CA LYS C 233 14.17 24.58 37.83
C LYS C 233 13.60 25.20 36.55
N ALA C 234 12.34 25.61 36.60
CA ALA C 234 11.63 26.16 35.45
C ALA C 234 11.44 27.66 35.62
N TYR C 235 11.64 28.41 34.53
CA TYR C 235 11.57 29.87 34.60
C TYR C 235 10.60 30.43 33.57
N ASN C 236 9.82 31.42 34.01
CA ASN C 236 8.81 32.08 33.20
C ASN C 236 9.50 33.04 32.23
N SER C 237 9.15 32.87 30.93
CA SER C 237 9.66 33.60 29.78
C SER C 237 8.54 34.37 29.06
N PHE C 238 8.62 35.70 29.05
CA PHE C 238 7.64 36.55 28.36
C PHE C 238 8.25 37.17 27.11
N GLY C 239 7.41 37.28 26.10
CA GLY C 239 7.74 37.90 24.83
C GLY C 239 6.56 37.96 23.90
N THR C 241 5.90 38.95 19.35
CA THR C 241 6.44 39.22 18.02
C THR C 241 6.71 40.73 17.86
N GLU C 242 5.74 41.58 18.24
CA GLU C 242 5.84 43.04 18.15
C GLU C 242 7.07 43.57 18.88
N ASN C 244 9.94 41.75 19.38
CA ASN C 244 11.01 40.88 18.82
C ASN C 244 10.52 39.45 18.81
N GLY C 245 10.20 38.97 20.00
CA GLY C 245 9.72 37.63 20.32
C GLY C 245 10.16 37.33 21.72
N PRO C 246 10.91 36.24 21.98
CA PRO C 246 11.46 36.03 23.34
C PRO C 246 12.49 37.10 23.78
N GLY C 247 12.81 37.11 25.07
CA GLY C 247 13.82 38.00 25.64
C GLY C 247 13.35 39.34 26.14
N VAL C 248 12.00 39.55 26.19
CA VAL C 248 11.39 40.83 26.61
C VAL C 248 11.36 40.93 28.15
N ALA C 249 10.80 39.93 28.82
CA ALA C 249 10.71 39.83 30.28
C ALA C 249 11.01 38.40 30.70
N PHE C 250 11.68 38.23 31.85
CA PHE C 250 12.10 36.90 32.28
C PHE C 250 12.31 36.85 33.79
N GLU C 251 11.97 35.71 34.42
CA GLU C 251 12.23 35.55 35.83
C GLU C 251 13.71 35.44 36.12
N CYS C 252 14.14 35.85 37.32
CA CYS C 252 15.54 35.65 37.73
C CYS C 252 15.58 34.35 38.52
N GLN C 253 16.69 34.04 39.20
CA GLN C 253 16.73 32.79 39.96
C GLN C 253 15.86 32.88 41.24
N GLU C 254 15.32 34.08 41.59
CA GLU C 254 14.40 34.28 42.72
C GLU C 254 13.02 33.71 42.42
N GLN C 255 12.68 33.56 41.10
CA GLN C 255 11.42 33.04 40.59
C GLN C 255 10.26 33.82 41.22
N ASN C 256 10.35 35.14 41.19
CA ASN C 256 9.32 36.02 41.77
C ASN C 256 9.28 37.32 40.97
N GLY C 257 8.47 37.28 39.90
CA GLY C 257 8.29 38.38 38.98
C GLY C 257 9.26 38.28 37.82
N HIS C 259 11.67 40.13 35.31
CA HIS C 259 12.48 41.34 35.02
C HIS C 259 12.26 41.78 33.58
N PHE C 260 11.81 43.01 33.38
CA PHE C 260 11.59 43.61 32.07
C PHE C 260 12.84 44.40 31.71
N TRP C 261 13.44 44.19 30.51
CA TRP C 261 14.69 44.89 30.19
C TRP C 261 14.37 46.30 29.72
N GLU C 262 14.43 47.22 30.66
CA GLU C 262 14.08 48.63 30.51
C GLU C 262 15.09 49.41 29.66
N ASP C 263 16.24 48.82 29.30
CA ASP C 263 17.18 49.46 28.38
C ASP C 263 16.67 49.34 26.94
N CYS C 264 15.79 48.34 26.69
CA CYS C 264 15.27 48.07 25.35
C CYS C 264 13.74 48.26 25.28
N TYR C 265 13.08 48.49 26.42
CA TYR C 265 11.62 48.68 26.45
C TYR C 265 11.22 49.70 27.50
N LEU C 266 10.26 50.59 27.13
CA LEU C 266 9.65 51.53 28.07
C LEU C 266 8.30 50.92 28.43
N VAL C 267 8.10 50.58 29.71
CA VAL C 267 6.91 49.91 30.20
C VAL C 267 5.92 50.90 30.82
N GLU C 268 4.66 50.81 30.41
CA GLU C 268 3.53 51.55 30.94
C GLU C 268 2.41 50.56 31.31
N ILE C 269 1.70 50.80 32.43
CA ILE C 269 0.53 50.01 32.87
C ILE C 269 -0.64 51.00 32.92
N ILE C 270 -1.50 50.93 31.90
CA ILE C 270 -2.59 51.86 31.66
C ILE C 270 -3.95 51.24 32.05
N ASP C 271 -4.95 52.10 32.34
CA ASP C 271 -6.31 51.66 32.61
C ASP C 271 -6.96 51.34 31.25
N PRO C 272 -7.42 50.09 31.01
CA PRO C 272 -7.90 49.73 29.66
C PRO C 272 -9.09 50.58 29.18
N GLU C 273 -9.84 51.20 30.13
CA GLU C 273 -11.00 52.02 29.80
CA GLU C 273 -11.01 52.04 29.85
C GLU C 273 -10.59 53.49 29.57
N THR C 274 -10.06 54.17 30.61
CA THR C 274 -9.67 55.58 30.58
C THR C 274 -8.42 55.86 29.70
N GLY C 275 -7.46 54.93 29.66
CA GLY C 275 -6.21 55.08 28.91
C GLY C 275 -5.16 55.90 29.66
N GLU C 276 -5.29 55.92 31.00
CA GLU C 276 -4.44 56.66 31.95
C GLU C 276 -3.56 55.70 32.75
N PRO C 277 -2.35 56.11 33.24
CA PRO C 277 -1.53 55.16 34.02
C PRO C 277 -2.27 54.69 35.27
N VAL C 278 -2.14 53.41 35.62
CA VAL C 278 -2.82 52.87 36.80
C VAL C 278 -2.07 53.33 38.07
N PRO C 279 -2.71 53.37 39.28
CA PRO C 279 -1.92 53.67 40.50
C PRO C 279 -0.83 52.61 40.66
N GLU C 280 0.39 53.04 41.03
CA GLU C 280 1.59 52.19 41.15
C GLU C 280 1.28 50.84 41.85
N GLY C 281 1.43 49.75 41.10
CA GLY C 281 1.23 48.39 41.58
C GLY C 281 -0.11 47.72 41.29
N GLU C 282 -1.06 48.45 40.66
CA GLU C 282 -2.38 47.94 40.27
C GLU C 282 -2.35 47.21 38.92
N ILE C 283 -3.33 46.30 38.68
CA ILE C 283 -3.45 45.57 37.42
C ILE C 283 -4.00 46.52 36.34
N GLY C 284 -3.42 46.44 35.17
CA GLY C 284 -3.83 47.24 34.02
C GLY C 284 -3.26 46.66 32.75
N GLU C 285 -3.48 47.36 31.63
CA GLU C 285 -3.02 46.92 30.32
C GLU C 285 -1.53 47.30 30.09
N LEU C 286 -0.73 46.33 29.63
CA LEU C 286 0.70 46.51 29.33
C LEU C 286 0.85 47.27 28.00
N VAL C 287 1.47 48.47 28.05
CA VAL C 287 1.68 49.35 26.89
C VAL C 287 3.19 49.50 26.78
N LEU C 288 3.76 49.17 25.60
CA LEU C 288 5.19 49.08 25.41
C LEU C 288 5.73 49.88 24.22
N THR C 289 6.95 50.40 24.40
CA THR C 289 7.71 51.18 23.43
C THR C 289 9.07 50.53 23.27
N THR C 290 9.49 50.28 22.03
CA THR C 290 10.83 49.72 21.75
C THR C 290 11.84 50.84 21.93
N LEU C 291 13.01 50.52 22.47
CA LEU C 291 14.02 51.54 22.68
C LEU C 291 15.31 51.21 21.94
N ASP C 292 15.46 49.97 21.39
CA ASP C 292 16.70 49.61 20.68
C ASP C 292 16.38 49.06 19.25
N ARG C 293 15.14 49.24 18.77
CA ARG C 293 14.75 48.81 17.43
C ARG C 293 14.87 49.98 16.45
N GLU C 294 15.45 49.71 15.25
CA GLU C 294 15.73 50.74 14.26
C GLU C 294 14.91 50.61 12.96
N PRO C 297 10.56 50.62 14.70
CA PRO C 297 10.24 50.79 16.13
C PRO C 297 8.72 50.93 16.35
N LEU C 298 8.26 50.54 17.55
CA LEU C 298 6.85 50.62 17.97
C LEU C 298 6.76 51.50 19.19
N ILE C 299 5.86 52.50 19.13
CA ILE C 299 5.69 53.48 20.20
C ILE C 299 4.30 53.30 20.84
N ARG C 300 4.31 53.13 22.18
CA ARG C 300 3.14 52.99 23.05
C ARG C 300 2.16 51.97 22.46
N TYR C 301 2.66 50.77 22.15
CA TYR C 301 1.87 49.72 21.58
C TYR C 301 1.01 49.06 22.67
N ARG C 302 -0.31 49.06 22.45
CA ARG C 302 -1.32 48.45 23.31
C ARG C 302 -1.31 46.94 23.09
N THR C 303 -0.55 46.22 23.92
CA THR C 303 -0.34 44.77 23.86
C THR C 303 -1.64 43.98 24.16
N ARG C 304 -2.56 44.59 24.93
CA ARG C 304 -3.84 44.07 25.42
C ARG C 304 -3.61 43.02 26.53
N ASP C 305 -2.34 42.85 26.97
CA ASP C 305 -2.02 41.97 28.09
C ASP C 305 -2.29 42.68 29.40
N LEU C 306 -2.82 41.94 30.37
CA LEU C 306 -3.10 42.46 31.70
C LEU C 306 -2.07 41.94 32.69
N THR C 307 -1.44 42.88 33.44
CA THR C 307 -0.45 42.56 34.46
C THR C 307 -0.31 43.79 35.40
N ARG C 308 0.64 43.71 36.34
CA ARG C 308 0.99 44.75 37.29
C ARG C 308 2.48 44.74 37.55
N ILE C 309 3.01 45.87 38.02
CA ILE C 309 4.43 45.99 38.36
C ILE C 309 4.58 45.58 39.82
N LEU C 310 5.38 44.53 40.07
CA LEU C 310 5.65 44.05 41.41
C LEU C 310 6.58 45.04 42.13
N PRO C 311 6.22 45.45 43.37
CA PRO C 311 7.03 46.47 44.05
C PRO C 311 8.18 45.90 44.87
N GLY C 312 9.10 46.79 45.20
CA GLY C 312 10.28 46.52 46.00
C GLY C 312 11.45 46.07 45.16
N LYS C 313 12.66 46.21 45.72
CA LYS C 313 13.91 45.78 45.09
C LYS C 313 13.98 44.26 45.04
N CYS C 314 14.70 43.69 44.08
CA CYS C 314 14.82 42.24 44.02
C CYS C 314 16.15 41.80 44.67
N PRO C 315 16.15 40.68 45.46
CA PRO C 315 17.40 40.19 46.05
C PRO C 315 18.49 39.80 45.03
N CYS C 316 18.17 39.66 43.70
CA CYS C 316 19.21 39.30 42.70
C CYS C 316 20.10 40.53 42.41
N GLY C 317 19.67 41.71 42.86
CA GLY C 317 20.40 42.96 42.69
C GLY C 317 20.09 43.70 41.40
N ARG C 318 19.28 43.10 40.51
CA ARG C 318 18.91 43.77 39.26
C ARG C 318 17.90 44.88 39.56
N THR C 319 18.09 46.03 38.90
CA THR C 319 17.33 47.25 39.08
C THR C 319 16.16 47.36 38.09
N HIS C 320 16.09 46.47 37.09
CA HIS C 320 15.02 46.46 36.10
C HIS C 320 13.72 45.95 36.73
N LEU C 321 12.60 46.68 36.53
CA LEU C 321 11.28 46.38 37.10
C LEU C 321 10.84 44.94 36.80
N ARG C 322 10.00 44.40 37.69
CA ARG C 322 9.42 43.06 37.58
C ARG C 322 7.91 43.14 37.39
N ILE C 323 7.40 42.37 36.43
CA ILE C 323 5.96 42.29 36.19
C ILE C 323 5.45 40.96 36.73
N ASP C 324 4.18 40.97 37.16
CA ASP C 324 3.52 39.75 37.60
C ASP C 324 3.15 38.90 36.36
N ARG C 325 2.69 37.65 36.58
CA ARG C 325 2.22 36.73 35.54
C ARG C 325 1.13 37.37 34.66
N ILE C 326 0.99 36.93 33.41
CA ILE C 326 -0.10 37.42 32.56
C ILE C 326 -1.24 36.40 32.69
N LYS C 327 -2.28 36.71 33.47
CA LYS C 327 -3.38 35.74 33.63
C LYS C 327 -4.33 35.82 32.43
N GLY C 328 -4.60 37.04 31.94
CA GLY C 328 -5.49 37.26 30.80
C GLY C 328 -5.23 38.49 29.95
N ARG C 329 -6.19 38.77 29.06
CA ARG C 329 -6.13 39.86 28.10
C ARG C 329 -7.41 40.70 28.08
N SER C 330 -7.32 41.91 27.47
CA SER C 330 -8.44 42.86 27.37
C SER C 330 -9.15 42.77 25.99
N ASP C 331 -8.66 41.91 25.06
CA ASP C 331 -9.27 41.70 23.74
C ASP C 331 -9.88 40.27 23.64
N ASP C 332 -10.36 39.85 22.44
CA ASP C 332 -10.99 38.53 22.25
C ASP C 332 -9.96 37.45 21.85
N PHE C 334 -7.37 34.44 22.05
CA PHE C 334 -7.18 33.27 22.88
C PHE C 334 -5.88 32.56 22.42
N ILE C 335 -5.24 31.85 23.34
CA ILE C 335 -4.00 31.13 23.10
C ILE C 335 -4.26 29.64 23.37
N ILE C 336 -3.80 28.80 22.45
CA ILE C 336 -3.95 27.36 22.54
C ILE C 336 -2.70 26.76 21.90
N LYS C 337 -2.02 25.87 22.65
CA LYS C 337 -0.76 25.20 22.32
C LYS C 337 0.31 26.28 22.06
N GLY C 338 0.20 27.38 22.80
CA GLY C 338 1.09 28.54 22.75
C GLY C 338 0.92 29.44 21.54
N VAL C 339 -0.07 29.13 20.70
CA VAL C 339 -0.31 29.86 19.46
C VAL C 339 -1.50 30.80 19.64
N ASN C 340 -1.32 32.08 19.23
CA ASN C 340 -2.32 33.16 19.31
C ASN C 340 -3.37 33.07 18.21
N ILE C 341 -4.65 33.07 18.59
CA ILE C 341 -5.73 32.97 17.62
C ILE C 341 -6.82 33.99 17.94
N PHE C 342 -7.36 34.62 16.89
CA PHE C 342 -8.50 35.53 16.98
C PHE C 342 -9.77 34.82 16.46
N PRO C 343 -10.92 34.90 17.17
CA PRO C 343 -12.15 34.22 16.68
C PRO C 343 -12.56 34.59 15.23
N GLN C 345 -10.68 34.85 12.69
CA GLN C 345 -9.93 34.02 11.76
C GLN C 345 -10.71 32.77 11.43
N VAL C 346 -11.39 32.24 12.45
CA VAL C 346 -12.20 31.02 12.35
C VAL C 346 -13.44 31.34 11.54
N GLU C 347 -14.12 32.46 11.85
CA GLU C 347 -15.35 32.89 11.18
C GLU C 347 -15.13 33.14 9.69
N LYS C 348 -14.03 33.83 9.32
CA LYS C 348 -13.71 34.18 7.94
C LYS C 348 -13.43 32.91 7.07
N ILE C 349 -13.05 31.78 7.71
CA ILE C 349 -12.86 30.50 7.01
C ILE C 349 -14.24 29.84 6.80
N LEU C 350 -15.01 29.72 7.88
CA LEU C 350 -16.33 29.06 7.91
C LEU C 350 -17.33 29.69 6.92
N VAL C 351 -17.37 31.03 6.79
CA VAL C 351 -18.32 31.75 5.91
C VAL C 351 -18.13 31.37 4.41
N GLN C 352 -16.92 30.87 4.05
CA GLN C 352 -16.59 30.46 2.67
C GLN C 352 -17.36 29.18 2.23
N PHE C 353 -17.84 28.37 3.20
CA PHE C 353 -18.54 27.12 2.96
C PHE C 353 -20.07 27.33 2.97
N PRO C 354 -20.76 27.21 1.79
CA PRO C 354 -22.22 27.43 1.76
C PRO C 354 -23.04 26.29 2.41
N GLU C 355 -22.40 25.17 2.81
CA GLU C 355 -23.06 24.03 3.48
C GLU C 355 -23.17 24.31 4.98
N LEU C 356 -22.53 25.42 5.43
CA LEU C 356 -22.45 25.89 6.81
C LEU C 356 -23.33 27.09 7.06
N GLY C 357 -23.95 27.10 8.24
CA GLY C 357 -24.77 28.20 8.71
C GLY C 357 -23.88 29.29 9.29
N SER C 358 -24.50 30.36 9.79
CA SER C 358 -23.79 31.50 10.39
C SER C 358 -23.50 31.28 11.88
N ASN C 359 -24.17 30.32 12.55
CA ASN C 359 -23.95 30.11 13.98
C ASN C 359 -22.89 29.02 14.21
N TYR C 360 -21.87 29.38 15.03
CA TYR C 360 -20.73 28.54 15.40
C TYR C 360 -20.31 28.81 16.86
N LEU C 361 -19.61 27.85 17.49
CA LEU C 361 -19.09 27.98 18.86
C LEU C 361 -17.70 27.33 18.98
N ILE C 362 -16.73 28.08 19.52
CA ILE C 362 -15.35 27.64 19.78
C ILE C 362 -15.27 27.29 21.27
N THR C 363 -14.96 26.03 21.59
CA THR C 363 -14.83 25.56 22.97
C THR C 363 -13.36 25.16 23.21
N LEU C 364 -12.78 25.66 24.30
CA LEU C 364 -11.40 25.39 24.67
C LEU C 364 -11.38 24.56 25.95
N GLU C 365 -10.84 23.34 25.87
CA GLU C 365 -10.81 22.41 27.01
C GLU C 365 -9.41 21.82 27.26
N THR C 366 -9.19 21.27 28.48
CA THR C 366 -7.95 20.59 28.86
C THR C 366 -8.27 19.09 28.98
N VAL C 367 -7.56 18.26 28.18
CA VAL C 367 -7.73 16.81 28.14
C VAL C 367 -6.34 16.19 28.35
N ASN C 368 -6.14 15.53 29.51
CA ASN C 368 -4.89 14.87 29.94
C ASN C 368 -3.73 15.89 29.94
N ASN C 369 -3.94 17.05 30.62
CA ASN C 369 -2.99 18.17 30.78
C ASN C 369 -2.65 18.88 29.43
N GLN C 370 -3.32 18.47 28.33
CA GLN C 370 -3.14 19.06 26.99
C GLN C 370 -4.38 19.84 26.60
N ASP C 371 -4.20 20.96 25.89
CA ASP C 371 -5.31 21.80 25.45
C ASP C 371 -5.86 21.32 24.10
N GLU C 372 -7.20 21.43 23.95
CA GLU C 372 -7.98 21.07 22.77
C GLU C 372 -8.96 22.17 22.41
N ILE C 374 -12.30 22.95 20.08
CA ILE C 374 -13.46 22.37 19.40
C ILE C 374 -14.21 23.48 18.69
N VAL C 375 -14.46 23.29 17.38
CA VAL C 375 -15.20 24.24 16.58
C VAL C 375 -16.49 23.54 16.14
N GLU C 376 -17.61 23.90 16.80
CA GLU C 376 -18.96 23.46 16.45
C GLU C 376 -19.57 24.47 15.50
N VAL C 377 -20.13 24.01 14.36
CA VAL C 377 -20.76 24.92 13.40
C VAL C 377 -21.99 24.22 12.84
N GLU C 378 -23.12 24.95 12.79
CA GLU C 378 -24.41 24.47 12.29
C GLU C 378 -24.42 24.31 10.78
N LEU C 379 -25.16 23.30 10.26
CA LEU C 379 -25.33 23.12 8.82
C LEU C 379 -26.33 24.17 8.33
N SER C 380 -26.25 24.55 7.04
CA SER C 380 -27.13 25.57 6.50
C SER C 380 -28.50 25.00 6.07
N ASP C 381 -28.61 23.68 5.78
CA ASP C 381 -29.87 23.08 5.31
C ASP C 381 -30.17 21.69 5.91
N LEU C 382 -31.42 21.53 6.36
CA LEU C 382 -32.03 20.31 6.89
C LEU C 382 -32.72 19.51 5.75
N SER C 383 -32.34 19.81 4.49
CA SER C 383 -32.92 19.25 3.26
C SER C 383 -32.09 18.07 2.68
N THR C 384 -30.76 18.23 2.57
CA THR C 384 -29.88 17.24 1.96
C THR C 384 -29.41 16.21 2.99
N ASP C 385 -28.13 16.33 3.43
CA ASP C 385 -27.38 15.50 4.39
C ASP C 385 -26.90 14.17 3.72
N ASN C 386 -25.90 14.30 2.80
CA ASN C 386 -25.13 13.20 2.20
C ASN C 386 -23.89 13.05 3.05
N TYR C 387 -23.81 11.99 3.87
CA TYR C 387 -22.75 11.79 4.86
C TYR C 387 -21.35 11.92 4.24
N ILE C 388 -21.01 11.07 3.24
CA ILE C 388 -19.68 10.99 2.60
C ILE C 388 -19.22 12.39 2.09
N GLU C 389 -20.12 13.14 1.42
CA GLU C 389 -19.81 14.46 0.89
C GLU C 389 -19.69 15.50 2.00
N LEU C 390 -20.54 15.41 3.06
CA LEU C 390 -20.47 16.34 4.20
C LEU C 390 -19.22 16.08 5.07
N GLU C 391 -18.81 14.81 5.20
CA GLU C 391 -17.64 14.43 5.98
C GLU C 391 -16.38 14.92 5.26
N LYS C 392 -16.39 14.92 3.90
CA LYS C 392 -15.29 15.41 3.09
C LYS C 392 -15.18 16.94 3.22
N ILE C 393 -16.32 17.64 3.39
CA ILE C 393 -16.39 19.09 3.63
C ILE C 393 -15.82 19.39 5.02
N ARG C 394 -16.14 18.54 6.02
CA ARG C 394 -15.66 18.69 7.39
C ARG C 394 -14.12 18.57 7.43
N ARG C 395 -13.53 17.66 6.62
CA ARG C 395 -12.08 17.47 6.52
C ARG C 395 -11.44 18.70 5.85
N ASP C 396 -12.11 19.29 4.85
CA ASP C 396 -11.68 20.50 4.14
C ASP C 396 -11.71 21.72 5.09
N ILE C 397 -12.70 21.75 6.03
CA ILE C 397 -12.85 22.81 7.05
C ILE C 397 -11.64 22.71 8.02
N ILE C 398 -11.33 21.50 8.55
CA ILE C 398 -10.20 21.25 9.46
C ILE C 398 -8.92 21.76 8.80
N ARG C 399 -8.66 21.32 7.53
CA ARG C 399 -7.47 21.64 6.73
C ARG C 399 -7.30 23.17 6.57
N GLN C 400 -8.37 23.87 6.08
CA GLN C 400 -8.35 25.32 5.87
C GLN C 400 -8.20 26.08 7.19
N LEU C 401 -8.76 25.58 8.30
CA LEU C 401 -8.60 26.18 9.61
C LEU C 401 -7.15 26.02 10.07
N LYS C 402 -6.61 24.77 9.99
CA LYS C 402 -5.24 24.40 10.34
CA LYS C 402 -5.24 24.42 10.35
C LYS C 402 -4.26 25.37 9.67
N ASP C 403 -4.43 25.62 8.33
CA ASP C 403 -3.56 26.51 7.56
C ASP C 403 -3.64 27.97 8.05
N GLU C 404 -4.84 28.44 8.41
CA GLU C 404 -5.14 29.81 8.83
C GLU C 404 -4.66 30.12 10.26
N ILE C 405 -5.05 29.29 11.25
CA ILE C 405 -4.78 29.57 12.67
C ILE C 405 -3.51 28.83 13.20
N LEU C 406 -2.91 27.96 12.38
CA LEU C 406 -1.65 27.23 12.60
C LEU C 406 -1.73 26.24 13.80
N VAL C 407 -2.96 25.78 14.13
CA VAL C 407 -3.24 24.72 15.10
C VAL C 407 -4.33 23.86 14.48
N THR C 408 -4.31 22.54 14.74
CA THR C 408 -5.31 21.63 14.23
C THR C 408 -6.48 21.58 15.20
N PRO C 409 -7.67 22.10 14.83
CA PRO C 409 -8.81 22.01 15.73
C PRO C 409 -9.68 20.78 15.47
N LYS C 410 -10.55 20.45 16.44
CA LYS C 410 -11.56 19.42 16.25
C LYS C 410 -12.81 20.13 15.69
N VAL C 411 -13.34 19.68 14.54
CA VAL C 411 -14.51 20.33 13.92
C VAL C 411 -15.69 19.37 13.97
N LYS C 412 -16.83 19.87 14.47
CA LYS C 412 -18.07 19.12 14.56
C LYS C 412 -19.19 19.84 13.85
N LEU C 413 -19.80 19.19 12.85
CA LEU C 413 -20.94 19.74 12.13
C LEU C 413 -22.18 19.40 12.94
N VAL C 414 -22.86 20.43 13.48
CA VAL C 414 -24.03 20.23 14.33
C VAL C 414 -25.32 20.63 13.57
N LYS C 415 -26.48 20.17 14.06
CA LYS C 415 -27.79 20.42 13.47
C LYS C 415 -28.16 21.91 13.45
N LYS C 416 -28.85 22.38 12.40
CA LYS C 416 -29.29 23.77 12.28
C LYS C 416 -30.23 24.10 13.44
N GLY C 417 -29.89 25.14 14.19
CA GLY C 417 -30.64 25.58 15.37
C GLY C 417 -30.25 24.93 16.68
N SER C 418 -29.33 23.95 16.66
CA SER C 418 -28.89 23.22 17.86
C SER C 418 -28.04 24.10 18.78
N LEU C 419 -27.25 25.00 18.18
CA LEU C 419 -26.41 25.90 18.96
C LEU C 419 -27.28 27.03 19.52
N PRO C 420 -26.99 27.49 20.76
CA PRO C 420 -27.84 28.52 21.39
C PRO C 420 -27.74 29.88 20.69
N GLN C 421 -28.82 30.67 20.79
CA GLN C 421 -28.89 32.02 20.21
C GLN C 421 -28.81 33.06 21.32
N SER C 422 -27.83 33.98 21.24
CA SER C 422 -27.63 35.03 22.22
C SER C 422 -28.38 36.28 21.78
N GLU C 423 -28.77 37.13 22.75
CA GLU C 423 -29.44 38.41 22.47
C GLU C 423 -28.36 39.43 22.14
N GLY C 424 -28.43 40.01 20.95
CA GLY C 424 -27.45 40.97 20.47
C GLY C 424 -26.15 40.30 20.12
N LYS C 425 -25.04 40.73 20.78
CA LYS C 425 -23.69 40.16 20.58
C LYS C 425 -23.64 38.70 21.03
N ALA C 426 -23.12 37.83 20.17
CA ALA C 426 -23.00 36.40 20.40
C ALA C 426 -21.67 36.03 21.07
N VAL C 427 -21.68 34.96 21.88
CA VAL C 427 -20.49 34.41 22.54
C VAL C 427 -19.92 33.34 21.62
N ARG C 428 -18.78 33.62 20.99
CA ARG C 428 -18.17 32.69 20.03
C ARG C 428 -17.11 31.78 20.68
N VAL C 429 -16.60 32.15 21.88
CA VAL C 429 -15.58 31.35 22.56
C VAL C 429 -16.05 31.00 23.99
N LYS C 430 -15.98 29.70 24.32
CA LYS C 430 -16.28 29.11 25.63
C LYS C 430 -14.97 28.48 26.12
N ASP C 431 -14.27 29.15 27.06
CA ASP C 431 -12.99 28.65 27.56
C ASP C 431 -13.24 27.90 28.87
N LEU C 432 -13.22 26.55 28.81
CA LEU C 432 -13.48 25.64 29.92
C LEU C 432 -12.18 25.12 30.58
N ARG C 433 -11.05 25.83 30.34
CA ARG C 433 -9.74 25.49 30.91
C ARG C 433 -9.57 26.11 32.29
N ASP C 434 -8.74 25.49 33.16
CA ASP C 434 -8.46 26.00 34.50
C ASP C 434 -7.40 27.10 34.43
N SER D 3 32.08 41.24 -17.11
CA SER D 3 30.79 41.66 -16.58
C SER D 3 30.30 40.70 -15.46
N THR D 4 31.00 39.54 -15.25
CA THR D 4 30.67 38.57 -14.17
C THR D 4 31.07 39.17 -12.81
N GLN D 5 30.20 39.03 -11.80
CA GLN D 5 30.43 39.54 -10.44
C GLN D 5 30.56 38.39 -9.46
N TYR D 6 31.54 38.51 -8.54
CA TYR D 6 31.87 37.47 -7.57
C TYR D 6 31.72 37.98 -6.14
N TRP D 7 31.24 37.08 -5.25
CA TRP D 7 31.13 37.34 -3.81
C TRP D 7 32.55 37.46 -3.21
N GLU D 8 33.46 36.53 -3.60
CA GLU D 8 34.87 36.42 -3.20
C GLU D 8 35.72 36.10 -4.43
N GLU D 9 35.95 37.14 -5.28
CA GLU D 9 36.68 37.04 -6.55
C GLU D 9 38.05 36.33 -6.39
N GLU D 10 38.83 36.65 -5.34
CA GLU D 10 40.17 36.09 -5.13
C GLU D 10 40.10 34.55 -5.00
N ILE D 11 39.02 34.01 -4.44
CA ILE D 11 38.84 32.56 -4.28
C ILE D 11 38.15 31.97 -5.50
N GLU D 12 37.08 32.61 -5.98
CA GLU D 12 36.24 32.10 -7.05
C GLU D 12 37.01 31.97 -8.39
N ILE D 13 37.97 32.87 -8.69
CA ILE D 13 38.73 32.77 -9.95
C ILE D 13 40.22 32.42 -9.64
N SER D 15 43.73 30.61 -9.37
CA SER D 15 44.36 29.66 -10.30
C SER D 15 44.38 28.25 -9.72
N ARG D 16 44.33 27.22 -10.60
CA ARG D 16 44.34 25.81 -10.20
C ARG D 16 45.56 25.52 -9.30
N GLU D 17 46.71 26.14 -9.61
CA GLU D 17 47.99 26.00 -8.90
C GLU D 17 47.83 26.51 -7.46
N LYS D 18 47.28 27.73 -7.28
CA LYS D 18 47.05 28.36 -5.98
C LYS D 18 45.93 27.63 -5.20
N LEU D 19 44.90 27.13 -5.91
CA LEU D 19 43.80 26.32 -5.35
C LEU D 19 44.31 24.99 -4.80
N GLN D 20 45.24 24.36 -5.51
CA GLN D 20 45.84 23.10 -5.09
C GLN D 20 46.67 23.27 -3.82
N GLU D 21 47.43 24.37 -3.67
CA GLU D 21 48.23 24.56 -2.45
C GLU D 21 47.31 24.97 -1.30
N LEU D 22 46.16 25.61 -1.61
CA LEU D 22 45.17 25.95 -0.57
C LEU D 22 44.51 24.66 -0.07
N GLN D 23 44.13 23.76 -1.00
CA GLN D 23 43.50 22.48 -0.64
C GLN D 23 44.45 21.62 0.17
N LEU D 24 45.73 21.56 -0.23
CA LEU D 24 46.75 20.77 0.46
C LEU D 24 46.99 21.29 1.87
N GLN D 25 47.09 22.62 2.04
CA GLN D 25 47.28 23.25 3.35
C GLN D 25 46.09 22.89 4.26
N ARG D 26 44.85 23.04 3.77
CA ARG D 26 43.64 22.76 4.54
C ARG D 26 43.41 21.25 4.73
N LEU D 27 43.89 20.39 3.81
CA LEU D 27 43.74 18.93 3.93
C LEU D 27 44.62 18.42 5.10
N LYS D 28 45.86 18.92 5.19
CA LYS D 28 46.78 18.59 6.28
C LYS D 28 46.20 19.03 7.62
N LYS D 29 45.65 20.26 7.68
CA LYS D 29 45.03 20.86 8.87
C LYS D 29 43.83 20.01 9.31
N THR D 30 42.97 19.59 8.36
CA THR D 30 41.78 18.78 8.61
C THR D 30 42.16 17.43 9.25
N ILE D 31 43.18 16.78 8.71
CA ILE D 31 43.66 15.49 9.19
C ILE D 31 44.24 15.64 10.61
N ASN D 32 44.98 16.73 10.88
CA ASN D 32 45.52 17.00 12.21
C ASN D 32 44.37 17.21 13.21
N ILE D 33 43.31 17.95 12.82
CA ILE D 33 42.13 18.20 13.67
C ILE D 33 41.37 16.89 13.87
N ALA D 34 41.02 16.19 12.77
CA ALA D 34 40.27 14.93 12.79
C ALA D 34 40.87 13.91 13.76
N ALA D 35 42.21 13.83 13.80
CA ALA D 35 43.00 12.91 14.62
C ALA D 35 42.62 12.99 16.13
N ASN D 36 41.98 14.12 16.57
CA ASN D 36 41.57 14.34 17.96
CA ASN D 36 41.57 14.33 17.97
C ASN D 36 40.24 13.62 18.25
N SER D 37 39.49 13.24 17.21
CA SER D 37 38.21 12.52 17.41
C SER D 37 38.46 11.05 17.73
N PRO D 38 37.66 10.40 18.60
CA PRO D 38 37.86 8.96 18.87
C PRO D 38 37.85 8.10 17.60
N TYR D 39 36.93 8.38 16.63
CA TYR D 39 36.80 7.62 15.40
C TYR D 39 38.04 7.73 14.50
N TYR D 40 38.49 8.96 14.16
CA TYR D 40 39.62 9.08 13.25
C TYR D 40 40.94 8.77 13.96
N LYS D 41 41.01 8.91 15.31
CA LYS D 41 42.22 8.56 16.05
C LYS D 41 42.51 7.07 15.85
N GLU D 42 41.47 6.22 15.95
CA GLU D 42 41.54 4.77 15.78
C GLU D 42 41.80 4.40 14.32
N VAL D 43 41.06 5.00 13.36
CA VAL D 43 41.21 4.76 11.91
C VAL D 43 42.65 5.06 11.49
N PHE D 44 43.16 6.24 11.90
CA PHE D 44 44.52 6.69 11.57
C PHE D 44 45.55 5.78 12.24
N SER D 45 45.29 5.34 13.48
CA SER D 45 46.17 4.45 14.23
C SER D 45 46.30 3.08 13.54
N LYS D 46 45.17 2.48 13.10
CA LYS D 46 45.16 1.17 12.45
C LYS D 46 45.70 1.23 11.03
N ASN D 47 45.65 2.40 10.35
CA ASN D 47 46.09 2.51 8.95
C ASN D 47 47.39 3.31 8.80
N GLY D 48 48.07 3.56 9.90
CA GLY D 48 49.35 4.27 9.92
C GLY D 48 49.30 5.66 9.30
N ILE D 49 48.20 6.39 9.57
CA ILE D 49 48.01 7.75 9.06
C ILE D 49 48.54 8.71 10.13
N THR D 50 49.58 9.46 9.79
CA THR D 50 50.25 10.44 10.67
C THR D 50 50.15 11.85 10.04
N GLY D 51 50.89 12.80 10.62
CA GLY D 51 50.95 14.17 10.11
C GLY D 51 51.82 14.31 8.88
N ASP D 52 52.43 13.21 8.46
CA ASP D 52 53.36 13.16 7.33
C ASP D 52 52.80 12.38 6.15
N SER D 53 51.69 11.68 6.39
CA SER D 53 51.06 10.84 5.39
C SER D 53 50.59 11.65 4.19
N ILE D 54 50.17 12.90 4.41
CA ILE D 54 49.70 13.77 3.35
C ILE D 54 50.78 14.78 2.97
N GLN D 55 51.39 14.57 1.78
CA GLN D 55 52.41 15.44 1.19
C GLN D 55 51.90 15.99 -0.15
N SER D 56 50.90 15.32 -0.73
CA SER D 56 50.22 15.73 -1.96
C SER D 56 48.74 15.41 -1.84
N LEU D 57 47.90 16.00 -2.71
CA LEU D 57 46.45 15.78 -2.68
C LEU D 57 46.11 14.30 -2.98
N ASP D 58 46.93 13.61 -3.80
CA ASP D 58 46.76 12.20 -4.13
C ASP D 58 46.96 11.29 -2.91
N ASP D 59 47.77 11.73 -1.91
CA ASP D 59 48.02 10.97 -0.68
C ASP D 59 46.73 10.76 0.18
N ILE D 60 45.62 11.44 -0.16
CA ILE D 60 44.35 11.28 0.57
C ILE D 60 43.85 9.82 0.40
N ARG D 61 44.23 9.17 -0.72
CA ARG D 61 43.82 7.81 -1.07
C ARG D 61 44.47 6.77 -0.14
N LYS D 62 45.39 7.20 0.75
CA LYS D 62 45.98 6.35 1.78
C LYS D 62 44.97 6.09 2.90
N ILE D 63 44.05 7.04 3.10
CA ILE D 63 43.04 7.04 4.15
C ILE D 63 41.79 6.26 3.69
N PRO D 64 41.24 5.34 4.54
CA PRO D 64 40.01 4.63 4.10
C PRO D 64 38.81 5.58 4.07
N PHE D 65 37.75 5.17 3.37
CA PHE D 65 36.50 5.91 3.27
C PHE D 65 35.72 5.92 4.58
N THR D 66 34.93 6.99 4.78
CA THR D 66 33.99 7.11 5.89
C THR D 66 32.63 6.83 5.30
N THR D 67 31.95 5.80 5.79
CA THR D 67 30.62 5.45 5.29
C THR D 67 29.55 5.92 6.28
N LYS D 68 28.28 5.85 5.86
CA LYS D 68 27.16 6.21 6.70
C LYS D 68 27.07 5.20 7.85
N SER D 69 27.33 3.92 7.56
CA SER D 69 27.35 2.85 8.55
C SER D 69 28.34 3.15 9.67
N ASP D 70 29.56 3.66 9.33
CA ASP D 70 30.59 4.05 10.28
C ASP D 70 30.10 5.17 11.19
N ARG D 72 26.89 5.96 11.83
CA ARG D 72 25.81 5.38 12.66
C ARG D 72 26.39 4.60 13.84
N ALA D 73 27.50 3.86 13.58
CA ALA D 73 28.19 3.05 14.58
C ALA D 73 28.88 3.92 15.63
N ASN D 74 29.15 5.19 15.30
CA ASN D 74 29.85 6.09 16.23
C ASN D 74 28.93 7.22 16.70
N TYR D 75 27.61 7.01 16.60
CA TYR D 75 26.59 7.96 17.01
C TYR D 75 26.53 8.05 18.54
N PRO D 76 26.41 9.28 19.11
CA PRO D 76 26.32 10.56 18.38
C PRO D 76 27.63 11.32 18.21
N PHE D 77 28.63 11.16 19.10
CA PHE D 77 29.77 12.08 19.01
C PHE D 77 31.15 11.42 18.80
N GLY D 78 31.19 10.19 18.27
CA GLY D 78 32.44 9.51 17.97
C GLY D 78 33.37 10.23 16.98
N LEU D 79 32.81 11.09 16.10
CA LEU D 79 33.62 11.80 15.09
C LEU D 79 33.82 13.28 15.46
N VAL D 80 33.41 13.70 16.69
CA VAL D 80 33.61 15.09 17.12
C VAL D 80 35.10 15.24 17.51
N ALA D 81 35.80 16.17 16.83
CA ALA D 81 37.23 16.43 17.00
C ALA D 81 37.51 17.61 17.95
N GLY D 82 36.67 18.65 17.93
CA GLY D 82 36.85 19.84 18.75
C GLY D 82 36.31 19.74 20.15
N ASP D 83 36.34 20.89 20.88
CA ASP D 83 35.86 21.02 22.25
C ASP D 83 34.40 21.42 22.18
N LYS D 85 31.88 21.17 24.39
CA LYS D 85 31.35 21.87 25.57
C LYS D 85 31.62 23.39 25.50
N ARG D 86 32.83 23.79 25.10
CA ARG D 86 33.34 25.16 24.96
C ARG D 86 32.94 25.81 23.61
N ASP D 87 33.12 25.08 22.50
CA ASP D 87 32.98 25.70 21.21
C ASP D 87 31.82 25.17 20.37
N GLY D 88 31.17 24.07 20.74
CA GLY D 88 30.05 23.51 19.97
C GLY D 88 28.81 24.35 20.13
N VAL D 89 28.21 24.83 19.01
CA VAL D 89 27.05 25.72 19.09
C VAL D 89 25.81 25.14 18.34
N ARG D 90 25.95 24.05 17.53
CA ARG D 90 24.79 23.48 16.87
C ARG D 90 24.95 22.02 16.53
N ILE D 91 23.82 21.28 16.62
CA ILE D 91 23.63 19.90 16.22
C ILE D 91 22.55 19.85 15.14
N HIS D 92 22.90 19.30 13.99
CA HIS D 92 21.99 19.01 12.90
C HIS D 92 21.85 17.50 12.71
N SER D 93 20.63 17.05 12.39
CA SER D 93 20.31 15.63 12.16
C SER D 93 19.40 15.46 10.95
N ASN D 100 19.10 4.19 11.64
CA ASN D 100 19.89 4.57 12.82
C ASN D 100 20.45 5.98 12.61
N PRO D 101 20.37 6.86 13.63
CA PRO D 101 20.67 8.28 13.41
C PRO D 101 22.15 8.64 13.25
N THR D 102 22.39 9.84 12.65
CA THR D 102 23.70 10.49 12.50
C THR D 102 23.52 12.00 12.67
N VAL D 103 24.48 12.62 13.34
CA VAL D 103 24.44 14.05 13.62
C VAL D 103 25.76 14.68 13.18
N ILE D 104 25.69 15.98 12.87
CA ILE D 104 26.82 16.84 12.52
C ILE D 104 26.84 17.95 13.55
N VAL D 105 27.99 18.15 14.21
CA VAL D 105 28.19 19.16 15.25
C VAL D 105 29.06 20.26 14.68
N HIS D 106 28.57 21.50 14.82
CA HIS D 106 29.24 22.73 14.37
C HIS D 106 29.65 23.64 15.49
N SER D 107 30.79 24.33 15.27
CA SER D 107 31.28 25.44 16.09
C SER D 107 30.85 26.74 15.40
N GLN D 108 31.08 27.90 16.02
CA GLN D 108 30.72 29.17 15.39
C GLN D 108 31.48 29.33 14.06
N HIS D 109 32.77 28.97 14.02
CA HIS D 109 33.59 28.99 12.80
C HIS D 109 32.87 28.26 11.67
N ASP D 110 32.41 27.02 11.93
CA ASP D 110 31.73 26.12 11.00
C ASP D 110 30.42 26.73 10.47
N LEU D 111 29.65 27.39 11.35
CA LEU D 111 28.40 28.02 10.96
C LEU D 111 28.66 29.22 10.03
N ASP D 112 29.68 30.02 10.34
CA ASP D 112 30.07 31.22 9.56
C ASP D 112 30.62 30.82 8.19
N SER D 113 31.43 29.73 8.15
CA SER D 113 31.97 29.20 6.90
C SER D 113 30.84 28.75 5.99
N TRP D 114 29.81 28.12 6.60
CA TRP D 114 28.65 27.59 5.90
C TRP D 114 27.78 28.76 5.39
N ALA D 115 27.47 29.76 6.23
CA ALA D 115 26.68 30.94 5.85
C ALA D 115 27.40 31.74 4.73
N ASN D 116 28.75 31.78 4.75
CA ASN D 116 29.52 32.45 3.70
C ASN D 116 29.38 31.72 2.35
N LEU D 117 29.43 30.37 2.36
CA LEU D 117 29.27 29.55 1.17
C LEU D 117 27.87 29.73 0.56
N VAL D 118 26.81 29.82 1.38
CA VAL D 118 25.43 30.04 0.93
C VAL D 118 25.34 31.46 0.30
N ALA D 119 25.93 32.48 0.94
CA ALA D 119 25.93 33.86 0.43
C ALA D 119 26.63 33.91 -0.93
N ARG D 120 27.79 33.17 -1.03
CA ARG D 120 28.60 33.04 -2.24
C ARG D 120 27.77 32.47 -3.39
N CYS D 121 26.99 31.40 -3.10
CA CYS D 121 26.10 30.71 -4.03
C CYS D 121 25.01 31.64 -4.52
N LEU D 122 24.28 32.28 -3.59
CA LEU D 122 23.15 33.17 -3.90
C LEU D 122 23.63 34.35 -4.73
N TYR D 123 24.77 34.96 -4.37
CA TYR D 123 25.35 36.10 -5.07
C TYR D 123 25.73 35.68 -6.50
N VAL D 125 24.35 33.57 -8.51
CA VAL D 125 23.22 33.43 -9.45
C VAL D 125 22.46 34.79 -9.57
N GLY D 126 23.05 35.88 -9.07
CA GLY D 126 22.50 37.23 -9.20
C GLY D 126 21.66 37.81 -8.06
N ILE D 127 21.51 37.08 -6.95
CA ILE D 127 20.75 37.56 -5.80
C ILE D 127 21.62 38.60 -5.06
N ARG D 128 20.99 39.70 -4.61
CA ARG D 128 21.66 40.81 -3.92
C ARG D 128 20.94 41.10 -2.59
N LYS D 129 21.49 42.02 -1.80
CA LYS D 129 20.91 42.42 -0.51
C LYS D 129 19.52 43.09 -0.75
N THR D 130 19.27 43.63 -1.97
CA THR D 130 18.03 44.30 -2.35
C THR D 130 16.91 43.29 -2.60
N ASP D 131 17.25 41.97 -2.73
CA ASP D 131 16.26 40.93 -2.98
C ASP D 131 15.49 40.54 -1.73
N VAL D 132 14.23 40.12 -1.93
CA VAL D 132 13.33 39.59 -0.88
C VAL D 132 13.38 38.06 -1.05
N PHE D 133 14.10 37.39 -0.13
CA PHE D 133 14.36 35.96 -0.20
C PHE D 133 13.42 35.16 0.67
N GLN D 134 12.61 34.27 0.06
CA GLN D 134 11.66 33.41 0.79
C GLN D 134 12.19 31.97 0.83
N ASN D 135 12.21 31.40 2.03
CA ASN D 135 12.70 30.05 2.23
C ASN D 135 11.54 29.11 2.58
N SER D 136 11.20 28.21 1.65
CA SER D 136 10.10 27.26 1.83
C SER D 136 10.62 25.88 2.33
N SER D 137 11.90 25.80 2.68
CA SER D 137 12.45 24.60 3.29
C SER D 137 12.02 24.51 4.76
N GLY D 138 11.91 23.29 5.27
CA GLY D 138 11.59 23.03 6.67
C GLY D 138 12.73 23.55 7.53
N TYR D 139 12.41 24.05 8.72
CA TYR D 139 13.40 24.55 9.63
C TYR D 139 13.67 23.43 10.69
N GLY D 140 14.02 23.80 11.92
CA GLY D 140 14.36 22.81 12.92
C GLY D 140 15.68 22.13 12.62
N PHE D 142 16.42 20.26 9.99
CA PHE D 142 16.69 20.30 8.55
C PHE D 142 17.65 21.42 8.23
N THR D 143 18.78 21.09 7.60
CA THR D 143 19.84 22.06 7.28
C THR D 143 19.42 23.15 6.23
N GLY D 144 18.41 22.90 5.40
CA GLY D 144 17.94 23.87 4.42
C GLY D 144 17.28 25.10 5.01
N GLY D 145 16.72 24.97 6.20
CA GLY D 145 16.02 26.04 6.90
C GLY D 145 17.00 27.07 7.44
N LEU D 146 17.77 26.69 8.47
CA LEU D 146 18.77 27.55 9.10
C LEU D 146 19.94 27.87 8.13
N GLY D 147 20.21 26.96 7.18
CA GLY D 147 21.24 27.11 6.16
C GLY D 147 21.07 28.32 5.26
N PHE D 148 19.92 28.40 4.56
CA PHE D 148 19.59 29.54 3.71
C PHE D 148 19.23 30.75 4.55
N GLN D 149 18.66 30.54 5.75
CA GLN D 149 18.32 31.65 6.64
C GLN D 149 19.58 32.49 6.93
N TYR D 150 20.65 31.86 7.46
CA TYR D 150 21.91 32.51 7.82
C TYR D 150 22.64 33.03 6.60
N GLY D 151 22.63 32.24 5.51
CA GLY D 151 23.28 32.61 4.26
C GLY D 151 22.67 33.83 3.61
N ALA D 152 21.31 33.90 3.54
CA ALA D 152 20.60 35.02 2.94
C ALA D 152 20.73 36.27 3.83
N GLU D 153 20.73 36.12 5.17
CA GLU D 153 20.93 37.26 6.07
C GLU D 153 22.36 37.80 5.92
N ARG D 154 23.35 36.89 5.75
CA ARG D 154 24.77 37.24 5.53
C ARG D 154 24.90 38.12 4.29
N LEU D 155 24.19 37.75 3.21
CA LEU D 155 24.15 38.49 1.96
C LEU D 155 23.47 39.84 2.22
N GLY D 156 22.40 39.82 3.02
CA GLY D 156 21.67 41.03 3.38
C GLY D 156 20.27 41.13 2.82
N CYS D 157 19.77 40.02 2.22
CA CYS D 157 18.40 39.92 1.69
C CYS D 157 17.38 40.18 2.77
N LEU D 158 16.19 40.70 2.39
CA LEU D 158 15.04 40.78 3.28
C LEU D 158 14.47 39.38 3.29
N THR D 159 14.76 38.60 4.35
CA THR D 159 14.38 37.19 4.34
C THR D 159 12.96 36.99 4.87
N VAL D 160 12.30 35.95 4.32
CA VAL D 160 10.96 35.53 4.65
C VAL D 160 11.07 34.07 5.12
N PRO D 161 11.23 33.81 6.44
CA PRO D 161 11.37 32.40 6.90
C PRO D 161 10.01 31.66 6.90
N ALA D 162 9.44 31.45 5.72
CA ALA D 162 8.11 30.86 5.55
C ALA D 162 8.05 29.40 6.07
N ALA D 163 9.15 28.65 5.91
CA ALA D 163 9.28 27.22 6.25
C ALA D 163 8.38 26.38 5.30
N ALA D 164 8.22 25.08 5.56
CA ALA D 164 7.50 24.17 4.66
C ALA D 164 5.98 24.37 4.68
N GLY D 165 5.36 24.04 3.55
CA GLY D 165 3.91 24.00 3.36
C GLY D 165 3.14 25.31 3.46
N ASN D 166 1.80 25.14 3.55
CA ASN D 166 0.77 26.17 3.61
C ASN D 166 0.94 27.08 2.39
N SER D 167 0.64 26.52 1.21
CA SER D 167 0.82 27.15 -0.09
C SER D 167 0.08 28.47 -0.19
N LYS D 168 -1.13 28.59 0.40
CA LYS D 168 -1.90 29.85 0.37
C LYS D 168 -1.12 30.96 1.07
N ARG D 169 -0.43 30.65 2.19
CA ARG D 169 0.36 31.60 2.96
C ARG D 169 1.65 31.96 2.19
N GLN D 170 2.25 30.97 1.48
CA GLN D 170 3.45 31.13 0.63
C GLN D 170 3.19 32.17 -0.46
N ILE D 171 2.03 32.05 -1.15
CA ILE D 171 1.57 32.91 -2.24
C ILE D 171 1.26 34.31 -1.66
N LYS D 172 0.66 34.37 -0.46
CA LYS D 172 0.34 35.64 0.22
C LYS D 172 1.63 36.43 0.53
N PHE D 173 2.66 35.76 1.05
CA PHE D 173 3.96 36.36 1.35
C PHE D 173 4.64 36.88 0.07
N ILE D 174 4.59 36.09 -1.03
CA ILE D 174 5.18 36.47 -2.32
C ILE D 174 4.47 37.74 -2.86
N SER D 175 3.14 37.78 -2.78
CA SER D 175 2.34 38.89 -3.29
C SER D 175 2.48 40.16 -2.44
N ASP D 176 2.39 40.03 -1.11
CA ASP D 176 2.41 41.14 -0.16
C ASP D 176 3.82 41.64 0.16
N PHE D 177 4.85 40.76 0.21
CA PHE D 177 6.20 41.21 0.57
C PHE D 177 7.07 41.45 -0.67
N LYS D 178 6.53 41.16 -1.87
CA LYS D 178 7.16 41.31 -3.18
C LYS D 178 8.46 40.50 -3.23
N THR D 179 8.36 39.19 -2.92
CA THR D 179 9.44 38.19 -2.95
C THR D 179 10.03 38.12 -4.36
N THR D 180 11.38 38.11 -4.47
CA THR D 180 12.06 38.08 -5.75
C THR D 180 12.90 36.78 -5.89
N ALA D 181 13.34 36.20 -4.76
CA ALA D 181 14.13 34.97 -4.74
C ALA D 181 13.45 33.92 -3.84
N LEU D 182 13.29 32.68 -4.36
CA LEU D 182 12.59 31.63 -3.63
C LEU D 182 13.38 30.35 -3.61
N HIS D 183 13.51 29.76 -2.41
CA HIS D 183 14.10 28.45 -2.21
C HIS D 183 12.98 27.44 -2.02
N ALA D 184 12.92 26.47 -2.91
CA ALA D 184 11.89 25.41 -2.89
C ALA D 184 12.41 24.16 -3.56
N ILE D 185 11.92 22.99 -3.17
CA ILE D 185 12.26 21.73 -3.86
C ILE D 185 11.52 21.78 -5.23
N PRO D 186 12.08 21.21 -6.33
CA PRO D 186 11.41 21.35 -7.64
C PRO D 186 9.91 21.02 -7.63
N SER D 187 9.47 19.91 -7.00
CA SER D 187 8.06 19.50 -6.97
C SER D 187 7.17 20.51 -6.17
N TYR D 188 7.73 21.17 -5.14
CA TYR D 188 6.95 22.17 -4.41
C TYR D 188 6.84 23.48 -5.22
N ALA D 189 7.89 23.85 -6.00
CA ALA D 189 7.86 24.99 -6.91
C ALA D 189 6.68 24.84 -7.92
N ILE D 190 6.43 23.60 -8.45
CA ILE D 190 5.33 23.30 -9.38
C ILE D 190 3.98 23.47 -8.64
N ARG D 191 3.90 22.92 -7.40
CA ARG D 191 2.71 22.99 -6.54
C ARG D 191 2.32 24.46 -6.30
N LEU D 192 3.29 25.35 -6.01
CA LEU D 192 3.04 26.78 -5.79
C LEU D 192 2.52 27.45 -7.04
N ALA D 193 3.07 27.09 -8.24
CA ALA D 193 2.60 27.62 -9.52
C ALA D 193 1.14 27.32 -9.71
N GLU D 194 0.73 26.06 -9.36
CA GLU D 194 -0.65 25.55 -9.41
C GLU D 194 -1.55 26.29 -8.44
N VAL D 195 -1.07 26.50 -7.19
CA VAL D 195 -1.84 27.18 -6.13
C VAL D 195 -2.01 28.67 -6.51
N PHE D 196 -1.07 29.27 -7.29
CA PHE D 196 -1.24 30.66 -7.78
C PHE D 196 -2.48 30.75 -8.69
N GLN D 197 -2.53 29.88 -9.72
CA GLN D 197 -3.64 29.79 -10.66
C GLN D 197 -4.97 29.54 -9.92
N GLU D 198 -4.96 28.60 -8.93
CA GLU D 198 -6.13 28.26 -8.11
C GLU D 198 -6.67 29.47 -7.35
N GLU D 199 -5.78 30.39 -6.97
CA GLU D 199 -6.14 31.61 -6.24
C GLU D 199 -6.37 32.80 -7.21
N GLY D 200 -6.30 32.54 -8.53
CA GLY D 200 -6.56 33.54 -9.56
C GLY D 200 -5.41 34.47 -9.88
N ILE D 201 -4.15 34.06 -9.58
CA ILE D 201 -2.96 34.84 -9.89
C ILE D 201 -2.22 34.16 -11.06
N ASP D 202 -1.75 34.96 -12.04
CA ASP D 202 -0.94 34.43 -13.14
C ASP D 202 0.44 34.11 -12.54
N PRO D 203 0.88 32.82 -12.49
CA PRO D 203 2.17 32.53 -11.82
C PRO D 203 3.37 33.15 -12.56
N ARG D 204 3.17 33.65 -13.79
CA ARG D 204 4.20 34.31 -14.60
C ARG D 204 4.22 35.83 -14.39
N GLU D 205 3.23 36.39 -13.64
CA GLU D 205 3.16 37.84 -13.45
C GLU D 205 3.38 38.25 -11.98
N THR D 206 4.23 37.51 -11.26
CA THR D 206 4.55 37.84 -9.86
C THR D 206 5.89 38.62 -9.84
N THR D 207 6.36 38.99 -8.64
CA THR D 207 7.61 39.71 -8.41
C THR D 207 8.81 38.73 -8.43
N LEU D 208 8.57 37.42 -8.51
CA LEU D 208 9.62 36.41 -8.53
C LEU D 208 10.53 36.57 -9.73
N LYS D 209 11.85 36.45 -9.48
CA LYS D 209 12.87 36.52 -10.53
C LYS D 209 13.79 35.31 -10.49
N THR D 210 14.14 34.83 -9.28
CA THR D 210 15.10 33.74 -9.13
C THR D 210 14.56 32.63 -8.23
N LEU D 211 14.77 31.37 -8.68
CA LEU D 211 14.44 30.19 -7.91
C LEU D 211 15.68 29.36 -7.68
N VAL D 212 15.80 28.89 -6.47
CA VAL D 212 16.87 28.01 -6.01
C VAL D 212 16.19 26.68 -5.69
N ILE D 213 16.50 25.65 -6.51
CA ILE D 213 15.86 24.34 -6.36
C ILE D 213 16.92 23.26 -6.11
N GLY D 214 16.68 22.43 -5.11
CA GLY D 214 17.57 21.32 -4.78
C GLY D 214 16.85 20.14 -4.18
N ALA D 215 17.58 19.32 -3.40
CA ALA D 215 17.13 18.15 -2.63
C ALA D 215 16.68 16.96 -3.53
N GLU D 216 15.87 17.20 -4.58
CA GLU D 216 15.35 16.14 -5.46
C GLU D 216 16.08 16.02 -6.78
N PRO D 217 16.50 14.80 -7.21
CA PRO D 217 17.01 14.63 -8.58
C PRO D 217 15.95 15.09 -9.58
N HIS D 218 16.36 15.90 -10.56
CA HIS D 218 15.45 16.44 -11.56
C HIS D 218 16.23 16.71 -12.83
N THR D 219 15.56 16.64 -13.98
CA THR D 219 16.16 16.87 -15.30
C THR D 219 16.19 18.35 -15.61
N ASP D 220 17.06 18.75 -16.55
CA ASP D 220 17.15 20.11 -17.02
C ASP D 220 15.79 20.57 -17.59
N GLU D 221 15.07 19.64 -18.26
CA GLU D 221 13.77 19.89 -18.87
C GLU D 221 12.71 20.17 -17.79
N GLN D 222 12.79 19.44 -16.66
CA GLN D 222 11.90 19.63 -15.51
C GLN D 222 12.10 21.06 -14.94
N ARG D 223 13.36 21.53 -14.91
CA ARG D 223 13.73 22.87 -14.45
C ARG D 223 13.20 23.92 -15.42
N ARG D 224 13.29 23.65 -16.76
CA ARG D 224 12.80 24.59 -17.78
C ARG D 224 11.28 24.73 -17.70
N LYS D 225 10.58 23.63 -17.39
CA LYS D 225 9.12 23.63 -17.16
C LYS D 225 8.80 24.59 -15.99
N ILE D 226 9.61 24.54 -14.91
CA ILE D 226 9.47 25.41 -13.72
C ILE D 226 9.72 26.88 -14.14
N GLU D 227 10.79 27.11 -14.92
CA GLU D 227 11.16 28.42 -15.43
C GLU D 227 10.02 29.05 -16.24
N ARG D 228 9.35 28.26 -17.13
CA ARG D 228 8.25 28.70 -17.97
C ARG D 228 6.99 28.98 -17.16
N LEU D 230 6.62 29.88 -13.94
CA LEU D 230 6.73 31.01 -13.01
C LEU D 230 7.45 32.23 -13.62
N ASN D 231 7.95 32.12 -14.87
CA ASN D 231 8.69 33.17 -15.59
C ASN D 231 9.90 33.61 -14.72
N VAL D 232 10.75 32.62 -14.40
CA VAL D 232 11.90 32.81 -13.52
C VAL D 232 13.10 32.10 -14.07
N LYS D 233 14.24 32.35 -13.45
CA LYS D 233 15.50 31.69 -13.70
C LYS D 233 15.72 30.77 -12.53
N ALA D 234 15.76 29.45 -12.76
CA ALA D 234 15.88 28.45 -11.68
C ALA D 234 17.27 27.85 -11.67
N TYR D 235 17.87 27.70 -10.48
CA TYR D 235 19.23 27.22 -10.38
C TYR D 235 19.33 26.03 -9.46
N ASN D 236 20.13 25.04 -9.91
CA ASN D 236 20.32 23.78 -9.20
C ASN D 236 21.25 24.04 -8.02
N SER D 237 20.77 23.61 -6.83
CA SER D 237 21.41 23.74 -5.53
C SER D 237 21.72 22.38 -4.93
N PHE D 238 23.00 22.11 -4.70
CA PHE D 238 23.38 20.82 -4.13
C PHE D 238 23.83 20.99 -2.70
N GLY D 239 23.39 20.06 -1.88
CA GLY D 239 23.76 20.05 -0.48
C GLY D 239 23.42 18.77 0.24
N THR D 241 23.55 17.35 4.63
CA THR D 241 23.76 17.63 6.04
C THR D 241 25.24 17.39 6.40
N GLU D 242 25.82 16.25 5.94
CA GLU D 242 27.21 15.87 6.25
C GLU D 242 28.22 16.92 5.81
N ASN D 244 27.38 20.23 5.55
CA ASN D 244 26.79 21.43 6.19
C ASN D 244 25.29 21.47 5.95
N GLY D 245 24.93 21.29 4.68
CA GLY D 245 23.58 21.34 4.13
C GLY D 245 23.71 22.07 2.80
N PRO D 246 23.00 23.22 2.61
CA PRO D 246 23.15 23.98 1.34
C PRO D 246 24.49 24.70 1.24
N GLY D 247 24.84 25.13 0.01
CA GLY D 247 26.07 25.87 -0.27
C GLY D 247 27.29 25.04 -0.68
N VAL D 248 27.13 23.73 -0.86
CA VAL D 248 28.19 22.79 -1.22
C VAL D 248 28.56 22.92 -2.74
N ALA D 249 27.58 22.78 -3.61
CA ALA D 249 27.73 22.91 -5.07
C ALA D 249 26.51 23.67 -5.63
N PHE D 250 26.72 24.48 -6.66
CA PHE D 250 25.66 25.32 -7.18
C PHE D 250 25.92 25.74 -8.61
N GLU D 251 24.86 25.84 -9.42
CA GLU D 251 25.01 26.30 -10.78
C GLU D 251 25.38 27.76 -10.83
N CYS D 252 26.09 28.18 -11.89
CA CYS D 252 26.37 29.58 -12.11
C CYS D 252 25.28 30.10 -13.06
N GLN D 253 25.41 31.32 -13.60
CA GLN D 253 24.37 31.83 -14.48
C GLN D 253 24.44 31.13 -15.86
N GLU D 254 25.48 30.29 -16.12
CA GLU D 254 25.60 29.49 -17.35
C GLU D 254 24.60 28.33 -17.34
N GLN D 255 24.14 27.91 -16.13
CA GLN D 255 23.19 26.81 -15.91
C GLN D 255 23.70 25.55 -16.60
N ASN D 256 25.00 25.25 -16.40
CA ASN D 256 25.64 24.09 -17.03
C ASN D 256 26.73 23.57 -16.09
N GLY D 257 26.29 22.73 -15.17
CA GLY D 257 27.14 22.12 -14.16
C GLY D 257 27.11 22.93 -12.88
N HIS D 259 29.13 24.32 -9.79
CA HIS D 259 30.43 24.67 -9.24
C HIS D 259 30.54 24.17 -7.80
N PHE D 260 31.56 23.35 -7.53
CA PHE D 260 31.85 22.81 -6.22
C PHE D 260 32.88 23.70 -5.57
N TRP D 261 32.66 24.19 -4.32
CA TRP D 261 33.62 25.11 -3.73
C TRP D 261 34.78 24.33 -3.14
N GLU D 262 35.82 24.21 -3.96
CA GLU D 262 37.03 23.44 -3.69
C GLU D 262 37.92 24.04 -2.60
N ASP D 263 37.64 25.26 -2.14
CA ASP D 263 38.38 25.83 -1.00
C ASP D 263 37.86 25.20 0.31
N CYS D 264 36.61 24.64 0.29
CA CYS D 264 35.98 24.06 1.48
C CYS D 264 35.70 22.56 1.31
N TYR D 265 35.90 22.02 0.11
CA TYR D 265 35.67 20.59 -0.15
C TYR D 265 36.70 20.01 -1.11
N LEU D 266 37.18 18.78 -0.83
CA LEU D 266 38.02 18.02 -1.74
C LEU D 266 37.09 16.98 -2.39
N VAL D 267 36.93 17.06 -3.70
CA VAL D 267 36.02 16.19 -4.45
C VAL D 267 36.76 15.04 -5.11
N GLU D 268 36.22 13.82 -4.93
CA GLU D 268 36.66 12.60 -5.60
C GLU D 268 35.47 11.91 -6.24
N ILE D 269 35.68 11.32 -7.43
CA ILE D 269 34.71 10.50 -8.14
C ILE D 269 35.36 9.10 -8.19
N ILE D 270 34.82 8.19 -7.40
CA ILE D 270 35.32 6.84 -7.17
C ILE D 270 34.38 5.78 -7.79
N ASP D 271 34.95 4.68 -8.29
CA ASP D 271 34.21 3.55 -8.84
C ASP D 271 33.59 2.78 -7.65
N PRO D 272 32.25 2.58 -7.58
CA PRO D 272 31.66 1.93 -6.40
C PRO D 272 32.12 0.49 -6.18
N GLU D 273 32.60 -0.19 -7.22
CA GLU D 273 33.04 -1.58 -7.12
C GLU D 273 34.50 -1.64 -6.65
N THR D 274 35.44 -1.10 -7.46
CA THR D 274 36.89 -1.13 -7.18
C THR D 274 37.32 -0.25 -5.98
N GLY D 275 36.65 0.89 -5.76
CA GLY D 275 37.02 1.84 -4.71
C GLY D 275 38.16 2.73 -5.17
N GLU D 276 38.42 2.76 -6.49
CA GLU D 276 39.46 3.52 -7.16
C GLU D 276 38.88 4.73 -7.90
N PRO D 277 39.67 5.83 -8.12
CA PRO D 277 39.14 6.96 -8.89
C PRO D 277 38.74 6.56 -10.30
N VAL D 278 37.65 7.16 -10.79
CA VAL D 278 37.17 6.83 -12.12
C VAL D 278 38.05 7.55 -13.19
N PRO D 279 38.11 7.06 -14.46
CA PRO D 279 38.83 7.84 -15.49
C PRO D 279 38.19 9.23 -15.60
N GLU D 280 39.03 10.27 -15.74
CA GLU D 280 38.65 11.69 -15.75
C GLU D 280 37.37 11.94 -16.61
N GLY D 281 36.30 12.37 -15.93
CA GLY D 281 35.02 12.69 -16.55
C GLY D 281 33.93 11.63 -16.61
N GLU D 282 34.22 10.42 -16.07
CA GLU D 282 33.28 9.29 -16.00
C GLU D 282 32.37 9.39 -14.78
N ILE D 283 31.20 8.72 -14.82
CA ILE D 283 30.25 8.68 -13.71
C ILE D 283 30.80 7.74 -12.64
N GLY D 284 30.67 8.14 -11.39
CA GLY D 284 31.07 7.36 -10.23
C GLY D 284 30.45 7.92 -8.98
N GLU D 285 30.82 7.35 -7.82
CA GLU D 285 30.30 7.86 -6.56
C GLU D 285 31.04 9.16 -6.17
N LEU D 286 30.28 10.14 -5.71
CA LEU D 286 30.80 11.39 -5.18
C LEU D 286 31.37 11.09 -3.75
N VAL D 287 32.68 11.26 -3.52
CA VAL D 287 33.37 11.02 -2.24
C VAL D 287 33.95 12.38 -1.83
N LEU D 288 33.60 12.86 -0.62
CA LEU D 288 33.93 14.23 -0.21
C LEU D 288 34.64 14.33 1.13
N THR D 289 35.52 15.34 1.22
CA THR D 289 36.31 15.69 2.41
C THR D 289 36.10 17.16 2.72
N THR D 290 35.77 17.48 3.97
CA THR D 290 35.62 18.87 4.40
C THR D 290 37.01 19.49 4.55
N LEU D 291 37.15 20.76 4.17
CA LEU D 291 38.46 21.42 4.27
C LEU D 291 38.40 22.64 5.19
N ASP D 292 37.18 23.11 5.59
CA ASP D 292 37.07 24.30 6.44
C ASP D 292 36.22 24.01 7.70
N ARG D 293 35.96 22.73 7.98
CA ARG D 293 35.19 22.33 9.17
C ARG D 293 36.14 21.95 10.31
N GLU D 294 35.86 22.45 11.51
CA GLU D 294 36.75 22.26 12.65
C GLU D 294 36.17 21.38 13.77
N PRO D 297 35.17 17.49 11.33
CA PRO D 297 35.48 17.30 9.91
C PRO D 297 35.18 15.86 9.45
N LEU D 298 34.86 15.69 8.16
CA LEU D 298 34.58 14.39 7.53
C LEU D 298 35.58 14.16 6.43
N ILE D 299 36.22 12.99 6.43
CA ILE D 299 37.26 12.64 5.50
C ILE D 299 36.78 11.48 4.62
N ARG D 300 36.87 11.69 3.28
CA ARG D 300 36.54 10.75 2.22
C ARG D 300 35.18 10.08 2.50
N TYR D 301 34.16 10.90 2.72
CA TYR D 301 32.81 10.43 3.02
C TYR D 301 32.13 9.97 1.73
N ARG D 302 31.70 8.69 1.72
CA ARG D 302 30.98 8.05 0.61
C ARG D 302 29.52 8.49 0.63
N THR D 303 29.18 9.47 -0.22
CA THR D 303 27.84 10.09 -0.27
C THR D 303 26.71 9.18 -0.76
N ARG D 304 27.02 8.16 -1.57
CA ARG D 304 26.08 7.25 -2.24
C ARG D 304 25.46 7.98 -3.49
N ASP D 305 25.84 9.27 -3.74
CA ASP D 305 25.44 10.04 -4.91
C ASP D 305 26.32 9.72 -6.08
N LEU D 306 25.69 9.61 -7.26
CA LEU D 306 26.38 9.30 -8.51
C LEU D 306 26.34 10.51 -9.43
N THR D 307 27.54 10.96 -9.84
CA THR D 307 27.74 12.10 -10.75
C THR D 307 29.13 11.97 -11.42
N ARG D 308 29.49 12.98 -12.20
CA ARG D 308 30.77 13.08 -12.91
C ARG D 308 31.25 14.54 -12.88
N ILE D 309 32.55 14.75 -13.12
CA ILE D 309 33.14 16.07 -13.19
C ILE D 309 33.07 16.52 -14.65
N LEU D 310 32.39 17.65 -14.92
CA LEU D 310 32.27 18.22 -16.26
C LEU D 310 33.60 18.78 -16.68
N PRO D 311 34.09 18.45 -17.89
CA PRO D 311 35.43 18.93 -18.28
C PRO D 311 35.40 20.32 -18.90
N GLY D 312 36.57 20.95 -18.83
CA GLY D 312 36.82 22.27 -19.37
C GLY D 312 36.47 23.39 -18.41
N LYS D 313 37.06 24.56 -18.64
CA LYS D 313 36.79 25.73 -17.84
C LYS D 313 35.40 26.29 -18.20
N CYS D 314 34.81 27.02 -17.26
CA CYS D 314 33.49 27.58 -17.46
C CYS D 314 33.57 29.02 -17.97
N PRO D 315 32.65 29.41 -18.90
CA PRO D 315 32.63 30.82 -19.36
C PRO D 315 32.38 31.87 -18.26
N CYS D 316 31.93 31.50 -17.01
CA CYS D 316 31.72 32.50 -15.95
C CYS D 316 33.09 32.94 -15.35
N GLY D 317 34.14 32.20 -15.68
CA GLY D 317 35.50 32.49 -15.24
C GLY D 317 35.90 31.85 -13.94
N ARG D 318 34.96 31.17 -13.28
CA ARG D 318 35.28 30.49 -12.02
C ARG D 318 36.10 29.23 -12.33
N THR D 319 37.14 29.01 -11.50
CA THR D 319 38.12 27.94 -11.66
C THR D 319 37.74 26.70 -10.85
N HIS D 320 36.68 26.76 -10.06
CA HIS D 320 36.19 25.63 -9.26
C HIS D 320 35.46 24.65 -10.15
N LEU D 321 35.80 23.35 -10.05
CA LEU D 321 35.22 22.25 -10.86
C LEU D 321 33.68 22.24 -10.79
N ARG D 322 33.06 21.73 -11.84
CA ARG D 322 31.64 21.58 -12.01
C ARG D 322 31.27 20.11 -12.04
N ILE D 323 30.23 19.75 -11.28
CA ILE D 323 29.71 18.40 -11.28
C ILE D 323 28.42 18.40 -12.07
N ASP D 324 28.15 17.28 -12.72
CA ASP D 324 26.90 17.13 -13.45
C ASP D 324 25.75 16.88 -12.43
N ARG D 325 24.50 16.87 -12.92
CA ARG D 325 23.32 16.55 -12.11
C ARG D 325 23.46 15.23 -11.39
N ILE D 326 22.85 15.10 -10.20
CA ILE D 326 22.93 13.82 -9.52
C ILE D 326 21.94 12.86 -10.23
N LYS D 327 22.52 11.79 -10.81
CA LYS D 327 21.87 10.66 -11.52
C LYS D 327 20.83 9.98 -10.58
N GLY D 328 21.00 10.25 -9.30
CA GLY D 328 20.22 9.73 -8.20
C GLY D 328 21.17 9.10 -7.20
N ARG D 329 20.67 8.82 -6.00
CA ARG D 329 21.46 8.14 -4.98
C ARG D 329 21.54 6.64 -5.33
N SER D 330 22.49 5.91 -4.73
CA SER D 330 22.66 4.48 -5.01
C SER D 330 21.47 3.67 -4.47
N ASP D 331 20.80 4.19 -3.42
CA ASP D 331 19.69 3.54 -2.75
C ASP D 331 18.37 3.73 -3.53
N ASP D 332 18.21 4.84 -4.30
CA ASP D 332 17.05 5.10 -5.15
C ASP D 332 16.87 4.03 -6.24
N PHE D 334 16.45 0.52 -8.18
CA PHE D 334 15.55 -0.60 -7.95
C PHE D 334 15.80 -1.68 -8.99
N ILE D 335 15.78 -2.96 -8.55
CA ILE D 335 16.01 -4.11 -9.40
C ILE D 335 14.66 -4.76 -9.72
N ILE D 336 14.34 -4.86 -11.01
CA ILE D 336 13.12 -5.52 -11.49
C ILE D 336 13.58 -6.48 -12.62
N LYS D 337 13.15 -7.76 -12.56
CA LYS D 337 13.50 -8.83 -13.52
C LYS D 337 15.04 -8.97 -13.68
N GLY D 338 15.77 -8.76 -12.58
CA GLY D 338 17.22 -8.83 -12.53
C GLY D 338 17.98 -7.64 -13.14
N VAL D 339 17.24 -6.61 -13.62
CA VAL D 339 17.79 -5.41 -14.27
C VAL D 339 17.76 -4.22 -13.30
N ASN D 340 18.87 -3.47 -13.26
CA ASN D 340 19.03 -2.27 -12.44
C ASN D 340 18.51 -1.02 -13.15
N ILE D 341 17.60 -0.28 -12.49
CA ILE D 341 16.99 0.91 -13.07
C ILE D 341 16.98 2.05 -12.04
N PHE D 342 17.29 3.26 -12.52
CA PHE D 342 17.24 4.50 -11.75
C PHE D 342 16.01 5.31 -12.13
N PRO D 343 15.27 5.87 -11.15
CA PRO D 343 14.08 6.67 -11.49
C PRO D 343 14.35 7.82 -12.51
N GLN D 345 16.12 7.71 -15.22
CA GLN D 345 16.08 7.14 -16.58
C GLN D 345 14.66 7.21 -17.15
N VAL D 346 13.66 7.07 -16.26
CA VAL D 346 12.24 7.13 -16.56
C VAL D 346 11.82 8.59 -16.76
N GLU D 347 12.23 9.48 -15.83
CA GLU D 347 11.91 10.91 -15.87
C GLU D 347 12.46 11.56 -17.15
N LYS D 348 13.74 11.30 -17.52
CA LYS D 348 14.41 11.87 -18.70
C LYS D 348 13.68 11.51 -20.01
N ILE D 349 12.94 10.38 -20.04
CA ILE D 349 12.16 9.97 -21.20
C ILE D 349 10.82 10.73 -21.20
N LEU D 350 10.09 10.70 -20.07
CA LEU D 350 8.78 11.34 -19.89
C LEU D 350 8.79 12.86 -20.17
N VAL D 351 9.82 13.60 -19.72
CA VAL D 351 9.91 15.06 -19.87
C VAL D 351 9.93 15.49 -21.35
N GLN D 352 10.33 14.58 -22.27
CA GLN D 352 10.42 14.82 -23.71
C GLN D 352 9.02 14.98 -24.36
N PHE D 353 7.96 14.45 -23.71
CA PHE D 353 6.57 14.47 -24.20
C PHE D 353 5.80 15.68 -23.60
N PRO D 354 5.48 16.71 -24.42
CA PRO D 354 4.78 17.89 -23.89
C PRO D 354 3.29 17.65 -23.55
N GLU D 355 2.74 16.48 -23.90
CA GLU D 355 1.35 16.12 -23.59
C GLU D 355 1.21 15.64 -22.15
N LEU D 356 2.34 15.41 -21.47
CA LEU D 356 2.39 14.90 -20.10
C LEU D 356 2.67 16.00 -19.09
N GLY D 357 2.23 15.75 -17.85
CA GLY D 357 2.45 16.63 -16.71
C GLY D 357 3.77 16.29 -16.04
N SER D 358 4.09 17.00 -14.96
CA SER D 358 5.35 16.82 -14.23
C SER D 358 5.26 15.73 -13.14
N ASN D 359 4.05 15.32 -12.71
CA ASN D 359 3.90 14.32 -11.66
C ASN D 359 3.74 12.93 -12.27
N TYR D 360 4.57 11.98 -11.78
CA TYR D 360 4.61 10.59 -12.18
C TYR D 360 4.92 9.69 -10.98
N LEU D 361 4.52 8.40 -11.05
CA LEU D 361 4.78 7.41 -9.99
C LEU D 361 5.12 6.04 -10.60
N ILE D 362 6.22 5.43 -10.13
CA ILE D 362 6.68 4.09 -10.51
C ILE D 362 6.25 3.14 -9.41
N THR D 363 5.41 2.14 -9.74
CA THR D 363 4.92 1.15 -8.79
C THR D 363 5.48 -0.22 -9.18
N LEU D 364 6.05 -0.94 -8.19
CA LEU D 364 6.64 -2.25 -8.39
C LEU D 364 5.81 -3.28 -7.63
N GLU D 365 5.20 -4.22 -8.37
CA GLU D 365 4.31 -5.24 -7.80
C GLU D 365 4.67 -6.66 -8.24
N THR D 366 4.18 -7.66 -7.50
CA THR D 366 4.34 -9.09 -7.80
C THR D 366 2.98 -9.65 -8.18
N ASN D 369 3.00 -13.77 -9.36
CA ASN D 369 4.04 -14.78 -9.47
C ASN D 369 5.36 -14.21 -10.03
N GLN D 370 5.25 -13.10 -10.81
CA GLN D 370 6.34 -12.40 -11.47
C GLN D 370 6.29 -10.91 -11.14
N ASP D 371 7.42 -10.19 -11.30
CA ASP D 371 7.48 -8.76 -11.01
C ASP D 371 7.04 -7.92 -12.20
N GLU D 372 6.30 -6.83 -11.90
CA GLU D 372 5.77 -5.87 -12.85
C GLU D 372 6.06 -4.45 -12.40
N ILE D 374 4.95 -0.52 -13.10
CA ILE D 374 3.88 0.35 -13.57
C ILE D 374 4.38 1.79 -13.49
N VAL D 375 4.31 2.52 -14.60
CA VAL D 375 4.72 3.93 -14.70
C VAL D 375 3.45 4.80 -14.96
N GLU D 376 2.85 5.36 -13.89
CA GLU D 376 1.71 6.29 -13.96
C GLU D 376 2.22 7.69 -14.16
N VAL D 377 1.66 8.44 -15.12
CA VAL D 377 2.09 9.81 -15.37
C VAL D 377 0.84 10.63 -15.70
N GLU D 378 0.71 11.80 -15.05
CA GLU D 378 -0.42 12.69 -15.22
C GLU D 378 -0.43 13.34 -16.60
N LEU D 379 -1.65 13.63 -17.08
CA LEU D 379 -1.88 14.31 -18.35
C LEU D 379 -1.76 15.82 -18.17
N SER D 380 -1.24 16.50 -19.19
CA SER D 380 -1.15 17.96 -19.20
C SER D 380 -2.47 18.57 -19.69
N ASP D 381 -2.82 19.78 -19.20
CA ASP D 381 -4.05 20.48 -19.61
C ASP D 381 -4.01 20.86 -21.10
N LEU D 382 -2.81 21.25 -21.60
CA LEU D 382 -2.56 21.68 -22.97
C LEU D 382 -2.78 20.57 -24.02
N SER D 383 -2.69 19.28 -23.61
CA SER D 383 -2.85 18.09 -24.47
C SER D 383 -4.18 18.09 -25.25
N THR D 384 -4.14 17.55 -26.48
CA THR D 384 -5.31 17.42 -27.36
C THR D 384 -6.13 16.21 -26.90
N ASP D 385 -7.40 16.45 -26.51
CA ASP D 385 -8.34 15.45 -25.99
C ASP D 385 -8.77 14.46 -27.08
N ASN D 386 -7.80 13.72 -27.64
CA ASN D 386 -8.08 12.72 -28.66
C ASN D 386 -7.50 11.39 -28.22
N TYR D 387 -8.38 10.40 -27.98
CA TYR D 387 -8.02 9.06 -27.53
C TYR D 387 -6.91 8.44 -28.41
N ILE D 388 -7.17 8.26 -29.73
CA ILE D 388 -6.29 7.63 -30.72
C ILE D 388 -4.88 8.23 -30.68
N GLU D 389 -4.76 9.58 -30.66
CA GLU D 389 -3.47 10.27 -30.65
C GLU D 389 -2.79 10.15 -29.30
N LEU D 390 -3.56 10.19 -28.19
CA LEU D 390 -2.99 10.02 -26.84
C LEU D 390 -2.53 8.59 -26.59
N GLU D 391 -3.26 7.59 -27.13
CA GLU D 391 -2.95 6.17 -26.98
C GLU D 391 -1.68 5.83 -27.79
N LYS D 392 -1.49 6.52 -28.94
CA LYS D 392 -0.30 6.38 -29.79
C LYS D 392 0.93 6.96 -29.05
N ILE D 393 0.73 8.05 -28.25
CA ILE D 393 1.77 8.69 -27.43
C ILE D 393 2.15 7.72 -26.31
N ARG D 394 1.16 7.06 -25.68
CA ARG D 394 1.32 6.09 -24.60
C ARG D 394 2.22 4.92 -25.06
N ARG D 395 2.02 4.45 -26.32
CA ARG D 395 2.79 3.35 -26.91
C ARG D 395 4.23 3.80 -27.22
N ASP D 396 4.40 5.07 -27.63
CA ASP D 396 5.70 5.69 -27.92
C ASP D 396 6.51 5.84 -26.61
N ILE D 397 5.83 6.11 -25.48
CA ILE D 397 6.41 6.23 -24.13
C ILE D 397 6.96 4.84 -23.72
N ILE D 398 6.14 3.77 -23.83
CA ILE D 398 6.51 2.38 -23.50
C ILE D 398 7.78 2.00 -24.28
N ARG D 399 7.77 2.24 -25.62
CA ARG D 399 8.84 1.91 -26.56
C ARG D 399 10.16 2.59 -26.17
N GLN D 400 10.14 3.93 -25.98
CA GLN D 400 11.32 4.72 -25.60
C GLN D 400 11.84 4.31 -24.21
N LEU D 401 10.93 3.89 -23.29
CA LEU D 401 11.28 3.39 -21.95
C LEU D 401 11.99 2.05 -22.06
N LYS D 402 11.37 1.12 -22.81
CA LYS D 402 11.88 -0.23 -23.06
C LYS D 402 13.32 -0.17 -23.56
N ASP D 403 13.60 0.72 -24.55
CA ASP D 403 14.92 0.90 -25.12
C ASP D 403 15.94 1.43 -24.08
N GLU D 404 15.51 2.38 -23.23
CA GLU D 404 16.36 3.03 -22.21
C GLU D 404 16.65 2.15 -20.99
N ILE D 405 15.62 1.58 -20.36
CA ILE D 405 15.79 0.86 -19.09
C ILE D 405 15.93 -0.67 -19.31
N LEU D 406 15.77 -1.14 -20.56
CA LEU D 406 15.97 -2.53 -21.03
C LEU D 406 14.97 -3.53 -20.38
N VAL D 407 13.80 -3.03 -19.93
CA VAL D 407 12.66 -3.81 -19.41
C VAL D 407 11.42 -3.13 -19.97
N THR D 408 10.38 -3.91 -20.30
CA THR D 408 9.13 -3.36 -20.83
C THR D 408 8.20 -3.03 -19.66
N PRO D 409 7.95 -1.73 -19.39
CA PRO D 409 7.03 -1.37 -18.29
C PRO D 409 5.60 -1.19 -18.75
N LYS D 410 4.66 -1.19 -17.80
CA LYS D 410 3.27 -0.87 -18.07
C LYS D 410 3.11 0.64 -17.85
N VAL D 411 2.63 1.39 -18.84
CA VAL D 411 2.48 2.86 -18.73
C VAL D 411 1.00 3.21 -18.73
N LYS D 412 0.57 4.01 -17.74
CA LYS D 412 -0.82 4.46 -17.62
C LYS D 412 -0.88 5.99 -17.54
N LEU D 413 -1.63 6.60 -18.45
CA LEU D 413 -1.85 8.05 -18.46
C LEU D 413 -2.98 8.34 -17.49
N VAL D 414 -2.70 9.07 -16.40
CA VAL D 414 -3.71 9.34 -15.36
C VAL D 414 -4.14 10.83 -15.37
N LYS D 415 -5.26 11.14 -14.69
CA LYS D 415 -5.83 12.50 -14.57
C LYS D 415 -4.87 13.45 -13.82
N LYS D 416 -4.81 14.73 -14.25
CA LYS D 416 -4.00 15.75 -13.60
C LYS D 416 -4.51 15.94 -12.17
N GLY D 417 -3.60 15.81 -11.21
CA GLY D 417 -3.89 15.93 -9.79
C GLY D 417 -4.30 14.64 -9.09
N SER D 418 -4.49 13.54 -9.86
CA SER D 418 -4.90 12.22 -9.33
C SER D 418 -3.80 11.61 -8.48
N LEU D 419 -2.52 11.80 -8.90
CA LEU D 419 -1.37 11.27 -8.18
C LEU D 419 -1.11 12.13 -6.94
N PRO D 420 -0.74 11.49 -5.81
CA PRO D 420 -0.50 12.26 -4.58
C PRO D 420 0.78 13.12 -4.64
N GLN D 421 0.78 14.21 -3.85
CA GLN D 421 1.90 15.13 -3.72
C GLN D 421 2.50 14.95 -2.32
N SER D 422 3.83 14.77 -2.24
CA SER D 422 4.52 14.53 -0.98
C SER D 422 4.72 15.81 -0.17
N GLU D 423 4.84 15.66 1.17
CA GLU D 423 5.11 16.77 2.09
C GLU D 423 6.54 17.30 1.87
N GLY D 424 7.49 16.37 1.65
CA GLY D 424 8.88 16.71 1.38
C GLY D 424 9.28 16.23 0.00
N LYS D 425 10.51 15.65 -0.11
CA LYS D 425 11.04 15.09 -1.37
CA LYS D 425 11.05 15.09 -1.36
C LYS D 425 10.00 14.15 -1.96
N ALA D 426 9.69 14.33 -3.26
CA ALA D 426 8.69 13.49 -3.93
C ALA D 426 9.14 12.05 -3.98
N VAL D 427 8.21 11.12 -3.74
CA VAL D 427 8.44 9.69 -3.76
C VAL D 427 8.04 9.23 -5.17
N ARG D 428 9.04 8.87 -5.99
CA ARG D 428 8.82 8.48 -7.38
C ARG D 428 8.67 6.95 -7.53
N VAL D 429 9.08 6.17 -6.50
CA VAL D 429 9.00 4.70 -6.54
C VAL D 429 8.23 4.17 -5.31
N LYS D 430 7.21 3.33 -5.59
CA LYS D 430 6.38 2.64 -4.62
C LYS D 430 6.61 1.14 -4.83
N ASP D 431 7.41 0.51 -3.95
CA ASP D 431 7.72 -0.92 -4.07
C ASP D 431 6.77 -1.73 -3.17
N LEU D 432 5.76 -2.35 -3.80
CA LEU D 432 4.71 -3.14 -3.15
C LEU D 432 5.00 -4.66 -3.19
N ARG D 433 6.28 -5.03 -3.43
CA ARG D 433 6.71 -6.44 -3.47
C ARG D 433 7.04 -6.92 -2.07
N ASP D 434 6.84 -8.24 -1.80
CA ASP D 434 7.08 -8.87 -0.50
C ASP D 434 8.60 -8.98 -0.24
N ASN D 435 9.21 -7.84 0.12
CA ASN D 435 10.64 -7.71 0.40
C ASN D 435 10.89 -6.70 1.52
#